data_9G01
#
_entry.id   9G01
#
_cell.length_a   1.00
_cell.length_b   1.00
_cell.length_c   1.00
_cell.angle_alpha   90.00
_cell.angle_beta   90.00
_cell.angle_gamma   90.00
#
_symmetry.space_group_name_H-M   'P 1'
#
loop_
_entity.id
_entity.type
_entity.pdbx_description
1 polymer 'CO-methylating acetyl-CoA synthase'
2 polymer 'Carbon monoxide dehydrogenase/acetyl-CoA synthase beta subunit'
3 non-polymer 'IRON/SULFUR CLUSTER'
4 non-polymer 'Fe(3)-Ni(1)-S(4) cluster'
5 non-polymer 'NICKEL (II) ION'
6 non-polymer 'CARBON MONOXIDE'
#
loop_
_entity_poly.entity_id
_entity_poly.type
_entity_poly.pdbx_seq_one_letter_code
_entity_poly.pdbx_strand_id
1 'polypeptide(L)'
;MNLFQTVFTGSKQALAAAEGIVKQAVDEKGRDYKVAFPDTAYSLPVIFAATGKKITNVGELEGALDIVRSLIVEEEMLDK
LLNSGLATAVAAEIIEAAKYVLSDAPYAEPCVGFISDPIIRSLGVPLVTGDIPGVAVILGECPDSETAAKIIKDYQSKGL
LTCLVGKVIDQAIEGKVKMGLDLRVIPLGYDVTSVIHVVTIAIRAALIFGGIKGGQLNDILKYTAERVPAFVNAFGPLSE
LVVSAGAGAIALGFPVLTDQVVPEVPTLLLTQKDYDKMVKTSLEARNIKIKITEIPIPVSFAAAFEGERIRKNDMLAEFG
GNKTKAWELVMCADQGEVEDHKIEVIGPDIDTIDKAPGRMPLGMLIKVSGTNMQKDFEPVLERRLHYFLNYIEGVMHVGQ
RNLTWVRIGKEAFEKGFRLKHFGEVIYAKMLDEFGSVVDKCEVTIITDPGKAEELEGKYAVPRYKERDARLESLVDEKVD
TFYSCNLCQSFAPAHVCIVTPERLGLCGAVSWLDAKATLELNPTGPCQAVPKEGVVDENLGIWEKVNETVSKISQGAVTS
VTLYSILQDPMTSCGCFECITGIMPEANGVVMVNREFGATTPLGMTFGELASMTGGGVQTPGFMGHGRQFIASKKFMKGE
GGLGRIVWMPKELKDFVAEKLNKTAKELYNIDNFADMICDETIATESEEVVKFLEEKGHPALKMDPIM
;
A,D
2 'polypeptide(L)'
;EEKAKSIDQATLQLLDKAKQDGVETVWDRKADMKVQCGFGSAGVCCRNCSMGPCRVSPVPGKGVERGICGATADVIVSRN
FARMVAAGTAAHSDHGRSIALSLYHTSKDGDIKVKDENKLKEVAKSFNVETEGRDIYDIAHDVAKEGLSNYGKQLGEVTL
PPSLPEKRKELWRKLGVYPRAVDREIAAVMHSTHIGCNADAEAMIKMSMRCSLTDGWMGSFMGTEFSDIMFGTPHSIDTE
ANLGVLEKNSVNVVLHGHEPLLSEMVVEAASDPELVELAKSVGADGINLCGMCCTGNEVSMRHGIKIAGNFMQQELAVVT
GAVDGLIVDVQCIMPALAKLSKSYHTKFITTSPKAHITDSIYMEFDEENPLDSAKKILKEAILNFKNRDQSKVMIPELKC
KAILGYSVEEIINKLDKVVNTQIGPMQTVKPLADVLVSGVLRGAAAVVGCNNPKVVQDSAHIETIKGLIKNDVIVVVTGC
AAQAAAKYGLLQKEAAEKYAGPGLATVCKLVDIPPVLHMGSCVDISRILDLVGRVANLLGVDMSDLPVAGVAPEWMSEKA
VAIGTYVVTSGIDTWLGVAPPVTGGPEVVDILTNKMEDWVGAKFFIETDPHKAVEQIVNRMNEKRKKLGI
;
B,C
#
# COMPACT_ATOMS: atom_id res chain seq x y z
N MET A 1 -0.72 -62.77 -10.71
CA MET A 1 -0.57 -63.70 -9.57
C MET A 1 0.75 -63.42 -8.85
N ASN A 2 0.65 -63.01 -7.58
CA ASN A 2 1.82 -62.66 -6.80
C ASN A 2 2.48 -63.93 -6.26
N LEU A 3 3.56 -63.75 -5.49
CA LEU A 3 4.33 -64.87 -4.97
C LEU A 3 3.49 -65.78 -4.07
N PHE A 4 2.73 -65.18 -3.15
CA PHE A 4 1.92 -65.96 -2.23
C PHE A 4 0.88 -66.77 -2.98
N GLN A 5 0.22 -66.14 -3.94
CA GLN A 5 -0.81 -66.84 -4.70
C GLN A 5 -0.19 -67.93 -5.57
N THR A 6 0.99 -67.69 -6.13
CA THR A 6 1.67 -68.73 -6.90
C THR A 6 1.98 -69.94 -6.01
N VAL A 7 2.51 -69.70 -4.80
CA VAL A 7 2.84 -70.80 -3.91
C VAL A 7 1.59 -71.56 -3.48
N PHE A 8 0.51 -70.84 -3.15
CA PHE A 8 -0.73 -71.49 -2.76
C PHE A 8 -1.30 -72.33 -3.90
N THR A 9 -1.27 -71.80 -5.13
CA THR A 9 -1.74 -72.57 -6.27
C THR A 9 -0.91 -73.82 -6.50
N GLY A 10 0.40 -73.70 -6.37
CA GLY A 10 1.27 -74.86 -6.49
C GLY A 10 0.99 -75.91 -5.44
N SER A 11 0.78 -75.48 -4.19
CA SER A 11 0.49 -76.42 -3.11
C SER A 11 -0.84 -77.13 -3.35
N LYS A 12 -1.84 -76.40 -3.84
CA LYS A 12 -3.12 -77.03 -4.14
C LYS A 12 -3.00 -78.05 -5.27
N GLN A 13 -2.20 -77.72 -6.30
CA GLN A 13 -1.97 -78.69 -7.38
C GLN A 13 -1.25 -79.93 -6.86
N ALA A 14 -0.26 -79.74 -5.99
CA ALA A 14 0.43 -80.88 -5.40
C ALA A 14 -0.54 -81.73 -4.58
N LEU A 15 -1.42 -81.08 -3.83
CA LEU A 15 -2.41 -81.81 -3.05
C LEU A 15 -3.36 -82.59 -3.96
N ALA A 16 -3.77 -81.99 -5.08
CA ALA A 16 -4.66 -82.69 -6.01
C ALA A 16 -3.97 -83.91 -6.61
N ALA A 17 -2.70 -83.76 -7.00
CA ALA A 17 -1.97 -84.90 -7.56
C ALA A 17 -1.81 -86.01 -6.51
N ALA A 18 -1.50 -85.62 -5.27
CA ALA A 18 -1.37 -86.61 -4.20
C ALA A 18 -2.68 -87.34 -3.95
N GLU A 19 -3.80 -86.60 -3.94
CA GLU A 19 -5.10 -87.23 -3.75
C GLU A 19 -5.42 -88.20 -4.87
N GLY A 20 -5.14 -87.82 -6.11
CA GLY A 20 -5.41 -88.73 -7.22
C GLY A 20 -4.58 -89.99 -7.15
N ILE A 21 -3.28 -89.86 -6.88
CA ILE A 21 -2.43 -91.04 -6.85
C ILE A 21 -2.75 -91.92 -5.64
N VAL A 22 -3.14 -91.32 -4.51
CA VAL A 22 -3.54 -92.10 -3.35
C VAL A 22 -4.84 -92.84 -3.63
N LYS A 23 -5.77 -92.20 -4.33
CA LYS A 23 -6.99 -92.90 -4.72
C LYS A 23 -6.69 -94.08 -5.62
N GLN A 24 -5.76 -93.89 -6.57
CA GLN A 24 -5.37 -95.00 -7.43
C GLN A 24 -4.76 -96.13 -6.64
N ALA A 25 -3.88 -95.80 -5.68
CA ALA A 25 -3.27 -96.84 -4.84
C ALA A 25 -4.31 -97.56 -4.00
N VAL A 26 -5.28 -96.84 -3.45
CA VAL A 26 -6.35 -97.45 -2.67
C VAL A 26 -7.18 -98.39 -3.54
N ASP A 27 -7.45 -97.98 -4.78
CA ASP A 27 -8.24 -98.82 -5.67
C ASP A 27 -7.49 -100.10 -6.02
N GLU A 28 -6.24 -99.96 -6.47
CA GLU A 28 -5.49 -101.13 -6.90
C GLU A 28 -5.07 -102.03 -5.73
N LYS A 29 -4.45 -101.46 -4.69
CA LYS A 29 -3.80 -102.32 -3.70
C LYS A 29 -4.49 -102.48 -2.34
N GLY A 30 -5.42 -101.64 -1.95
CA GLY A 30 -5.99 -101.90 -0.65
C GLY A 30 -5.35 -101.12 0.48
N ARG A 31 -6.15 -100.82 1.52
CA ARG A 31 -5.71 -99.97 2.60
C ARG A 31 -4.81 -100.67 3.61
N ASP A 32 -4.82 -102.01 3.61
CA ASP A 32 -3.91 -102.81 4.42
C ASP A 32 -2.57 -103.07 3.75
N TYR A 33 -2.46 -102.73 2.47
CA TYR A 33 -1.22 -102.95 1.74
C TYR A 33 -0.12 -102.06 2.30
N LYS A 34 1.09 -102.63 2.37
CA LYS A 34 2.21 -101.97 3.03
C LYS A 34 2.69 -100.77 2.22
N VAL A 35 3.10 -99.72 2.92
CA VAL A 35 3.68 -98.53 2.33
C VAL A 35 5.07 -98.33 2.94
N ALA A 36 6.09 -98.28 2.11
CA ALA A 36 7.45 -98.11 2.59
C ALA A 36 8.34 -97.60 1.47
N PHE A 37 9.51 -97.05 1.86
CA PHE A 37 10.62 -96.64 1.03
C PHE A 37 11.77 -97.64 1.16
N PRO A 38 12.52 -97.90 0.09
CA PRO A 38 13.55 -98.96 0.15
C PRO A 38 14.67 -98.60 1.10
N ASP A 39 14.84 -99.44 2.13
CA ASP A 39 15.97 -99.35 3.06
C ASP A 39 16.03 -97.99 3.76
N THR A 40 14.99 -97.71 4.55
CA THR A 40 14.96 -96.55 5.42
C THR A 40 14.41 -96.96 6.79
N ALA A 41 14.82 -96.23 7.82
CA ALA A 41 14.39 -96.47 9.19
C ALA A 41 13.47 -95.37 9.71
N TYR A 42 13.04 -94.44 8.86
CA TYR A 42 12.20 -93.32 9.27
C TYR A 42 10.91 -93.26 8.47
N SER A 43 10.47 -94.41 7.97
CA SER A 43 9.23 -94.50 7.20
C SER A 43 9.19 -93.48 6.08
N LEU A 44 8.27 -92.52 6.14
CA LEU A 44 8.26 -91.39 5.22
C LEU A 44 8.94 -90.23 5.94
N PRO A 45 10.17 -89.84 5.56
CA PRO A 45 10.93 -88.91 6.42
C PRO A 45 10.25 -87.56 6.67
N VAL A 46 9.59 -86.98 5.67
CA VAL A 46 9.01 -85.65 5.86
C VAL A 46 7.85 -85.71 6.85
N ILE A 47 6.96 -86.69 6.68
CA ILE A 47 5.85 -86.84 7.61
C ILE A 47 6.35 -87.20 9.00
N PHE A 48 7.37 -88.06 9.07
CA PHE A 48 7.92 -88.43 10.37
C PHE A 48 8.53 -87.23 11.08
N ALA A 49 9.23 -86.37 10.34
CA ALA A 49 9.79 -85.17 10.96
C ALA A 49 8.71 -84.18 11.36
N ALA A 50 7.67 -84.04 10.53
CA ALA A 50 6.65 -83.03 10.80
C ALA A 50 5.76 -83.44 11.96
N THR A 51 5.42 -84.72 12.08
CA THR A 51 4.44 -85.18 13.06
C THR A 51 4.93 -86.30 13.97
N GLY A 52 5.96 -87.06 13.58
CA GLY A 52 6.39 -88.21 14.34
C GLY A 52 5.69 -89.50 13.97
N LYS A 53 4.66 -89.44 13.14
CA LYS A 53 3.92 -90.63 12.73
C LYS A 53 4.66 -91.36 11.62
N LYS A 54 4.65 -92.69 11.69
CA LYS A 54 5.23 -93.53 10.67
C LYS A 54 4.10 -94.10 9.81
N ILE A 55 4.17 -93.86 8.50
CA ILE A 55 3.18 -94.36 7.56
C ILE A 55 3.59 -95.76 7.15
N THR A 56 2.74 -96.75 7.44
CA THR A 56 3.07 -98.15 7.17
C THR A 56 2.15 -98.82 6.16
N ASN A 57 0.89 -98.41 6.07
CA ASN A 57 -0.07 -99.01 5.15
C ASN A 57 -0.69 -97.91 4.29
N VAL A 58 -1.44 -98.33 3.27
CA VAL A 58 -2.05 -97.40 2.33
C VAL A 58 -3.11 -96.54 3.00
N GLY A 59 -3.85 -97.11 3.96
CA GLY A 59 -4.85 -96.31 4.68
C GLY A 59 -4.23 -95.14 5.41
N GLU A 60 -3.08 -95.37 6.05
CA GLU A 60 -2.38 -94.28 6.72
C GLU A 60 -1.86 -93.26 5.71
N LEU A 61 -1.44 -93.71 4.53
CA LEU A 61 -1.03 -92.79 3.48
C LEU A 61 -2.18 -91.90 3.05
N GLU A 62 -3.38 -92.48 2.94
CA GLU A 62 -4.56 -91.69 2.63
C GLU A 62 -4.89 -90.72 3.77
N GLY A 63 -4.67 -91.13 5.01
CA GLY A 63 -4.86 -90.24 6.14
C GLY A 63 -3.80 -89.18 6.29
N ALA A 64 -2.68 -89.30 5.56
CA ALA A 64 -1.61 -88.32 5.60
C ALA A 64 -1.93 -87.10 4.73
N LEU A 65 -2.94 -87.17 3.88
CA LEU A 65 -3.36 -86.01 3.10
C LEU A 65 -3.89 -84.90 4.00
N ASP A 66 -4.39 -85.25 5.20
CA ASP A 66 -4.86 -84.24 6.11
C ASP A 66 -3.74 -83.31 6.58
N ILE A 67 -2.52 -83.83 6.68
CA ILE A 67 -1.37 -82.99 6.99
C ILE A 67 -1.17 -81.94 5.90
N VAL A 68 -1.24 -82.37 4.64
CA VAL A 68 -1.10 -81.43 3.53
C VAL A 68 -2.22 -80.40 3.56
N ARG A 69 -3.44 -80.85 3.83
CA ARG A 69 -4.58 -79.92 3.89
C ARG A 69 -4.42 -78.90 5.01
N SER A 70 -3.97 -79.33 6.18
CA SER A 70 -3.83 -78.43 7.32
C SER A 70 -2.62 -77.51 7.16
N LEU A 71 -1.66 -77.86 6.32
CA LEU A 71 -0.50 -77.00 6.12
C LEU A 71 -0.73 -75.90 5.07
N ILE A 72 -1.90 -75.86 4.44
CA ILE A 72 -2.20 -74.84 3.43
C ILE A 72 -3.24 -73.90 4.03
N VAL A 73 -2.79 -72.73 4.48
CA VAL A 73 -3.67 -71.66 4.95
C VAL A 73 -3.40 -70.46 4.06
N GLU A 74 -4.42 -70.04 3.30
CA GLU A 74 -4.25 -69.03 2.26
C GLU A 74 -4.40 -67.63 2.84
N GLU A 75 -3.40 -67.23 3.61
CA GLU A 75 -3.27 -65.88 4.13
C GLU A 75 -1.89 -65.36 3.82
N GLU A 76 -1.81 -64.15 3.27
CA GLU A 76 -0.56 -63.62 2.71
C GLU A 76 0.33 -63.10 3.84
N MET A 77 0.89 -64.04 4.59
CA MET A 77 1.93 -63.78 5.59
C MET A 77 3.01 -64.84 5.41
N LEU A 78 4.24 -64.46 5.78
CA LEU A 78 5.40 -65.29 5.45
C LEU A 78 5.31 -66.68 6.05
N ASP A 79 4.82 -66.79 7.30
CA ASP A 79 4.72 -68.10 7.94
C ASP A 79 3.79 -69.02 7.16
N LYS A 80 2.66 -68.50 6.66
CA LYS A 80 1.75 -69.32 5.85
C LYS A 80 2.41 -69.77 4.56
N LEU A 81 3.21 -68.89 3.94
CA LEU A 81 3.93 -69.27 2.73
C LEU A 81 4.90 -70.41 3.00
N LEU A 82 5.64 -70.33 4.11
CA LEU A 82 6.57 -71.41 4.46
C LEU A 82 5.82 -72.71 4.75
N ASN A 83 4.68 -72.61 5.45
CA ASN A 83 3.86 -73.80 5.72
C ASN A 83 3.31 -74.40 4.44
N SER A 84 2.96 -73.55 3.47
CA SER A 84 2.47 -74.04 2.18
C SER A 84 3.57 -74.72 1.39
N GLY A 85 4.80 -74.19 1.45
CA GLY A 85 5.93 -74.92 0.87
C GLY A 85 6.11 -76.28 1.50
N LEU A 86 5.99 -76.35 2.84
CA LEU A 86 6.07 -77.64 3.53
C LEU A 86 4.91 -78.56 3.13
N ALA A 87 3.73 -78.01 2.88
CA ALA A 87 2.63 -78.82 2.39
C ALA A 87 2.96 -79.42 1.03
N THR A 88 3.57 -78.64 0.15
CA THR A 88 4.02 -79.18 -1.13
C THR A 88 5.04 -80.29 -0.93
N ALA A 89 5.96 -80.12 0.01
CA ALA A 89 6.95 -81.17 0.27
C ALA A 89 6.29 -82.45 0.76
N VAL A 90 5.33 -82.33 1.68
CA VAL A 90 4.63 -83.51 2.18
C VAL A 90 3.85 -84.18 1.05
N ALA A 91 3.18 -83.38 0.22
CA ALA A 91 2.43 -83.95 -0.91
C ALA A 91 3.35 -84.67 -1.88
N ALA A 92 4.53 -84.11 -2.15
CA ALA A 92 5.49 -84.76 -3.03
C ALA A 92 5.96 -86.08 -2.44
N GLU A 93 6.20 -86.11 -1.14
CA GLU A 93 6.58 -87.35 -0.48
C GLU A 93 5.49 -88.40 -0.59
N ILE A 94 4.23 -88.00 -0.41
CA ILE A 94 3.11 -88.93 -0.55
C ILE A 94 3.04 -89.47 -1.97
N ILE A 95 3.25 -88.60 -2.96
CA ILE A 95 3.24 -89.05 -4.35
C ILE A 95 4.35 -90.07 -4.59
N GLU A 96 5.55 -89.81 -4.06
CA GLU A 96 6.65 -90.77 -4.25
C GLU A 96 6.37 -92.10 -3.55
N ALA A 97 5.80 -92.05 -2.35
CA ALA A 97 5.44 -93.28 -1.65
C ALA A 97 4.40 -94.07 -2.43
N ALA A 98 3.41 -93.38 -2.99
CA ALA A 98 2.39 -94.05 -3.81
C ALA A 98 3.02 -94.66 -5.06
N LYS A 99 3.99 -93.96 -5.66
CA LYS A 99 4.72 -94.53 -6.78
C LYS A 99 5.41 -95.83 -6.39
N TYR A 100 6.05 -95.85 -5.23
CA TYR A 100 6.75 -97.05 -4.81
C TYR A 100 5.81 -98.20 -4.49
N VAL A 101 4.63 -97.90 -3.95
CA VAL A 101 3.71 -98.99 -3.63
C VAL A 101 2.92 -99.44 -4.86
N LEU A 102 2.86 -98.63 -5.92
CA LEU A 102 2.16 -99.02 -7.13
C LEU A 102 3.03 -99.84 -8.07
N SER A 103 4.29 -99.46 -8.23
CA SER A 103 5.21 -100.12 -9.14
C SER A 103 6.37 -100.73 -8.36
N ASP A 104 6.80 -101.90 -8.80
CA ASP A 104 7.93 -102.59 -8.15
C ASP A 104 9.22 -101.80 -8.30
N ALA A 105 9.45 -101.23 -9.48
CA ALA A 105 10.64 -100.43 -9.78
C ALA A 105 10.19 -99.11 -10.40
N PRO A 106 9.78 -98.14 -9.58
CA PRO A 106 9.30 -96.86 -10.14
C PRO A 106 10.35 -96.12 -10.95
N TYR A 107 11.62 -96.22 -10.60
CA TYR A 107 12.68 -95.47 -11.24
C TYR A 107 13.64 -96.42 -11.96
N ALA A 108 13.96 -96.08 -13.21
CA ALA A 108 14.95 -96.81 -13.99
C ALA A 108 16.20 -95.96 -14.13
N GLU A 109 17.31 -96.60 -14.49
CA GLU A 109 18.57 -95.87 -14.66
C GLU A 109 18.43 -94.86 -15.79
N PRO A 110 19.10 -93.70 -15.68
CA PRO A 110 20.04 -93.29 -14.61
C PRO A 110 19.34 -92.74 -13.36
N CYS A 111 18.01 -92.63 -13.33
CA CYS A 111 17.35 -92.10 -12.14
C CYS A 111 17.46 -93.08 -10.99
N VAL A 112 17.71 -92.56 -9.79
CA VAL A 112 17.89 -93.40 -8.62
C VAL A 112 16.70 -93.33 -7.67
N GLY A 113 15.87 -92.31 -7.76
CA GLY A 113 14.71 -92.22 -6.88
C GLY A 113 15.13 -92.00 -5.45
N PHE A 114 14.58 -92.83 -4.56
CA PHE A 114 14.81 -92.67 -3.14
C PHE A 114 16.25 -93.02 -2.80
N ILE A 115 16.80 -92.31 -1.81
CA ILE A 115 18.16 -92.54 -1.34
C ILE A 115 18.07 -93.21 0.02
N SER A 116 18.70 -94.37 0.16
CA SER A 116 18.58 -95.17 1.37
C SER A 116 19.39 -94.57 2.50
N ASP A 117 19.10 -95.02 3.71
CA ASP A 117 19.84 -94.57 4.89
C ASP A 117 21.34 -94.85 4.83
N PRO A 118 21.81 -96.03 4.41
CA PRO A 118 23.27 -96.24 4.36
C PRO A 118 23.98 -95.24 3.47
N ILE A 119 23.37 -94.81 2.36
CA ILE A 119 23.98 -93.78 1.53
C ILE A 119 24.06 -92.45 2.29
N ILE A 120 23.03 -92.13 3.07
CA ILE A 120 23.06 -90.92 3.88
C ILE A 120 24.21 -90.98 4.88
N ARG A 121 24.37 -92.11 5.54
CA ARG A 121 25.46 -92.27 6.50
C ARG A 121 26.82 -92.21 5.82
N SER A 122 26.94 -92.78 4.62
CA SER A 122 28.19 -92.70 3.89
C SER A 122 28.53 -91.26 3.54
N LEU A 123 27.53 -90.49 3.12
CA LEU A 123 27.77 -89.09 2.76
C LEU A 123 27.92 -88.18 3.97
N GLY A 124 27.50 -88.63 5.16
CA GLY A 124 27.63 -87.78 6.33
C GLY A 124 29.07 -87.47 6.69
N VAL A 125 29.97 -88.44 6.54
CA VAL A 125 31.37 -88.21 6.89
C VAL A 125 31.99 -87.11 6.03
N PRO A 126 31.89 -87.14 4.69
CA PRO A 126 32.41 -86.01 3.91
C PRO A 126 31.56 -84.76 4.01
N LEU A 127 30.34 -84.86 4.51
CA LEU A 127 29.49 -83.68 4.62
C LEU A 127 30.03 -82.74 5.70
N VAL A 128 30.16 -83.27 6.93
CA VAL A 128 30.65 -82.46 8.03
C VAL A 128 32.13 -82.16 7.87
N THR A 129 32.89 -83.08 7.24
CA THR A 129 34.33 -82.86 7.11
C THR A 129 34.63 -81.62 6.26
N GLY A 130 33.88 -81.42 5.19
CA GLY A 130 34.13 -80.32 4.28
C GLY A 130 34.51 -80.75 2.88
N ASP A 131 34.76 -82.04 2.65
CA ASP A 131 34.96 -82.54 1.30
C ASP A 131 33.72 -82.34 0.46
N ILE A 132 32.55 -82.32 1.09
CA ILE A 132 31.33 -81.91 0.42
C ILE A 132 30.93 -80.55 1.02
N PRO A 133 31.32 -79.44 0.39
CA PRO A 133 30.99 -78.12 0.94
C PRO A 133 29.57 -77.65 0.67
N GLY A 134 28.78 -78.40 -0.08
CA GLY A 134 27.40 -78.00 -0.35
C GLY A 134 26.68 -79.04 -1.17
N VAL A 135 25.36 -78.84 -1.29
CA VAL A 135 24.51 -79.70 -2.09
C VAL A 135 23.79 -78.81 -3.10
N ALA A 136 24.06 -79.05 -4.39
CA ALA A 136 23.47 -78.28 -5.48
C ALA A 136 22.28 -79.06 -6.01
N VAL A 137 21.08 -78.54 -5.79
CA VAL A 137 19.84 -79.15 -6.26
C VAL A 137 19.48 -78.44 -7.55
N ILE A 138 19.71 -79.10 -8.68
CA ILE A 138 19.47 -78.52 -9.99
C ILE A 138 18.17 -79.09 -10.54
N LEU A 139 17.21 -78.20 -10.82
CA LEU A 139 15.89 -78.60 -11.25
C LEU A 139 15.53 -77.84 -12.51
N GLY A 140 14.87 -78.53 -13.44
CA GLY A 140 14.35 -77.90 -14.64
C GLY A 140 15.15 -78.23 -15.88
N GLU A 141 15.25 -77.27 -16.80
CA GLU A 141 15.99 -77.42 -18.05
C GLU A 141 16.73 -76.14 -18.36
N CYS A 142 18.01 -76.25 -18.71
CA CYS A 142 18.80 -75.12 -19.17
C CYS A 142 18.54 -74.84 -20.65
N PRO A 143 18.81 -73.63 -21.12
CA PRO A 143 18.59 -73.35 -22.56
C PRO A 143 19.37 -74.29 -23.48
N ASP A 144 20.53 -74.78 -23.05
CA ASP A 144 21.33 -75.69 -23.85
C ASP A 144 21.83 -76.84 -22.98
N SER A 145 22.19 -77.94 -23.65
CA SER A 145 22.88 -79.01 -22.94
C SER A 145 24.27 -78.59 -22.52
N GLU A 146 24.93 -77.74 -23.32
CA GLU A 146 26.29 -77.32 -23.02
C GLU A 146 26.35 -76.54 -21.71
N THR A 147 25.43 -75.59 -21.53
CA THR A 147 25.44 -74.79 -20.31
C THR A 147 25.09 -75.62 -19.09
N ALA A 148 24.13 -76.54 -19.22
CA ALA A 148 23.81 -77.43 -18.11
C ALA A 148 25.02 -78.27 -17.72
N ALA A 149 25.71 -78.83 -18.72
CA ALA A 149 26.91 -79.61 -18.44
C ALA A 149 27.98 -78.75 -17.80
N LYS A 150 28.15 -77.53 -18.29
CA LYS A 150 29.17 -76.63 -17.73
C LYS A 150 28.89 -76.34 -16.26
N ILE A 151 27.65 -76.00 -15.92
CA ILE A 151 27.31 -75.69 -14.53
C ILE A 151 27.48 -76.93 -13.66
N ILE A 152 26.99 -78.07 -14.13
CA ILE A 152 27.06 -79.29 -13.33
C ILE A 152 28.51 -79.69 -13.09
N LYS A 153 29.35 -79.61 -14.12
CA LYS A 153 30.74 -79.99 -13.95
C LYS A 153 31.52 -78.96 -13.14
N ASP A 154 31.12 -77.69 -13.19
CA ASP A 154 31.71 -76.70 -12.30
C ASP A 154 31.41 -77.04 -10.84
N TYR A 155 30.16 -77.40 -10.54
CA TYR A 155 29.84 -77.83 -9.18
C TYR A 155 30.60 -79.09 -8.80
N GLN A 156 30.70 -80.03 -9.73
CA GLN A 156 31.36 -81.29 -9.44
C GLN A 156 32.85 -81.08 -9.16
N SER A 157 33.51 -80.23 -9.94
CA SER A 157 34.94 -79.98 -9.76
C SER A 157 35.21 -79.26 -8.46
N LYS A 158 34.19 -78.65 -7.85
CA LYS A 158 34.34 -77.98 -6.57
C LYS A 158 34.01 -78.87 -5.39
N GLY A 159 33.65 -80.12 -5.63
CA GLY A 159 33.39 -81.09 -4.59
C GLY A 159 31.96 -81.17 -4.12
N LEU A 160 31.09 -80.31 -4.64
CA LEU A 160 29.70 -80.28 -4.23
C LEU A 160 28.95 -81.54 -4.68
N LEU A 161 28.02 -82.02 -3.86
CA LEU A 161 27.16 -83.13 -4.25
C LEU A 161 25.95 -82.55 -4.99
N THR A 162 25.90 -82.73 -6.31
CA THR A 162 24.83 -82.16 -7.13
C THR A 162 23.76 -83.23 -7.40
N CYS A 163 22.49 -82.85 -7.21
CA CYS A 163 21.34 -83.70 -7.52
C CYS A 163 20.56 -83.08 -8.68
N LEU A 164 20.04 -83.92 -9.58
CA LEU A 164 19.40 -83.47 -10.81
C LEU A 164 17.95 -83.90 -10.84
N VAL A 165 17.06 -82.95 -11.13
CA VAL A 165 15.63 -83.22 -11.27
C VAL A 165 15.18 -82.63 -12.60
N GLY A 166 14.46 -83.43 -13.39
CA GLY A 166 13.89 -82.94 -14.63
C GLY A 166 14.74 -83.19 -15.85
N LYS A 167 14.46 -82.38 -16.90
CA LYS A 167 15.12 -82.54 -18.18
C LYS A 167 16.60 -82.21 -18.14
N VAL A 168 17.08 -81.60 -17.05
CA VAL A 168 18.51 -81.35 -16.91
C VAL A 168 19.28 -82.65 -16.87
N ILE A 169 18.63 -83.76 -16.49
CA ILE A 169 19.29 -85.07 -16.52
C ILE A 169 19.65 -85.44 -17.95
N ASP A 170 18.71 -85.27 -18.88
CA ASP A 170 18.98 -85.58 -20.28
C ASP A 170 20.02 -84.63 -20.87
N GLN A 171 19.93 -83.35 -20.50
CA GLN A 171 20.91 -82.38 -20.98
C GLN A 171 22.31 -82.73 -20.47
N ALA A 172 22.42 -83.15 -19.21
CA ALA A 172 23.71 -83.55 -18.68
C ALA A 172 24.23 -84.80 -19.35
N ILE A 173 23.34 -85.75 -19.66
CA ILE A 173 23.76 -86.95 -20.40
C ILE A 173 24.29 -86.58 -21.78
N GLU A 174 23.59 -85.66 -22.47
CA GLU A 174 24.09 -85.18 -23.75
C GLU A 174 25.40 -84.41 -23.59
N GLY A 175 25.63 -83.83 -22.43
CA GLY A 175 26.84 -83.09 -22.12
C GLY A 175 27.97 -83.95 -21.58
N LYS A 176 27.83 -85.27 -21.59
CA LYS A 176 28.88 -86.19 -21.17
C LYS A 176 29.29 -85.97 -19.71
N VAL A 177 28.30 -85.70 -18.86
CA VAL A 177 28.55 -85.59 -17.42
C VAL A 177 28.54 -86.99 -16.82
N LYS A 178 29.62 -87.35 -16.13
CA LYS A 178 29.72 -88.69 -15.53
C LYS A 178 28.99 -88.69 -14.19
N MET A 179 28.02 -89.59 -14.05
CA MET A 179 27.10 -89.57 -12.93
C MET A 179 27.32 -90.78 -12.01
N GLY A 180 26.90 -90.62 -10.77
CA GLY A 180 27.01 -91.66 -9.78
C GLY A 180 27.18 -91.06 -8.40
N LEU A 181 27.11 -91.94 -7.39
CA LEU A 181 27.28 -91.50 -6.02
C LEU A 181 28.73 -91.11 -5.74
N ASP A 182 29.69 -91.87 -6.28
CA ASP A 182 31.09 -91.52 -6.11
C ASP A 182 31.49 -90.31 -6.94
N LEU A 183 30.82 -90.09 -8.07
CA LEU A 183 31.05 -88.92 -8.91
C LEU A 183 30.23 -87.72 -8.46
N ARG A 184 29.38 -87.88 -7.45
CA ARG A 184 28.62 -86.78 -6.84
C ARG A 184 27.68 -86.09 -7.82
N VAL A 185 27.13 -86.83 -8.78
CA VAL A 185 26.10 -86.34 -9.68
C VAL A 185 24.97 -87.36 -9.62
N ILE A 186 23.91 -87.05 -8.90
CA ILE A 186 22.84 -88.01 -8.60
C ILE A 186 21.58 -87.59 -9.37
N PRO A 187 21.13 -88.36 -10.35
CA PRO A 187 19.83 -88.06 -10.98
C PRO A 187 18.69 -88.68 -10.17
N LEU A 188 17.80 -87.82 -9.66
CA LEU A 188 16.72 -88.30 -8.81
C LEU A 188 15.51 -88.77 -9.61
N GLY A 189 15.08 -87.99 -10.60
CA GLY A 189 13.93 -88.35 -11.39
C GLY A 189 13.48 -87.22 -12.28
N TYR A 190 12.71 -87.52 -13.31
CA TYR A 190 12.27 -86.51 -14.26
C TYR A 190 11.09 -85.69 -13.75
N ASP A 191 10.37 -86.17 -12.76
CA ASP A 191 9.24 -85.44 -12.19
C ASP A 191 9.68 -84.51 -11.08
N VAL A 192 8.93 -83.42 -10.91
CA VAL A 192 9.29 -82.41 -9.92
C VAL A 192 9.29 -83.01 -8.53
N THR A 193 8.33 -83.91 -8.25
CA THR A 193 8.23 -84.51 -6.93
C THR A 193 9.50 -85.26 -6.54
N SER A 194 10.32 -85.69 -7.51
CA SER A 194 11.57 -86.38 -7.19
C SER A 194 12.52 -85.51 -6.39
N VAL A 195 12.33 -84.18 -6.40
CA VAL A 195 13.17 -83.30 -5.58
C VAL A 195 13.02 -83.66 -4.10
N ILE A 196 11.88 -84.23 -3.71
CA ILE A 196 11.71 -84.62 -2.31
C ILE A 196 12.79 -85.61 -1.91
N HIS A 197 13.30 -86.38 -2.87
CA HIS A 197 14.32 -87.39 -2.55
C HIS A 197 15.64 -86.77 -2.08
N VAL A 198 15.90 -85.49 -2.37
CA VAL A 198 17.03 -84.82 -1.74
C VAL A 198 16.58 -84.09 -0.47
N VAL A 199 15.31 -83.69 -0.44
CA VAL A 199 14.82 -83.06 0.79
C VAL A 199 14.92 -84.03 1.96
N THR A 200 14.49 -85.28 1.75
CA THR A 200 14.62 -86.29 2.79
C THR A 200 16.08 -86.56 3.17
N ILE A 201 17.03 -86.26 2.27
CA ILE A 201 18.44 -86.34 2.64
C ILE A 201 18.75 -85.35 3.77
N ALA A 202 18.24 -84.12 3.61
CA ALA A 202 18.45 -83.13 4.66
C ALA A 202 17.68 -83.50 5.93
N ILE A 203 16.42 -83.90 5.77
CA ILE A 203 15.59 -84.19 6.93
C ILE A 203 16.22 -85.32 7.75
N ARG A 204 16.59 -86.43 7.10
CA ARG A 204 17.24 -87.52 7.81
C ARG A 204 18.59 -87.11 8.35
N ALA A 205 19.27 -86.15 7.71
CA ALA A 205 20.51 -85.64 8.28
C ALA A 205 20.26 -85.04 9.66
N ALA A 206 19.11 -84.39 9.82
CA ALA A 206 18.72 -83.92 11.16
C ALA A 206 18.32 -85.08 12.06
N LEU A 207 17.74 -86.13 11.48
CA LEU A 207 17.29 -87.27 12.30
C LEU A 207 18.46 -88.13 12.75
N ILE A 208 19.49 -88.28 11.91
CA ILE A 208 20.61 -89.16 12.20
C ILE A 208 21.73 -88.37 12.87
N PHE A 209 22.27 -87.36 12.16
CA PHE A 209 23.42 -86.64 12.68
C PHE A 209 23.03 -85.69 13.81
N GLY A 210 21.92 -84.98 13.65
CA GLY A 210 21.51 -84.03 14.66
C GLY A 210 20.88 -84.64 15.89
N GLY A 211 20.35 -85.85 15.79
CA GLY A 211 19.73 -86.48 16.93
C GLY A 211 18.36 -85.93 17.31
N ILE A 212 17.78 -85.07 16.48
CA ILE A 212 16.46 -84.51 16.77
C ILE A 212 15.41 -85.60 16.60
N LYS A 213 14.56 -85.77 17.61
CA LYS A 213 13.52 -86.78 17.54
C LYS A 213 12.43 -86.36 16.56
N GLY A 214 11.70 -87.36 16.07
CA GLY A 214 10.62 -87.08 15.14
C GLY A 214 9.52 -86.26 15.79
N GLY A 215 8.91 -85.39 14.98
CA GLY A 215 7.87 -84.51 15.47
C GLY A 215 8.35 -83.14 15.90
N GLN A 216 9.66 -82.97 16.12
CA GLN A 216 10.22 -81.67 16.48
C GLN A 216 10.54 -80.88 15.20
N LEU A 217 9.46 -80.44 14.55
CA LEU A 217 9.59 -79.87 13.21
C LEU A 217 10.45 -78.62 13.21
N ASN A 218 10.27 -77.75 14.20
CA ASN A 218 11.06 -76.51 14.24
C ASN A 218 12.54 -76.81 14.43
N ASP A 219 12.86 -77.80 15.28
CA ASP A 219 14.25 -78.18 15.45
C ASP A 219 14.82 -78.74 14.15
N ILE A 220 14.03 -79.53 13.43
CA ILE A 220 14.49 -80.07 12.14
C ILE A 220 14.77 -78.94 11.15
N LEU A 221 13.85 -77.97 11.07
CA LEU A 221 14.03 -76.85 10.14
C LEU A 221 15.24 -76.02 10.51
N LYS A 222 15.43 -75.76 11.80
CA LYS A 222 16.61 -75.03 12.25
C LYS A 222 17.88 -75.79 11.91
N TYR A 223 17.88 -77.12 12.10
CA TYR A 223 19.06 -77.90 11.78
C TYR A 223 19.38 -77.87 10.29
N THR A 224 18.36 -78.03 9.43
CA THR A 224 18.61 -77.99 7.99
C THR A 224 19.10 -76.61 7.57
N ALA A 225 18.56 -75.56 8.19
CA ALA A 225 18.97 -74.20 7.83
C ALA A 225 20.41 -73.93 8.24
N GLU A 226 20.83 -74.40 9.42
CA GLU A 226 22.14 -74.03 9.93
C GLU A 226 23.23 -75.07 9.70
N ARG A 227 22.89 -76.25 9.20
CA ARG A 227 23.87 -77.34 9.10
C ARG A 227 23.97 -77.92 7.70
N VAL A 228 22.87 -78.02 6.96
CA VAL A 228 22.85 -78.62 5.64
C VAL A 228 23.10 -77.51 4.61
N PRO A 229 24.24 -77.53 3.90
CA PRO A 229 24.54 -76.45 2.93
C PRO A 229 23.95 -76.71 1.54
N ALA A 230 22.62 -76.82 1.48
CA ALA A 230 21.91 -77.09 0.24
C ALA A 230 21.34 -75.81 -0.36
N PHE A 231 21.23 -75.79 -1.69
CA PHE A 231 20.64 -74.67 -2.41
C PHE A 231 20.03 -75.23 -3.69
N VAL A 232 19.12 -74.47 -4.28
CA VAL A 232 18.34 -74.90 -5.45
C VAL A 232 18.67 -73.98 -6.62
N ASN A 233 19.01 -74.58 -7.77
CA ASN A 233 19.14 -73.85 -9.03
C ASN A 233 18.02 -74.34 -9.96
N ALA A 234 16.98 -73.51 -10.09
CA ALA A 234 15.81 -73.83 -10.91
C ALA A 234 15.98 -73.16 -12.25
N PHE A 235 16.18 -73.96 -13.30
CA PHE A 235 16.37 -73.47 -14.65
C PHE A 235 15.13 -73.72 -15.50
N GLY A 236 14.90 -72.85 -16.47
CA GLY A 236 13.75 -72.98 -17.34
C GLY A 236 12.48 -72.42 -16.75
N PRO A 237 11.41 -72.39 -17.54
CA PRO A 237 10.15 -71.83 -17.03
C PRO A 237 9.67 -72.59 -15.81
N LEU A 238 9.12 -71.87 -14.84
CA LEU A 238 8.75 -72.43 -13.55
C LEU A 238 7.23 -72.41 -13.43
N SER A 239 6.64 -73.58 -13.22
CA SER A 239 5.21 -73.65 -12.98
C SER A 239 4.93 -73.29 -11.52
N GLU A 240 3.64 -73.22 -11.19
CA GLU A 240 3.25 -72.92 -9.81
C GLU A 240 3.71 -74.01 -8.87
N LEU A 241 3.66 -75.27 -9.32
CA LEU A 241 4.13 -76.37 -8.48
C LEU A 241 5.62 -76.25 -8.21
N VAL A 242 6.41 -75.85 -9.20
CA VAL A 242 7.84 -75.66 -8.99
C VAL A 242 8.10 -74.55 -7.98
N VAL A 243 7.32 -73.47 -8.07
CA VAL A 243 7.49 -72.35 -7.13
C VAL A 243 7.09 -72.78 -5.73
N SER A 244 6.06 -73.61 -5.62
CA SER A 244 5.64 -74.12 -4.32
C SER A 244 6.69 -75.04 -3.71
N ALA A 245 7.30 -75.89 -4.54
CA ALA A 245 8.40 -76.75 -4.07
C ALA A 245 9.60 -75.90 -3.63
N GLY A 246 9.87 -74.82 -4.36
CA GLY A 246 10.91 -73.88 -3.94
C GLY A 246 10.58 -73.20 -2.63
N ALA A 247 9.31 -72.92 -2.40
CA ALA A 247 8.88 -72.40 -1.11
C ALA A 247 9.17 -73.42 -0.02
N GLY A 248 8.99 -74.71 -0.31
CA GLY A 248 9.39 -75.73 0.65
C GLY A 248 10.89 -75.72 0.90
N ALA A 249 11.69 -75.59 -0.16
CA ALA A 249 13.15 -75.51 0.02
C ALA A 249 13.52 -74.30 0.87
N ILE A 250 12.85 -73.17 0.67
CA ILE A 250 13.08 -71.99 1.48
C ILE A 250 12.67 -72.26 2.93
N ALA A 251 11.56 -72.97 3.13
CA ALA A 251 11.15 -73.33 4.48
C ALA A 251 12.22 -74.16 5.18
N LEU A 252 12.94 -75.01 4.44
CA LEU A 252 14.09 -75.71 5.01
C LEU A 252 15.34 -74.84 5.09
N GLY A 253 15.24 -73.54 4.83
CA GLY A 253 16.40 -72.69 4.90
C GLY A 253 17.31 -72.76 3.69
N PHE A 254 16.88 -73.38 2.59
CA PHE A 254 17.71 -73.53 1.40
C PHE A 254 17.37 -72.43 0.41
N PRO A 255 18.29 -71.54 0.05
CA PRO A 255 17.96 -70.49 -0.92
C PRO A 255 17.72 -71.06 -2.32
N VAL A 256 16.82 -70.41 -3.05
CA VAL A 256 16.43 -70.84 -4.38
C VAL A 256 16.91 -69.79 -5.38
N LEU A 257 17.70 -70.21 -6.34
CA LEU A 257 18.22 -69.35 -7.40
C LEU A 257 17.68 -69.84 -8.72
N THR A 258 17.33 -68.90 -9.60
CA THR A 258 16.71 -69.25 -10.87
C THR A 258 17.18 -68.26 -11.92
N ASP A 259 17.05 -68.67 -13.19
CA ASP A 259 17.30 -67.79 -14.32
C ASP A 259 16.03 -67.09 -14.80
N GLN A 260 14.90 -67.32 -14.12
CA GLN A 260 13.62 -66.74 -14.49
C GLN A 260 13.33 -65.49 -13.66
N VAL A 261 12.47 -64.64 -14.21
CA VAL A 261 11.99 -63.45 -13.52
C VAL A 261 10.97 -63.90 -12.47
N VAL A 262 11.30 -63.71 -11.20
CA VAL A 262 10.42 -64.08 -10.10
C VAL A 262 10.39 -62.93 -9.11
N PRO A 263 9.38 -62.86 -8.23
CA PRO A 263 9.41 -61.85 -7.16
C PRO A 263 10.51 -62.18 -6.16
N GLU A 264 11.61 -61.44 -6.22
CA GLU A 264 12.81 -61.78 -5.46
C GLU A 264 12.61 -61.53 -3.98
N VAL A 265 13.21 -62.39 -3.16
CA VAL A 265 13.30 -62.23 -1.72
C VAL A 265 14.78 -62.28 -1.35
N PRO A 266 15.33 -61.21 -0.75
CA PRO A 266 16.79 -61.20 -0.48
C PRO A 266 17.22 -62.41 0.34
N THR A 267 18.34 -63.00 -0.10
CA THR A 267 18.99 -64.15 0.52
C THR A 267 18.17 -65.45 0.39
N LEU A 268 16.96 -65.38 -0.15
CA LEU A 268 16.10 -66.57 -0.23
C LEU A 268 15.69 -66.93 -1.65
N LEU A 269 15.20 -65.98 -2.43
CA LEU A 269 14.76 -66.22 -3.79
C LEU A 269 15.45 -65.19 -4.67
N LEU A 270 16.33 -65.66 -5.56
CA LEU A 270 17.21 -64.78 -6.32
C LEU A 270 17.18 -65.14 -7.80
N THR A 271 17.20 -64.12 -8.64
CA THR A 271 17.25 -64.30 -10.08
C THR A 271 18.66 -64.01 -10.57
N GLN A 272 19.23 -64.94 -11.33
CA GLN A 272 20.56 -64.78 -11.92
C GLN A 272 20.44 -65.31 -13.35
N LYS A 273 20.36 -64.38 -14.32
CA LYS A 273 20.27 -64.79 -15.72
C LYS A 273 21.60 -65.32 -16.23
N ASP A 274 22.70 -64.72 -15.79
CA ASP A 274 24.03 -65.05 -16.30
C ASP A 274 24.46 -66.43 -15.84
N TYR A 275 24.43 -67.40 -16.77
CA TYR A 275 24.81 -68.78 -16.44
C TYR A 275 26.29 -68.90 -16.11
N ASP A 276 27.11 -67.94 -16.54
CA ASP A 276 28.52 -67.95 -16.21
C ASP A 276 28.80 -67.56 -14.77
N LYS A 277 27.83 -66.97 -14.08
CA LYS A 277 27.99 -66.56 -12.69
C LYS A 277 27.04 -67.28 -11.74
N MET A 278 26.28 -68.26 -12.23
CA MET A 278 25.31 -68.94 -11.37
C MET A 278 26.00 -69.72 -10.24
N VAL A 279 27.14 -70.36 -10.53
CA VAL A 279 27.82 -71.14 -9.51
C VAL A 279 28.32 -70.23 -8.39
N LYS A 280 28.99 -69.14 -8.74
CA LYS A 280 29.48 -68.20 -7.73
C LYS A 280 28.33 -67.56 -6.97
N THR A 281 27.25 -67.22 -7.68
CA THR A 281 26.08 -66.64 -7.01
C THR A 281 25.51 -67.62 -5.98
N SER A 282 25.41 -68.90 -6.33
CA SER A 282 24.89 -69.89 -5.39
C SER A 282 25.84 -70.10 -4.21
N LEU A 283 27.14 -70.15 -4.47
CA LEU A 283 28.09 -70.33 -3.38
C LEU A 283 28.04 -69.15 -2.41
N GLU A 284 27.90 -67.94 -2.94
CA GLU A 284 27.73 -66.79 -2.05
C GLU A 284 26.40 -66.84 -1.31
N ALA A 285 25.32 -67.22 -1.99
CA ALA A 285 24.00 -67.22 -1.37
C ALA A 285 23.90 -68.26 -0.27
N ARG A 286 24.58 -69.38 -0.43
CA ARG A 286 24.60 -70.42 0.59
C ARG A 286 25.81 -70.30 1.51
N ASN A 287 26.63 -69.27 1.34
CA ASN A 287 27.78 -69.03 2.20
C ASN A 287 28.75 -70.22 2.21
N ILE A 288 29.04 -70.74 1.01
CA ILE A 288 29.87 -71.93 0.84
C ILE A 288 31.29 -71.49 0.51
N LYS A 289 32.27 -72.05 1.22
CA LYS A 289 33.68 -71.80 0.97
C LYS A 289 34.30 -73.02 0.32
N ILE A 290 35.03 -72.82 -0.77
CA ILE A 290 35.69 -73.91 -1.48
C ILE A 290 37.13 -73.98 -1.00
N LYS B 3 -9.64 -40.35 33.32
CA LYS B 3 -8.72 -40.87 32.29
C LYS B 3 -7.28 -40.71 32.73
N ALA B 4 -6.47 -41.72 32.41
CA ALA B 4 -5.05 -41.66 32.67
C ALA B 4 -4.41 -40.55 31.82
N LYS B 5 -3.39 -39.91 32.38
CA LYS B 5 -2.73 -38.82 31.69
C LYS B 5 -1.66 -39.31 30.72
N SER B 6 -1.07 -40.47 31.00
CA SER B 6 -0.02 -40.99 30.15
C SER B 6 0.12 -42.49 30.39
N ILE B 7 0.75 -43.18 29.44
CA ILE B 7 1.14 -44.57 29.64
C ILE B 7 2.55 -44.70 30.16
N ASP B 8 3.31 -43.60 30.22
CA ASP B 8 4.71 -43.63 30.64
C ASP B 8 4.82 -43.48 32.16
N GLN B 9 5.50 -44.43 32.80
CA GLN B 9 5.57 -44.45 34.25
C GLN B 9 6.37 -43.27 34.79
N ALA B 10 7.46 -42.88 34.13
CA ALA B 10 8.22 -41.71 34.57
C ALA B 10 7.37 -40.45 34.50
N THR B 11 6.56 -40.32 33.45
CA THR B 11 5.61 -39.22 33.34
C THR B 11 4.65 -39.20 34.52
N LEU B 12 4.13 -40.37 34.91
CA LEU B 12 3.20 -40.45 36.03
C LEU B 12 3.84 -40.07 37.37
N GLN B 13 5.07 -40.53 37.59
CA GLN B 13 5.78 -40.17 38.82
C GLN B 13 5.99 -38.66 38.90
N LEU B 14 6.40 -38.05 37.79
CA LEU B 14 6.60 -36.61 37.79
C LEU B 14 5.30 -35.83 37.89
N LEU B 15 4.18 -36.38 37.39
CA LEU B 15 2.89 -35.73 37.59
C LEU B 15 2.49 -35.74 39.06
N ASP B 16 2.75 -36.86 39.75
CA ASP B 16 2.54 -36.88 41.21
C ASP B 16 3.41 -35.85 41.90
N LYS B 17 4.67 -35.75 41.48
CA LYS B 17 5.55 -34.74 42.09
C LYS B 17 5.04 -33.32 41.82
N ALA B 18 4.56 -33.06 40.60
CA ALA B 18 4.05 -31.73 40.28
C ALA B 18 2.81 -31.40 41.09
N LYS B 19 1.95 -32.40 41.32
CA LYS B 19 0.83 -32.19 42.21
C LYS B 19 1.31 -31.86 43.62
N GLN B 20 2.33 -32.58 44.12
CA GLN B 20 2.84 -32.31 45.46
C GLN B 20 3.50 -30.93 45.57
N ASP B 21 4.09 -30.45 44.48
CA ASP B 21 4.77 -29.16 44.46
C ASP B 21 3.83 -27.99 44.20
N GLY B 22 2.57 -28.26 43.91
CA GLY B 22 1.63 -27.20 43.64
C GLY B 22 1.90 -26.43 42.36
N VAL B 23 2.31 -27.11 41.29
CA VAL B 23 2.54 -26.45 40.01
C VAL B 23 1.57 -27.02 39.00
N GLU B 24 1.19 -26.20 38.02
CA GLU B 24 0.23 -26.61 37.02
C GLU B 24 0.95 -27.18 35.81
N THR B 25 0.31 -28.14 35.15
CA THR B 25 0.84 -28.76 33.95
C THR B 25 -0.13 -28.47 32.80
N VAL B 26 0.24 -28.98 31.63
CA VAL B 26 -0.62 -28.90 30.46
C VAL B 26 -1.91 -29.68 30.70
N TRP B 27 -1.82 -30.80 31.43
CA TRP B 27 -3.03 -31.55 31.77
C TRP B 27 -3.97 -30.72 32.64
N ASP B 28 -3.42 -30.01 33.63
CA ASP B 28 -4.24 -29.15 34.50
C ASP B 28 -4.92 -28.04 33.71
N ARG B 29 -4.19 -27.40 32.79
CA ARG B 29 -4.78 -26.34 31.98
C ARG B 29 -5.85 -26.89 31.05
N LYS B 30 -5.62 -28.09 30.50
CA LYS B 30 -6.65 -28.74 29.68
C LYS B 30 -7.91 -28.99 30.49
N ALA B 31 -7.75 -29.44 31.74
CA ALA B 31 -8.91 -29.62 32.61
C ALA B 31 -9.61 -28.29 32.88
N ASP B 32 -8.82 -27.23 33.12
CA ASP B 32 -9.41 -25.92 33.39
C ASP B 32 -10.18 -25.39 32.19
N MET B 33 -9.76 -25.74 30.98
CA MET B 33 -10.48 -25.29 29.81
C MET B 33 -11.86 -25.93 29.70
N LYS B 34 -12.09 -27.06 30.37
CA LYS B 34 -13.39 -27.75 30.36
C LYS B 34 -13.91 -28.01 28.95
N VAL B 35 -15.22 -27.90 28.75
CA VAL B 35 -15.81 -28.17 27.44
C VAL B 35 -15.39 -27.05 26.48
N GLN B 36 -14.61 -27.42 25.46
CA GLN B 36 -14.12 -26.43 24.51
C GLN B 36 -15.23 -26.02 23.55
N CYS B 37 -15.08 -24.81 22.99
CA CYS B 37 -16.14 -24.24 22.18
C CYS B 37 -16.49 -25.15 20.99
N GLY B 38 -17.78 -25.46 20.87
CA GLY B 38 -18.22 -26.33 19.79
C GLY B 38 -18.01 -25.73 18.41
N PHE B 39 -18.25 -24.41 18.28
CA PHE B 39 -18.08 -23.75 16.98
C PHE B 39 -16.63 -23.82 16.52
N GLY B 40 -15.70 -23.48 17.42
CA GLY B 40 -14.29 -23.57 17.08
C GLY B 40 -13.83 -25.00 16.83
N SER B 41 -14.37 -25.94 17.60
CA SER B 41 -14.01 -27.35 17.42
C SER B 41 -14.45 -27.86 16.05
N ALA B 42 -15.61 -27.42 15.57
CA ALA B 42 -16.09 -27.83 14.26
C ALA B 42 -15.53 -26.97 13.12
N GLY B 43 -14.87 -25.86 13.43
CA GLY B 43 -14.31 -25.00 12.41
C GLY B 43 -15.30 -24.06 11.74
N VAL B 44 -16.49 -23.87 12.33
CA VAL B 44 -17.54 -23.03 11.76
C VAL B 44 -17.52 -21.62 12.33
N CYS B 45 -16.48 -21.25 13.08
CA CYS B 45 -16.32 -19.89 13.56
C CYS B 45 -15.34 -19.16 12.66
N CYS B 46 -15.63 -17.90 12.36
CA CYS B 46 -14.76 -17.10 11.52
C CYS B 46 -14.47 -15.77 12.19
N ARG B 47 -13.20 -15.33 12.10
CA ARG B 47 -12.81 -14.03 12.62
C ARG B 47 -11.94 -13.29 11.62
N ASN B 48 -12.10 -13.58 10.33
CA ASN B 48 -11.21 -13.03 9.32
C ASN B 48 -11.42 -11.55 9.04
N CYS B 49 -12.50 -10.95 9.54
CA CYS B 49 -12.68 -9.50 9.39
C CYS B 49 -13.43 -8.98 10.61
N SER B 50 -13.39 -7.66 10.80
CA SER B 50 -13.99 -7.06 11.99
C SER B 50 -15.50 -6.85 11.84
N MET B 51 -16.10 -7.22 10.70
CA MET B 51 -17.55 -7.39 10.70
C MET B 51 -17.94 -8.52 11.66
N GLY B 52 -17.13 -9.58 11.73
CA GLY B 52 -17.36 -10.66 12.67
C GLY B 52 -17.05 -10.28 14.11
N PRO B 53 -16.90 -11.28 15.01
CA PRO B 53 -16.85 -12.74 14.74
C PRO B 53 -18.17 -13.34 14.25
N CYS B 54 -18.10 -14.31 13.33
CA CYS B 54 -19.28 -15.00 12.81
C CYS B 54 -19.18 -16.47 13.15
N ARG B 55 -20.28 -17.04 13.62
CA ARG B 55 -20.39 -18.47 13.82
C ARG B 55 -21.65 -18.94 13.12
N VAL B 56 -21.50 -19.97 12.32
CA VAL B 56 -22.58 -20.59 11.61
C VAL B 56 -22.79 -21.99 12.18
N SER B 57 -23.94 -22.57 11.91
CA SER B 57 -24.29 -23.85 12.49
C SER B 57 -23.39 -24.96 11.95
N PRO B 58 -22.81 -25.80 12.82
CA PRO B 58 -22.11 -27.00 12.33
C PRO B 58 -23.06 -28.04 11.74
N VAL B 59 -24.36 -27.89 11.97
CA VAL B 59 -25.38 -28.81 11.46
C VAL B 59 -26.08 -28.12 10.28
N PRO B 60 -25.92 -28.61 9.05
CA PRO B 60 -26.60 -27.94 7.92
C PRO B 60 -28.12 -28.01 8.05
N GLY B 61 -28.78 -26.95 7.57
CA GLY B 61 -30.22 -26.88 7.59
C GLY B 61 -30.82 -26.36 8.87
N LYS B 62 -30.00 -26.03 9.87
CA LYS B 62 -30.46 -25.55 11.16
C LYS B 62 -29.66 -24.31 11.53
N GLY B 63 -30.32 -23.38 12.23
CA GLY B 63 -29.62 -22.21 12.76
C GLY B 63 -29.11 -21.25 11.69
N VAL B 64 -28.13 -20.44 12.08
CA VAL B 64 -27.52 -19.47 11.19
C VAL B 64 -26.69 -20.19 10.15
N GLU B 65 -26.91 -19.86 8.88
CA GLU B 65 -26.26 -20.54 7.78
C GLU B 65 -25.02 -19.82 7.25
N ARG B 66 -25.03 -18.49 7.22
CA ARG B 66 -23.95 -17.76 6.60
C ARG B 66 -23.40 -16.69 7.55
N GLY B 67 -22.12 -16.40 7.39
CA GLY B 67 -21.53 -15.27 8.05
C GLY B 67 -22.11 -13.98 7.47
N ILE B 68 -21.66 -12.86 8.04
CA ILE B 68 -22.20 -11.55 7.67
C ILE B 68 -21.93 -11.23 6.21
N CYS B 69 -20.73 -11.55 5.73
CA CYS B 69 -20.37 -11.39 4.33
C CYS B 69 -21.08 -12.37 3.40
N GLY B 70 -21.77 -13.37 3.95
CA GLY B 70 -22.42 -14.41 3.17
C GLY B 70 -21.66 -15.72 3.04
N ALA B 71 -20.52 -15.87 3.71
CA ALA B 71 -19.72 -17.08 3.61
C ALA B 71 -20.41 -18.27 4.28
N THR B 72 -20.45 -19.42 3.58
CA THR B 72 -21.08 -20.62 4.10
C THR B 72 -20.18 -21.34 5.10
N ALA B 73 -20.74 -22.38 5.73
CA ALA B 73 -19.94 -23.18 6.64
C ALA B 73 -18.77 -23.82 5.91
N ASP B 74 -19.00 -24.31 4.69
CA ASP B 74 -17.91 -24.90 3.92
C ASP B 74 -16.80 -23.89 3.64
N VAL B 75 -17.17 -22.64 3.30
CA VAL B 75 -16.17 -21.61 3.05
C VAL B 75 -15.37 -21.32 4.32
N ILE B 76 -16.06 -21.17 5.45
CA ILE B 76 -15.38 -20.85 6.71
C ILE B 76 -14.44 -21.98 7.11
N VAL B 77 -14.91 -23.22 6.99
CA VAL B 77 -14.09 -24.38 7.32
C VAL B 77 -12.87 -24.45 6.41
N SER B 78 -13.08 -24.29 5.09
CA SER B 78 -11.97 -24.42 4.15
C SER B 78 -10.92 -23.34 4.38
N ARG B 79 -11.35 -22.10 4.65
CA ARG B 79 -10.39 -21.03 4.92
C ARG B 79 -9.61 -21.29 6.21
N ASN B 80 -10.29 -21.74 7.27
CA ASN B 80 -9.60 -22.07 8.52
C ASN B 80 -8.56 -23.17 8.29
N PHE B 81 -8.93 -24.21 7.56
CA PHE B 81 -8.00 -25.28 7.26
C PHE B 81 -6.79 -24.77 6.46
N ALA B 82 -7.05 -23.93 5.46
CA ALA B 82 -5.98 -23.38 4.64
C ALA B 82 -5.01 -22.55 5.46
N ARG B 83 -5.52 -21.77 6.41
CA ARG B 83 -4.64 -20.97 7.25
C ARG B 83 -3.80 -21.84 8.17
N MET B 84 -4.37 -22.95 8.66
CA MET B 84 -3.52 -23.88 9.42
C MET B 84 -2.38 -24.43 8.56
N VAL B 85 -2.69 -24.81 7.32
CA VAL B 85 -1.65 -25.30 6.42
C VAL B 85 -0.60 -24.22 6.18
N ALA B 86 -1.03 -22.98 5.96
CA ALA B 86 -0.09 -21.89 5.70
C ALA B 86 0.81 -21.64 6.91
N ALA B 87 0.26 -21.71 8.12
CA ALA B 87 1.07 -21.52 9.31
C ALA B 87 2.12 -22.63 9.46
N GLY B 88 1.70 -23.89 9.26
CA GLY B 88 2.65 -24.99 9.33
C GLY B 88 3.76 -24.89 8.28
N THR B 89 3.37 -24.53 7.06
CA THR B 89 4.34 -24.32 5.99
C THR B 89 5.30 -23.21 6.37
N ALA B 90 4.80 -22.12 6.98
CA ALA B 90 5.67 -21.03 7.38
C ALA B 90 6.70 -21.48 8.41
N ALA B 91 6.27 -22.24 9.42
CA ALA B 91 7.21 -22.72 10.42
C ALA B 91 8.32 -23.56 9.78
N HIS B 92 7.93 -24.55 8.97
CA HIS B 92 8.95 -25.40 8.36
C HIS B 92 9.86 -24.63 7.39
N SER B 93 9.28 -23.70 6.62
CA SER B 93 10.05 -22.94 5.65
C SER B 93 11.00 -21.98 6.32
N ASP B 94 10.61 -21.40 7.44
CA ASP B 94 11.54 -20.53 8.17
C ASP B 94 12.71 -21.34 8.72
N HIS B 95 12.43 -22.56 9.22
CA HIS B 95 13.52 -23.44 9.64
C HIS B 95 14.49 -23.71 8.48
N GLY B 96 13.96 -24.12 7.33
CA GLY B 96 14.81 -24.40 6.18
C GLY B 96 15.56 -23.17 5.68
N ARG B 97 14.93 -22.00 5.75
CA ARG B 97 15.59 -20.76 5.34
C ARG B 97 16.78 -20.45 6.23
N SER B 98 16.64 -20.63 7.55
CA SER B 98 17.78 -20.44 8.45
C SER B 98 18.90 -21.42 8.11
N ILE B 99 18.55 -22.68 7.82
CA ILE B 99 19.59 -23.65 7.45
C ILE B 99 20.30 -23.23 6.17
N ALA B 100 19.55 -22.77 5.17
CA ALA B 100 20.19 -22.35 3.93
C ALA B 100 21.10 -21.16 4.15
N LEU B 101 20.67 -20.20 4.96
CA LEU B 101 21.52 -19.05 5.27
C LEU B 101 22.80 -19.49 5.99
N SER B 102 22.68 -20.47 6.90
CA SER B 102 23.89 -21.01 7.54
C SER B 102 24.80 -21.66 6.52
N LEU B 103 24.22 -22.39 5.57
CA LEU B 103 25.05 -23.00 4.52
C LEU B 103 25.77 -21.91 3.73
N TYR B 104 25.08 -20.81 3.44
CA TYR B 104 25.70 -19.74 2.67
C TYR B 104 26.90 -19.13 3.37
N HIS B 105 26.97 -19.22 4.71
CA HIS B 105 28.06 -18.61 5.46
C HIS B 105 29.14 -19.60 5.89
N THR B 106 29.13 -20.82 5.33
CA THR B 106 30.15 -21.81 5.70
C THR B 106 31.53 -21.40 5.17
N SER B 107 32.56 -21.75 5.93
CA SER B 107 33.93 -21.47 5.52
C SER B 107 34.82 -22.56 6.07
N LYS B 108 36.00 -22.69 5.48
CA LYS B 108 36.95 -23.71 5.90
C LYS B 108 37.39 -23.50 7.34
N ASP B 109 37.69 -22.26 7.73
CA ASP B 109 38.20 -21.95 9.05
C ASP B 109 37.15 -21.36 9.99
N GLY B 110 35.87 -21.42 9.62
CA GLY B 110 34.81 -20.88 10.44
C GLY B 110 34.20 -21.90 11.38
N ASP B 111 33.22 -21.43 12.15
CA ASP B 111 32.51 -22.31 13.08
C ASP B 111 31.65 -23.33 12.35
N ILE B 112 31.10 -22.96 11.19
CA ILE B 112 30.22 -23.82 10.41
C ILE B 112 30.99 -24.25 9.17
N LYS B 113 31.21 -25.55 9.03
CA LYS B 113 31.97 -26.12 7.93
C LYS B 113 31.08 -27.07 7.13
N VAL B 114 31.68 -27.70 6.12
CA VAL B 114 31.04 -28.76 5.36
C VAL B 114 31.63 -30.06 5.85
N LYS B 115 30.77 -30.92 6.42
CA LYS B 115 31.24 -32.19 6.99
C LYS B 115 30.97 -33.38 6.11
N ASP B 116 30.07 -33.26 5.13
CA ASP B 116 29.74 -34.35 4.21
C ASP B 116 29.85 -33.81 2.80
N GLU B 117 31.05 -33.94 2.21
CA GLU B 117 31.30 -33.39 0.89
C GLU B 117 30.59 -34.19 -0.20
N ASN B 118 30.48 -35.52 -0.03
CA ASN B 118 29.78 -36.33 -1.02
C ASN B 118 28.30 -35.95 -1.09
N LYS B 119 27.68 -35.76 0.07
CA LYS B 119 26.30 -35.31 0.12
C LYS B 119 26.14 -33.95 -0.55
N LEU B 120 27.07 -33.04 -0.29
CA LEU B 120 27.02 -31.72 -0.93
C LEU B 120 27.13 -31.83 -2.44
N LYS B 121 28.01 -32.71 -2.93
CA LYS B 121 28.15 -32.86 -4.38
C LYS B 121 26.89 -33.43 -5.00
N GLU B 122 26.26 -34.41 -4.35
CA GLU B 122 25.00 -34.94 -4.87
C GLU B 122 23.90 -33.88 -4.87
N VAL B 123 23.81 -33.10 -3.80
CA VAL B 123 22.84 -32.01 -3.74
C VAL B 123 23.10 -30.97 -4.83
N ALA B 124 24.37 -30.67 -5.06
CA ALA B 124 24.75 -29.73 -6.11
C ALA B 124 24.36 -30.24 -7.48
N LYS B 125 24.50 -31.55 -7.68
CA LYS B 125 23.99 -32.18 -8.90
C LYS B 125 22.49 -31.98 -9.02
N SER B 126 21.76 -32.12 -7.90
CA SER B 126 20.31 -31.92 -7.93
C SER B 126 19.94 -30.46 -8.22
N PHE B 127 20.82 -29.50 -7.89
CA PHE B 127 20.55 -28.09 -8.12
C PHE B 127 21.26 -27.55 -9.36
N ASN B 128 21.79 -28.42 -10.21
CA ASN B 128 22.50 -27.99 -11.41
C ASN B 128 23.67 -27.07 -11.07
N VAL B 129 24.43 -27.41 -10.03
CA VAL B 129 25.62 -26.67 -9.62
C VAL B 129 26.82 -27.51 -9.99
N GLU B 130 27.76 -26.92 -10.74
CA GLU B 130 28.96 -27.64 -11.14
C GLU B 130 29.86 -27.90 -9.94
N THR B 131 30.54 -29.06 -9.95
CA THR B 131 31.34 -29.49 -8.81
C THR B 131 32.78 -29.85 -9.21
N GLU B 132 32.96 -30.31 -10.45
CA GLU B 132 34.25 -30.84 -10.86
C GLU B 132 35.32 -29.75 -10.86
N GLY B 133 36.44 -30.04 -10.20
CA GLY B 133 37.53 -29.09 -10.14
C GLY B 133 37.16 -27.78 -9.49
N ARG B 134 36.36 -27.81 -8.43
CA ARG B 134 35.92 -26.61 -7.75
C ARG B 134 36.18 -26.72 -6.26
N ASP B 135 36.39 -25.56 -5.64
CA ASP B 135 36.53 -25.50 -4.19
C ASP B 135 35.21 -25.90 -3.52
N ILE B 136 35.32 -26.63 -2.41
CA ILE B 136 34.12 -27.20 -1.79
C ILE B 136 33.22 -26.10 -1.26
N TYR B 137 33.79 -25.00 -0.73
CA TYR B 137 32.98 -23.94 -0.17
C TYR B 137 32.37 -23.04 -1.24
N ASP B 138 33.02 -22.91 -2.40
CA ASP B 138 32.36 -22.26 -3.54
C ASP B 138 31.11 -23.03 -3.96
N ILE B 139 31.24 -24.35 -4.03
CA ILE B 139 30.08 -25.21 -4.33
C ILE B 139 29.01 -25.03 -3.27
N ALA B 140 29.40 -25.01 -1.99
CA ALA B 140 28.42 -24.86 -0.93
C ALA B 140 27.67 -23.55 -1.05
N HIS B 141 28.37 -22.47 -1.36
CA HIS B 141 27.72 -21.17 -1.50
C HIS B 141 26.77 -21.16 -2.70
N ASP B 142 27.18 -21.74 -3.82
CA ASP B 142 26.27 -21.81 -4.96
C ASP B 142 25.01 -22.62 -4.63
N VAL B 143 25.19 -23.76 -3.95
CA VAL B 143 24.05 -24.57 -3.55
C VAL B 143 23.13 -23.79 -2.63
N ALA B 144 23.69 -23.05 -1.67
CA ALA B 144 22.88 -22.24 -0.77
C ALA B 144 22.12 -21.17 -1.53
N LYS B 145 22.76 -20.55 -2.53
CA LYS B 145 22.06 -19.55 -3.36
C LYS B 145 20.87 -20.15 -4.08
N GLU B 146 21.05 -21.34 -4.67
CA GLU B 146 19.92 -21.99 -5.36
C GLU B 146 18.80 -22.33 -4.38
N GLY B 147 19.16 -22.84 -3.21
CA GLY B 147 18.15 -23.16 -2.21
C GLY B 147 17.39 -21.93 -1.75
N LEU B 148 18.09 -20.82 -1.52
CA LEU B 148 17.44 -19.57 -1.13
C LEU B 148 16.51 -19.07 -2.24
N SER B 149 16.94 -19.21 -3.50
CA SER B 149 16.07 -18.79 -4.59
C SER B 149 14.78 -19.61 -4.60
N ASN B 150 14.83 -20.88 -4.16
CA ASN B 150 13.59 -21.65 -4.06
C ASN B 150 12.56 -20.97 -3.15
N TYR B 151 12.99 -20.18 -2.18
CA TYR B 151 12.04 -19.56 -1.26
C TYR B 151 11.31 -18.36 -1.85
N GLY B 152 11.96 -17.57 -2.69
CA GLY B 152 11.37 -16.30 -3.09
C GLY B 152 11.47 -15.91 -4.54
N LYS B 153 11.78 -16.86 -5.43
CA LYS B 153 11.84 -16.54 -6.86
C LYS B 153 10.44 -16.21 -7.38
N GLN B 154 10.35 -15.16 -8.21
CA GLN B 154 9.09 -14.72 -8.79
C GLN B 154 8.96 -15.09 -10.27
N LEU B 155 10.06 -15.42 -10.93
CA LEU B 155 10.06 -15.87 -12.31
C LEU B 155 10.68 -17.26 -12.38
N GLY B 156 10.13 -18.11 -13.23
CA GLY B 156 10.67 -19.44 -13.42
C GLY B 156 10.07 -20.48 -12.49
N GLU B 157 10.59 -21.70 -12.65
CA GLU B 157 10.14 -22.86 -11.89
C GLU B 157 11.13 -23.16 -10.76
N VAL B 158 10.58 -23.69 -9.66
CA VAL B 158 11.39 -24.08 -8.49
C VAL B 158 12.13 -25.38 -8.77
N THR B 159 13.09 -25.71 -7.91
CA THR B 159 13.89 -26.92 -8.06
C THR B 159 13.40 -27.97 -7.07
N LEU B 160 13.14 -29.19 -7.57
CA LEU B 160 12.59 -30.27 -6.75
C LEU B 160 13.55 -31.46 -6.75
N PRO B 161 13.55 -32.27 -5.69
CA PRO B 161 14.54 -33.36 -5.60
C PRO B 161 14.34 -34.40 -6.67
N PRO B 162 15.41 -35.07 -7.12
CA PRO B 162 15.26 -36.09 -8.18
C PRO B 162 14.45 -37.32 -7.75
N SER B 163 14.28 -37.55 -6.44
CA SER B 163 13.51 -38.71 -6.01
C SER B 163 12.01 -38.57 -6.29
N LEU B 164 11.53 -37.36 -6.57
CA LEU B 164 10.12 -37.14 -6.85
C LEU B 164 9.76 -37.68 -8.23
N PRO B 165 8.80 -38.63 -8.34
CA PRO B 165 8.51 -39.22 -9.66
C PRO B 165 7.97 -38.22 -10.66
N GLU B 166 8.32 -38.45 -11.94
CA GLU B 166 7.85 -37.58 -13.01
C GLU B 166 6.34 -37.62 -13.10
N LYS B 167 5.75 -38.80 -12.88
CA LYS B 167 4.30 -38.92 -12.94
C LYS B 167 3.62 -38.06 -11.89
N ARG B 168 4.18 -38.02 -10.67
CA ARG B 168 3.60 -37.18 -9.62
C ARG B 168 3.67 -35.71 -10.00
N LYS B 169 4.79 -35.26 -10.58
CA LYS B 169 4.90 -33.87 -11.02
C LYS B 169 3.89 -33.56 -12.12
N GLU B 170 3.71 -34.46 -13.07
CA GLU B 170 2.75 -34.23 -14.13
C GLU B 170 1.33 -34.19 -13.59
N LEU B 171 1.02 -35.06 -12.63
CA LEU B 171 -0.30 -35.03 -12.00
C LEU B 171 -0.53 -33.70 -11.28
N TRP B 172 0.49 -33.20 -10.57
CA TRP B 172 0.38 -31.90 -9.90
C TRP B 172 0.12 -30.78 -10.90
N ARG B 173 0.86 -30.79 -12.02
CA ARG B 173 0.69 -29.75 -13.03
C ARG B 173 -0.72 -29.78 -13.62
N LYS B 174 -1.23 -30.98 -13.91
CA LYS B 174 -2.58 -31.09 -14.44
C LYS B 174 -3.62 -30.62 -13.43
N LEU B 175 -3.39 -30.94 -12.14
CA LEU B 175 -4.35 -30.56 -11.12
C LEU B 175 -4.29 -29.07 -10.78
N GLY B 176 -3.20 -28.39 -11.08
CA GLY B 176 -3.03 -26.99 -10.73
C GLY B 176 -2.42 -26.74 -9.37
N VAL B 177 -1.73 -27.72 -8.78
CA VAL B 177 -1.12 -27.57 -7.47
C VAL B 177 0.40 -27.64 -7.55
N TYR B 178 0.96 -27.52 -8.75
CA TYR B 178 2.41 -27.58 -8.87
C TYR B 178 3.05 -26.41 -8.11
N PRO B 179 4.00 -26.68 -7.20
CA PRO B 179 4.46 -25.63 -6.29
C PRO B 179 5.22 -24.50 -6.96
N ARG B 180 5.10 -23.30 -6.37
CA ARG B 180 5.91 -22.12 -6.65
C ARG B 180 6.82 -21.88 -5.43
N ALA B 181 7.49 -20.74 -5.40
CA ALA B 181 8.35 -20.37 -4.28
C ALA B 181 7.57 -20.41 -2.97
N VAL B 182 8.24 -20.85 -1.89
CA VAL B 182 7.55 -21.21 -0.64
C VAL B 182 6.82 -20.00 -0.07
N ASP B 183 7.53 -18.89 0.11
CA ASP B 183 6.91 -17.69 0.69
C ASP B 183 5.79 -17.17 -0.21
N ARG B 184 5.95 -17.30 -1.53
CA ARG B 184 4.89 -16.91 -2.45
C ARG B 184 3.62 -17.73 -2.22
N GLU B 185 3.75 -19.04 -1.97
CA GLU B 185 2.56 -19.87 -1.75
C GLU B 185 1.89 -19.55 -0.41
N ILE B 186 2.70 -19.29 0.63
CA ILE B 186 2.14 -18.87 1.91
C ILE B 186 1.35 -17.57 1.74
N ALA B 187 1.95 -16.61 1.02
CA ALA B 187 1.26 -15.34 0.77
C ALA B 187 -0.01 -15.55 -0.03
N ALA B 188 0.02 -16.45 -1.01
CA ALA B 188 -1.18 -16.72 -1.81
C ALA B 188 -2.32 -17.27 -0.95
N VAL B 189 -2.01 -18.20 -0.05
CA VAL B 189 -3.05 -18.75 0.83
C VAL B 189 -3.61 -17.63 1.71
N MET B 190 -2.72 -16.84 2.31
CA MET B 190 -3.19 -15.76 3.18
C MET B 190 -4.04 -14.75 2.41
N HIS B 191 -3.66 -14.46 1.17
CA HIS B 191 -4.46 -13.56 0.35
C HIS B 191 -5.84 -14.14 0.03
N SER B 192 -5.90 -15.43 -0.34
CA SER B 192 -7.19 -15.99 -0.75
C SER B 192 -8.13 -16.22 0.43
N THR B 193 -7.63 -16.32 1.65
CA THR B 193 -8.54 -16.40 2.80
C THR B 193 -9.07 -15.03 3.27
N HIS B 194 -8.57 -13.93 2.72
CA HIS B 194 -9.05 -12.59 3.11
C HIS B 194 -10.53 -12.44 2.78
N ILE B 195 -11.23 -11.59 3.57
CA ILE B 195 -12.67 -11.43 3.39
C ILE B 195 -12.96 -11.10 1.94
N GLY B 196 -13.93 -11.78 1.37
CA GLY B 196 -14.38 -11.48 0.03
C GLY B 196 -13.41 -11.90 -1.07
N CYS B 197 -12.58 -12.92 -0.84
CA CYS B 197 -11.76 -13.48 -1.91
C CYS B 197 -12.30 -14.82 -2.32
N ASN B 198 -11.84 -15.92 -1.74
CA ASN B 198 -12.12 -17.24 -2.26
C ASN B 198 -13.22 -17.81 -1.38
N ALA B 199 -14.32 -18.22 -2.00
CA ALA B 199 -15.50 -18.76 -1.35
C ALA B 199 -15.95 -20.02 -2.07
N ASP B 200 -14.97 -20.90 -2.33
CA ASP B 200 -15.22 -22.18 -2.97
C ASP B 200 -14.31 -23.21 -2.32
N ALA B 201 -14.90 -24.22 -1.68
CA ALA B 201 -14.12 -25.13 -0.84
C ALA B 201 -13.07 -25.91 -1.64
N GLU B 202 -13.42 -26.39 -2.83
CA GLU B 202 -12.48 -27.21 -3.60
C GLU B 202 -11.24 -26.42 -3.97
N ALA B 203 -11.43 -25.20 -4.46
CA ALA B 203 -10.31 -24.34 -4.84
C ALA B 203 -9.46 -24.00 -3.61
N MET B 204 -10.11 -23.77 -2.47
CA MET B 204 -9.38 -23.46 -1.25
C MET B 204 -8.50 -24.62 -0.81
N ILE B 205 -9.04 -25.85 -0.85
CA ILE B 205 -8.27 -27.03 -0.49
C ILE B 205 -7.10 -27.22 -1.46
N LYS B 206 -7.34 -26.99 -2.75
CA LYS B 206 -6.25 -27.13 -3.72
C LYS B 206 -5.14 -26.11 -3.48
N MET B 207 -5.51 -24.88 -3.11
CA MET B 207 -4.48 -23.89 -2.78
C MET B 207 -3.68 -24.34 -1.56
N SER B 208 -4.36 -24.91 -0.55
CA SER B 208 -3.65 -25.39 0.64
C SER B 208 -2.70 -26.55 0.30
N MET B 209 -3.14 -27.47 -0.57
CA MET B 209 -2.25 -28.55 -1.01
C MET B 209 -1.04 -27.99 -1.74
N ARG B 210 -1.26 -27.01 -2.62
CA ARG B 210 -0.15 -26.38 -3.33
C ARG B 210 0.84 -25.77 -2.36
N CYS B 211 0.34 -25.08 -1.34
CA CYS B 211 1.20 -24.50 -0.32
C CYS B 211 1.98 -25.57 0.44
N SER B 212 1.31 -26.66 0.83
CA SER B 212 1.97 -27.71 1.62
C SER B 212 3.07 -28.41 0.84
N LEU B 213 2.95 -28.47 -0.49
CA LEU B 213 4.01 -29.09 -1.30
C LEU B 213 5.34 -28.34 -1.15
N THR B 214 5.30 -27.00 -1.06
CA THR B 214 6.51 -26.22 -0.84
C THR B 214 7.13 -26.51 0.52
N ASP B 215 6.34 -27.02 1.46
CA ASP B 215 6.92 -27.48 2.73
C ASP B 215 7.59 -28.84 2.54
N GLY B 216 6.81 -29.83 2.06
CA GLY B 216 7.29 -31.20 2.03
C GLY B 216 8.51 -31.39 1.13
N TRP B 217 8.46 -30.84 -0.08
CA TRP B 217 9.48 -31.12 -1.07
C TRP B 217 10.54 -30.04 -1.21
N MET B 218 10.31 -28.84 -0.66
CA MET B 218 11.30 -27.77 -0.77
C MET B 218 11.85 -27.34 0.58
N GLY B 219 11.00 -26.89 1.50
CA GLY B 219 11.46 -26.36 2.77
C GLY B 219 12.07 -27.42 3.67
N SER B 220 11.27 -28.43 4.03
CA SER B 220 11.77 -29.51 4.89
C SER B 220 12.87 -30.28 4.21
N PHE B 221 12.74 -30.51 2.90
CA PHE B 221 13.75 -31.27 2.17
C PHE B 221 15.10 -30.56 2.18
N MET B 222 15.09 -29.26 1.84
CA MET B 222 16.33 -28.50 1.81
C MET B 222 16.91 -28.33 3.21
N GLY B 223 16.05 -28.13 4.20
CA GLY B 223 16.54 -28.04 5.57
C GLY B 223 17.27 -29.31 5.97
N THR B 224 16.65 -30.47 5.70
CA THR B 224 17.26 -31.74 6.04
C THR B 224 18.58 -31.97 5.31
N GLU B 225 18.60 -31.74 4.00
CA GLU B 225 19.80 -32.06 3.22
C GLU B 225 20.95 -31.09 3.56
N PHE B 226 20.65 -29.81 3.78
CA PHE B 226 21.69 -28.86 4.15
C PHE B 226 22.18 -29.14 5.57
N SER B 227 21.28 -29.57 6.47
CA SER B 227 21.71 -29.98 7.80
C SER B 227 22.64 -31.18 7.71
N ASP B 228 22.34 -32.13 6.84
CA ASP B 228 23.27 -33.23 6.62
C ASP B 228 24.62 -32.74 6.11
N ILE B 229 24.60 -31.79 5.16
CA ILE B 229 25.85 -31.28 4.60
C ILE B 229 26.70 -30.63 5.67
N MET B 230 26.09 -29.81 6.52
CA MET B 230 26.86 -29.03 7.49
C MET B 230 27.22 -29.84 8.73
N PHE B 231 26.32 -30.70 9.22
CA PHE B 231 26.50 -31.37 10.49
C PHE B 231 26.71 -32.87 10.37
N GLY B 232 26.69 -33.42 9.15
CA GLY B 232 26.93 -34.84 8.98
C GLY B 232 25.66 -35.63 8.74
N THR B 233 25.73 -36.58 7.81
CA THR B 233 24.61 -37.47 7.55
C THR B 233 24.45 -38.44 8.71
N PRO B 234 23.25 -38.61 9.27
CA PRO B 234 23.08 -39.55 10.39
C PRO B 234 23.38 -40.98 9.98
N HIS B 235 23.96 -41.73 10.91
CA HIS B 235 24.15 -43.17 10.75
C HIS B 235 23.66 -43.86 12.02
N SER B 236 23.55 -45.18 11.96
CA SER B 236 23.01 -45.92 13.10
C SER B 236 23.87 -45.63 14.33
N ILE B 237 23.19 -45.26 15.42
CA ILE B 237 23.85 -44.80 16.64
C ILE B 237 22.97 -45.13 17.83
N ASP B 238 23.60 -45.44 18.96
CA ASP B 238 22.90 -45.75 20.20
C ASP B 238 22.68 -44.50 21.03
N THR B 239 21.61 -44.51 21.82
CA THR B 239 21.32 -43.41 22.73
C THR B 239 20.42 -43.94 23.84
N GLU B 240 20.09 -43.08 24.78
CA GLU B 240 19.16 -43.37 25.85
C GLU B 240 18.03 -42.34 25.83
N ALA B 241 16.84 -42.77 26.26
CA ALA B 241 15.64 -41.95 26.16
C ALA B 241 14.90 -41.97 27.49
N ASN B 242 14.05 -40.95 27.67
CA ASN B 242 13.17 -40.69 28.81
C ASN B 242 13.87 -39.93 29.93
N LEU B 243 13.07 -39.45 30.90
CA LEU B 243 13.56 -38.47 31.87
C LEU B 243 14.64 -39.00 32.78
N GLY B 244 14.82 -40.32 32.85
CA GLY B 244 15.85 -40.90 33.67
C GLY B 244 17.26 -40.52 33.25
N VAL B 245 17.43 -39.98 32.04
CA VAL B 245 18.75 -39.61 31.56
C VAL B 245 19.33 -38.42 32.32
N LEU B 246 18.52 -37.68 33.08
CA LEU B 246 19.04 -36.58 33.88
C LEU B 246 19.93 -37.11 35.00
N GLU B 247 20.99 -36.38 35.32
CA GLU B 247 21.95 -36.77 36.34
C GLU B 247 21.79 -35.85 37.55
N LYS B 248 21.68 -36.45 38.73
CA LYS B 248 21.59 -35.63 39.94
C LYS B 248 22.89 -34.90 40.21
N ASN B 249 24.02 -35.57 40.01
CA ASN B 249 25.34 -35.03 40.38
C ASN B 249 26.03 -34.28 39.26
N SER B 250 25.37 -34.07 38.13
CA SER B 250 25.97 -33.34 37.02
C SER B 250 25.11 -32.13 36.66
N VAL B 251 25.75 -31.15 36.01
CA VAL B 251 24.99 -30.07 35.41
C VAL B 251 24.07 -30.67 34.35
N ASN B 252 22.79 -30.28 34.36
CA ASN B 252 21.82 -30.78 33.39
C ASN B 252 21.42 -29.62 32.47
N VAL B 253 21.71 -29.76 31.19
CA VAL B 253 21.40 -28.76 30.18
C VAL B 253 20.46 -29.41 29.17
N VAL B 254 19.26 -28.88 29.07
CA VAL B 254 18.21 -29.45 28.23
C VAL B 254 18.00 -28.52 27.06
N LEU B 255 18.17 -29.06 25.84
CA LEU B 255 17.99 -28.32 24.60
C LEU B 255 16.61 -28.64 24.05
N HIS B 256 15.76 -27.62 23.92
CA HIS B 256 14.38 -27.77 23.49
C HIS B 256 14.15 -26.86 22.29
N GLY B 257 13.37 -27.33 21.31
CA GLY B 257 13.13 -26.53 20.12
C GLY B 257 13.37 -27.28 18.82
N HIS B 258 13.69 -26.55 17.74
CA HIS B 258 13.77 -27.17 16.42
C HIS B 258 15.02 -26.84 15.61
N GLU B 259 15.61 -25.66 15.79
CA GLU B 259 16.69 -25.23 14.89
C GLU B 259 18.03 -25.87 15.31
N PRO B 260 18.70 -26.60 14.42
CA PRO B 260 19.82 -27.45 14.86
C PRO B 260 21.14 -26.71 15.05
N LEU B 261 21.34 -25.53 14.48
CA LEU B 261 22.66 -24.90 14.59
C LEU B 261 23.00 -24.60 16.04
N LEU B 262 22.05 -24.07 16.81
CA LEU B 262 22.32 -23.77 18.21
C LEU B 262 22.67 -25.02 19.00
N SER B 263 21.92 -26.11 18.81
CA SER B 263 22.17 -27.33 19.57
C SER B 263 23.50 -27.96 19.15
N GLU B 264 23.83 -27.89 17.87
CA GLU B 264 25.14 -28.37 17.42
C GLU B 264 26.26 -27.57 18.09
N MET B 265 26.13 -26.25 18.14
CA MET B 265 27.16 -25.43 18.80
C MET B 265 27.22 -25.69 20.30
N VAL B 266 26.08 -25.95 20.94
CA VAL B 266 26.08 -26.29 22.37
C VAL B 266 26.78 -27.61 22.61
N VAL B 267 26.53 -28.61 21.74
CA VAL B 267 27.22 -29.89 21.88
C VAL B 267 28.72 -29.69 21.74
N GLU B 268 29.14 -28.89 20.75
CA GLU B 268 30.56 -28.61 20.60
C GLU B 268 31.13 -27.86 21.80
N ALA B 269 30.39 -26.90 22.34
CA ALA B 269 30.86 -26.14 23.48
C ALA B 269 30.98 -27.02 24.73
N ALA B 270 30.14 -28.04 24.86
CA ALA B 270 30.20 -28.89 26.05
C ALA B 270 31.53 -29.62 26.20
N SER B 271 32.28 -29.82 25.13
CA SER B 271 33.60 -30.43 25.19
C SER B 271 34.71 -29.40 25.37
N ASP B 272 34.37 -28.12 25.50
CA ASP B 272 35.40 -27.11 25.71
C ASP B 272 36.09 -27.32 27.07
N PRO B 273 37.43 -27.36 27.12
CA PRO B 273 38.10 -27.63 28.41
C PRO B 273 37.77 -26.64 29.49
N GLU B 274 37.63 -25.35 29.15
CA GLU B 274 37.31 -24.38 30.19
C GLU B 274 35.93 -24.62 30.79
N LEU B 275 34.94 -24.97 29.96
CA LEU B 275 33.59 -25.22 30.48
C LEU B 275 33.53 -26.50 31.30
N VAL B 276 34.27 -27.54 30.88
CA VAL B 276 34.31 -28.77 31.68
C VAL B 276 34.96 -28.49 33.03
N GLU B 277 36.06 -27.71 33.03
CA GLU B 277 36.69 -27.33 34.29
C GLU B 277 35.74 -26.50 35.15
N LEU B 278 34.99 -25.59 34.55
CA LEU B 278 34.03 -24.79 35.30
C LEU B 278 32.93 -25.66 35.91
N ALA B 279 32.44 -26.64 35.16
CA ALA B 279 31.44 -27.55 35.71
C ALA B 279 32.01 -28.32 36.90
N LYS B 280 33.27 -28.75 36.81
CA LYS B 280 33.91 -29.39 37.96
C LYS B 280 34.03 -28.43 39.14
N SER B 281 34.34 -27.17 38.86
CA SER B 281 34.58 -26.22 39.95
C SER B 281 33.28 -25.81 40.64
N VAL B 282 32.13 -25.88 39.96
CA VAL B 282 30.87 -25.53 40.61
C VAL B 282 30.34 -26.73 41.38
N GLY B 283 31.12 -27.82 41.44
CA GLY B 283 30.76 -28.95 42.25
C GLY B 283 30.02 -30.06 41.53
N ALA B 284 29.99 -30.04 40.21
CA ALA B 284 29.33 -31.09 39.44
C ALA B 284 30.35 -32.06 38.87
N ASP B 285 29.90 -33.29 38.62
CA ASP B 285 30.76 -34.31 38.01
C ASP B 285 31.10 -33.96 36.57
N GLY B 286 30.16 -33.36 35.85
CA GLY B 286 30.41 -33.00 34.48
C GLY B 286 29.19 -32.31 33.90
N ILE B 287 29.13 -32.24 32.57
CA ILE B 287 28.04 -31.63 31.85
C ILE B 287 27.22 -32.75 31.21
N ASN B 288 25.92 -32.74 31.44
CA ASN B 288 25.00 -33.73 30.89
C ASN B 288 24.03 -32.97 29.99
N LEU B 289 24.26 -33.06 28.68
CA LEU B 289 23.37 -32.49 27.67
C LEU B 289 22.27 -33.50 27.37
N CYS B 290 21.02 -33.04 27.40
CA CYS B 290 19.87 -33.84 27.05
C CYS B 290 19.01 -33.02 26.09
N GLY B 291 18.36 -33.70 25.16
CA GLY B 291 17.56 -33.02 24.16
C GLY B 291 16.10 -33.34 24.29
N MET B 292 15.23 -32.45 23.81
CA MET B 292 13.80 -32.67 23.79
C MET B 292 13.24 -32.26 22.43
N CYS B 293 12.20 -32.97 22.01
CA CYS B 293 11.48 -32.67 20.75
C CYS B 293 12.48 -32.75 19.59
N CYS B 294 12.34 -31.87 18.60
CA CYS B 294 13.06 -32.05 17.32
C CYS B 294 14.53 -31.69 17.43
N THR B 295 14.89 -30.68 18.21
CA THR B 295 16.31 -30.40 18.39
C THR B 295 17.00 -31.55 19.09
N GLY B 296 16.32 -32.15 20.08
CA GLY B 296 16.81 -33.38 20.66
C GLY B 296 16.93 -34.48 19.63
N ASN B 297 15.95 -34.59 18.72
CA ASN B 297 16.06 -35.59 17.66
C ASN B 297 17.28 -35.37 16.78
N GLU B 298 17.54 -34.11 16.40
CA GLU B 298 18.70 -33.82 15.54
C GLU B 298 20.01 -34.18 16.22
N VAL B 299 20.22 -33.68 17.44
CA VAL B 299 21.51 -33.94 18.09
C VAL B 299 21.63 -35.42 18.45
N SER B 300 20.51 -36.11 18.67
CA SER B 300 20.55 -37.53 18.95
C SER B 300 20.85 -38.35 17.70
N MET B 301 20.26 -37.97 16.56
CA MET B 301 20.55 -38.65 15.31
C MET B 301 22.01 -38.51 14.92
N ARG B 302 22.60 -37.34 15.18
CA ARG B 302 23.95 -37.09 14.70
C ARG B 302 25.05 -37.33 15.74
N HIS B 303 24.74 -37.35 17.02
CA HIS B 303 25.77 -37.51 18.04
C HIS B 303 25.38 -38.45 19.17
N GLY B 304 24.17 -38.99 19.18
CA GLY B 304 23.78 -39.86 20.27
C GLY B 304 23.45 -39.13 21.55
N ILE B 305 23.13 -37.84 21.48
CA ILE B 305 22.73 -37.09 22.68
C ILE B 305 21.47 -37.72 23.25
N LYS B 306 21.44 -37.92 24.56
CA LYS B 306 20.28 -38.54 25.20
C LYS B 306 19.04 -37.68 25.04
N ILE B 307 17.89 -38.35 24.84
CA ILE B 307 16.63 -37.66 24.64
C ILE B 307 15.87 -37.65 25.96
N ALA B 308 15.61 -36.47 26.49
CA ALA B 308 14.92 -36.36 27.77
C ALA B 308 13.43 -36.65 27.64
N GLY B 309 12.79 -36.22 26.56
CA GLY B 309 11.37 -36.47 26.36
C GLY B 309 10.80 -35.66 25.21
N ASN B 310 9.54 -35.99 24.85
CA ASN B 310 8.82 -35.34 23.75
C ASN B 310 7.96 -34.19 24.28
N PHE B 311 7.05 -33.69 23.44
CA PHE B 311 6.34 -32.42 23.66
C PHE B 311 5.72 -32.35 25.05
N MET B 312 4.75 -33.20 25.36
CA MET B 312 4.01 -33.03 26.62
C MET B 312 4.83 -33.41 27.85
N GLN B 313 6.10 -33.77 27.71
CA GLN B 313 6.97 -33.98 28.86
C GLN B 313 7.85 -32.78 29.22
N GLN B 314 7.86 -31.74 28.38
CA GLN B 314 8.82 -30.66 28.61
C GLN B 314 8.67 -30.09 30.02
N GLU B 315 7.45 -29.75 30.43
CA GLU B 315 7.25 -29.22 31.79
C GLU B 315 7.78 -30.17 32.86
N LEU B 316 7.50 -31.48 32.69
CA LEU B 316 7.93 -32.45 33.69
C LEU B 316 9.43 -32.51 33.80
N ALA B 317 10.15 -32.19 32.72
CA ALA B 317 11.61 -32.14 32.85
C ALA B 317 12.01 -31.13 33.92
N VAL B 318 11.35 -29.97 33.96
CA VAL B 318 11.64 -28.99 35.01
C VAL B 318 11.15 -29.48 36.37
N VAL B 319 10.09 -30.28 36.39
CA VAL B 319 9.49 -30.71 37.67
C VAL B 319 10.47 -31.58 38.46
N THR B 320 11.41 -32.25 37.77
CA THR B 320 12.44 -33.04 38.45
C THR B 320 13.25 -32.19 39.42
N GLY B 321 13.37 -30.89 39.15
CA GLY B 321 14.23 -30.04 39.93
C GLY B 321 15.71 -30.17 39.64
N ALA B 322 16.08 -30.85 38.56
CA ALA B 322 17.48 -31.10 38.24
C ALA B 322 17.97 -30.37 36.98
N VAL B 323 17.08 -29.70 36.24
CA VAL B 323 17.46 -28.99 35.02
C VAL B 323 18.11 -27.67 35.42
N ASP B 324 19.43 -27.58 35.27
CA ASP B 324 20.14 -26.33 35.54
C ASP B 324 19.96 -25.31 34.44
N GLY B 325 19.87 -25.75 33.20
CA GLY B 325 19.61 -24.84 32.11
C GLY B 325 18.66 -25.45 31.10
N LEU B 326 17.71 -24.65 30.63
CA LEU B 326 16.76 -25.06 29.61
C LEU B 326 16.86 -24.04 28.48
N ILE B 327 17.53 -24.42 27.40
CA ILE B 327 17.85 -23.55 26.29
C ILE B 327 16.88 -23.88 25.16
N VAL B 328 16.10 -22.88 24.73
CA VAL B 328 15.07 -23.09 23.72
C VAL B 328 15.28 -22.13 22.55
N ASP B 329 14.99 -22.60 21.33
CA ASP B 329 15.07 -21.69 20.18
C ASP B 329 13.68 -21.25 19.67
N VAL B 330 12.88 -22.14 19.07
CA VAL B 330 11.60 -21.77 18.44
C VAL B 330 10.73 -23.02 18.36
N GLN B 331 9.40 -22.83 18.35
CA GLN B 331 8.39 -23.83 17.99
C GLN B 331 8.19 -24.87 19.10
N CYS B 332 6.93 -25.14 19.45
CA CYS B 332 6.56 -26.19 20.41
C CYS B 332 7.21 -25.99 21.78
N ILE B 333 7.48 -24.74 22.14
CA ILE B 333 8.03 -24.39 23.44
C ILE B 333 6.85 -23.82 24.22
N MET B 334 6.30 -24.60 25.15
CA MET B 334 5.16 -24.15 25.92
C MET B 334 5.54 -22.87 26.68
N PRO B 335 4.84 -21.76 26.48
CA PRO B 335 5.19 -20.54 27.23
C PRO B 335 5.03 -20.71 28.73
N ALA B 336 4.19 -21.64 29.18
CA ALA B 336 4.04 -21.88 30.60
C ALA B 336 5.37 -22.22 31.27
N LEU B 337 6.35 -22.73 30.52
CA LEU B 337 7.67 -22.98 31.10
C LEU B 337 8.21 -21.76 31.83
N ALA B 338 8.02 -20.57 31.26
CA ALA B 338 8.50 -19.36 31.92
C ALA B 338 7.95 -19.23 33.34
N LYS B 339 6.65 -19.45 33.51
CA LYS B 339 6.08 -19.46 34.85
C LYS B 339 6.65 -20.61 35.67
N LEU B 340 6.71 -21.80 35.08
CA LEU B 340 7.06 -23.00 35.84
C LEU B 340 8.48 -22.92 36.41
N SER B 341 9.43 -22.39 35.64
CA SER B 341 10.82 -22.28 36.07
C SER B 341 10.99 -21.35 37.27
N LYS B 342 9.99 -20.52 37.58
CA LYS B 342 10.05 -19.69 38.78
C LYS B 342 9.99 -20.54 40.04
N SER B 343 9.32 -21.69 39.98
CA SER B 343 9.19 -22.58 41.13
C SER B 343 10.45 -23.42 41.37
N TYR B 344 11.45 -23.32 40.49
CA TYR B 344 12.69 -24.06 40.65
C TYR B 344 13.83 -23.09 40.36
N HIS B 345 15.06 -23.59 40.43
CA HIS B 345 16.24 -22.79 40.15
C HIS B 345 16.51 -22.65 38.66
N THR B 346 15.73 -23.34 37.81
CA THR B 346 16.05 -23.45 36.40
C THR B 346 16.15 -22.12 35.68
N LYS B 347 17.21 -21.96 34.89
CA LYS B 347 17.35 -20.83 33.97
C LYS B 347 16.66 -21.22 32.66
N PHE B 348 15.57 -20.54 32.35
CA PHE B 348 14.84 -20.72 31.11
C PHE B 348 15.35 -19.68 30.12
N ILE B 349 16.14 -20.12 29.13
CA ILE B 349 16.90 -19.22 28.26
C ILE B 349 16.31 -19.28 26.86
N THR B 350 15.75 -18.16 26.40
CA THR B 350 15.38 -18.00 24.99
C THR B 350 16.57 -17.43 24.24
N THR B 351 16.73 -17.86 22.99
CA THR B 351 17.89 -17.50 22.19
C THR B 351 17.57 -16.95 20.81
N SER B 352 16.32 -16.98 20.37
CA SER B 352 15.97 -16.60 19.02
C SER B 352 15.11 -15.36 19.01
N PRO B 353 15.41 -14.38 18.14
CA PRO B 353 14.50 -13.22 18.01
C PRO B 353 13.13 -13.60 17.50
N LYS B 354 12.98 -14.76 16.84
CA LYS B 354 11.66 -15.18 16.41
C LYS B 354 10.75 -15.61 17.56
N ALA B 355 11.31 -16.05 18.69
CA ALA B 355 10.56 -16.61 19.81
C ALA B 355 11.01 -15.91 21.09
N HIS B 356 10.42 -14.76 21.38
CA HIS B 356 10.57 -14.13 22.68
C HIS B 356 9.48 -14.66 23.59
N ILE B 357 9.86 -14.98 24.83
CA ILE B 357 8.90 -15.43 25.83
C ILE B 357 9.06 -14.54 27.06
N THR B 358 7.94 -13.94 27.49
CA THR B 358 7.98 -13.01 28.60
C THR B 358 8.45 -13.72 29.87
N ASP B 359 9.26 -13.02 30.66
CA ASP B 359 9.82 -13.47 31.92
C ASP B 359 10.85 -14.61 31.79
N SER B 360 11.32 -14.89 30.58
CA SER B 360 12.44 -15.79 30.37
C SER B 360 13.70 -14.94 30.22
N ILE B 361 14.86 -15.57 30.40
CA ILE B 361 16.15 -14.92 30.24
C ILE B 361 16.53 -14.99 28.76
N TYR B 362 16.68 -13.83 28.13
CA TYR B 362 16.94 -13.77 26.70
C TYR B 362 18.44 -13.56 26.46
N MET B 363 19.07 -14.53 25.78
CA MET B 363 20.46 -14.49 25.37
C MET B 363 20.48 -14.80 23.89
N GLU B 364 20.48 -13.75 23.06
CA GLU B 364 20.34 -13.94 21.63
C GLU B 364 21.49 -14.77 21.08
N PHE B 365 21.15 -15.86 20.40
CA PHE B 365 22.16 -16.71 19.77
C PHE B 365 22.72 -15.99 18.54
N ASP B 366 24.01 -15.67 18.56
CA ASP B 366 24.68 -14.91 17.51
C ASP B 366 25.15 -15.87 16.42
N GLU B 367 24.49 -15.85 15.27
CA GLU B 367 24.87 -16.71 14.14
C GLU B 367 26.21 -16.31 13.55
N GLU B 368 26.65 -15.07 13.73
CA GLU B 368 27.94 -14.64 13.22
C GLU B 368 29.09 -15.30 13.97
N ASN B 369 28.95 -15.49 15.28
CA ASN B 369 29.95 -16.20 16.08
C ASN B 369 29.22 -17.30 16.84
N PRO B 370 28.76 -18.35 16.14
CA PRO B 370 27.90 -19.34 16.82
C PRO B 370 28.57 -20.03 18.00
N LEU B 371 29.85 -20.39 17.89
CA LEU B 371 30.49 -21.16 18.94
C LEU B 371 30.67 -20.33 20.21
N ASP B 372 31.13 -19.08 20.07
CA ASP B 372 31.31 -18.22 21.24
C ASP B 372 29.98 -17.91 21.91
N SER B 373 28.95 -17.65 21.10
CA SER B 373 27.62 -17.40 21.66
C SER B 373 27.09 -18.62 22.42
N ALA B 374 27.25 -19.81 21.83
CA ALA B 374 26.83 -21.04 22.50
C ALA B 374 27.61 -21.25 23.79
N LYS B 375 28.91 -20.94 23.79
CA LYS B 375 29.72 -21.06 25.00
C LYS B 375 29.23 -20.14 26.10
N LYS B 376 28.87 -18.91 25.75
CA LYS B 376 28.34 -17.99 26.77
C LYS B 376 27.03 -18.51 27.37
N ILE B 377 26.12 -18.98 26.52
CA ILE B 377 24.84 -19.51 27.00
C ILE B 377 25.06 -20.73 27.90
N LEU B 378 25.95 -21.64 27.48
CA LEU B 378 26.25 -22.84 28.25
C LEU B 378 26.91 -22.50 29.57
N LYS B 379 27.74 -21.47 29.59
CA LYS B 379 28.37 -21.03 30.84
C LYS B 379 27.31 -20.53 31.82
N GLU B 380 26.31 -19.80 31.32
CA GLU B 380 25.21 -19.42 32.22
C GLU B 380 24.53 -20.64 32.82
N ALA B 381 24.24 -21.64 31.97
CA ALA B 381 23.60 -22.86 32.48
C ALA B 381 24.47 -23.56 33.53
N ILE B 382 25.78 -23.65 33.28
CA ILE B 382 26.70 -24.34 34.20
C ILE B 382 26.78 -23.59 35.53
N LEU B 383 26.89 -22.26 35.48
CA LEU B 383 26.97 -21.50 36.71
C LEU B 383 25.69 -21.61 37.53
N ASN B 384 24.55 -21.86 36.87
CA ASN B 384 23.32 -22.06 37.64
C ASN B 384 23.32 -23.32 38.51
N PHE B 385 24.27 -24.24 38.32
CA PHE B 385 24.29 -25.47 39.10
C PHE B 385 24.47 -25.18 40.60
N LYS B 386 25.09 -24.05 40.93
CA LYS B 386 25.26 -23.69 42.34
C LYS B 386 23.93 -23.40 43.03
N ASN B 387 22.90 -23.04 42.26
CA ASN B 387 21.58 -22.75 42.78
C ASN B 387 20.70 -24.00 42.87
N ARG B 388 21.25 -25.17 42.56
CA ARG B 388 20.49 -26.41 42.67
C ARG B 388 20.10 -26.66 44.12
N ASP B 389 18.85 -27.07 44.32
CA ASP B 389 18.37 -27.48 45.63
C ASP B 389 18.21 -29.00 45.54
N GLN B 390 19.19 -29.74 46.08
CA GLN B 390 19.17 -31.20 45.92
C GLN B 390 18.04 -31.85 46.72
N SER B 391 17.46 -31.16 47.71
CA SER B 391 16.33 -31.70 48.45
C SER B 391 15.05 -31.70 47.62
N LYS B 392 14.97 -30.87 46.58
CA LYS B 392 13.82 -30.84 45.69
C LYS B 392 14.00 -31.71 44.44
N VAL B 393 15.09 -32.46 44.36
CA VAL B 393 15.42 -33.21 43.16
C VAL B 393 14.79 -34.60 43.25
N MET B 394 14.10 -34.99 42.19
CA MET B 394 13.59 -36.34 42.05
C MET B 394 13.66 -36.71 40.58
N ILE B 395 14.60 -37.58 40.23
CA ILE B 395 14.78 -38.07 38.87
C ILE B 395 14.30 -39.52 38.83
N PRO B 396 13.26 -39.85 38.06
CA PRO B 396 12.85 -41.27 37.98
C PRO B 396 13.97 -42.13 37.42
N GLU B 397 14.11 -43.33 38.00
CA GLU B 397 15.09 -44.29 37.49
C GLU B 397 14.50 -45.06 36.31
N LEU B 398 14.03 -44.32 35.30
CA LEU B 398 13.37 -44.92 34.13
C LEU B 398 13.95 -44.29 32.86
N LYS B 399 14.78 -45.06 32.18
CA LYS B 399 15.33 -44.67 30.88
C LYS B 399 15.46 -45.93 30.04
N CYS B 400 15.49 -45.75 28.72
CA CYS B 400 15.44 -46.88 27.81
C CYS B 400 16.47 -46.72 26.70
N LYS B 401 17.11 -47.83 26.33
CA LYS B 401 18.07 -47.81 25.22
C LYS B 401 17.35 -47.70 23.89
N ALA B 402 17.91 -46.91 22.99
CA ALA B 402 17.32 -46.71 21.68
C ALA B 402 18.41 -46.68 20.63
N ILE B 403 18.05 -47.07 19.41
CA ILE B 403 18.93 -47.01 18.26
C ILE B 403 18.24 -46.14 17.22
N LEU B 404 18.98 -45.22 16.61
CA LEU B 404 18.41 -44.27 15.68
C LEU B 404 19.47 -43.95 14.64
N GLY B 405 19.27 -42.85 13.89
CA GLY B 405 20.21 -42.48 12.85
C GLY B 405 19.91 -43.06 11.49
N TYR B 406 18.68 -43.47 11.22
CA TYR B 406 18.34 -44.14 9.97
C TYR B 406 17.94 -43.12 8.91
N SER B 407 18.95 -42.42 8.38
CA SER B 407 18.76 -41.66 7.16
C SER B 407 18.60 -42.62 5.99
N VAL B 408 18.18 -42.07 4.85
CA VAL B 408 18.04 -42.87 3.63
C VAL B 408 19.38 -43.50 3.27
N GLU B 409 20.47 -42.75 3.42
CA GLU B 409 21.80 -43.28 3.15
C GLU B 409 22.12 -44.44 4.08
N GLU B 410 21.81 -44.29 5.37
CA GLU B 410 22.07 -45.37 6.33
C GLU B 410 21.21 -46.59 6.02
N ILE B 411 19.95 -46.38 5.65
CA ILE B 411 19.07 -47.50 5.29
C ILE B 411 19.61 -48.24 4.08
N ILE B 412 20.09 -47.50 3.08
CA ILE B 412 20.66 -48.13 1.88
C ILE B 412 21.91 -48.91 2.25
N ASN B 413 22.76 -48.35 3.11
CA ASN B 413 23.95 -49.07 3.57
C ASN B 413 23.57 -50.38 4.27
N LYS B 414 22.54 -50.34 5.12
CA LYS B 414 22.07 -51.56 5.79
C LYS B 414 21.53 -52.57 4.78
N LEU B 415 20.77 -52.09 3.79
CA LEU B 415 20.20 -52.99 2.79
C LEU B 415 21.27 -53.64 1.92
N ASP B 416 22.44 -53.01 1.79
CA ASP B 416 23.52 -53.63 1.03
C ASP B 416 23.94 -54.98 1.60
N LYS B 417 23.65 -55.24 2.89
CA LYS B 417 24.04 -56.50 3.50
C LYS B 417 23.36 -57.69 2.83
N VAL B 418 22.10 -57.54 2.43
CA VAL B 418 21.31 -58.63 1.88
C VAL B 418 21.37 -58.66 0.34
N VAL B 419 22.35 -57.98 -0.27
CA VAL B 419 22.51 -57.97 -1.72
C VAL B 419 23.56 -59.01 -2.08
N ASN B 420 23.19 -59.96 -2.94
CA ASN B 420 24.17 -60.91 -3.45
C ASN B 420 25.17 -60.16 -4.32
N THR B 421 26.46 -60.32 -4.02
CA THR B 421 27.50 -59.56 -4.72
C THR B 421 27.52 -59.90 -6.19
N GLN B 422 27.27 -61.17 -6.54
CA GLN B 422 27.28 -61.59 -7.94
C GLN B 422 26.07 -61.09 -8.73
N ILE B 423 25.06 -60.54 -8.06
CA ILE B 423 23.86 -60.03 -8.72
C ILE B 423 23.84 -58.50 -8.72
N GLY B 424 23.82 -57.90 -7.54
CA GLY B 424 23.74 -56.46 -7.42
C GLY B 424 22.37 -55.95 -7.82
N PRO B 425 22.26 -54.62 -8.01
CA PRO B 425 23.29 -53.59 -7.82
C PRO B 425 23.42 -53.22 -6.34
N MET B 426 24.50 -52.53 -5.97
CA MET B 426 24.68 -52.04 -4.62
C MET B 426 24.19 -50.61 -4.51
N GLN B 427 24.00 -50.17 -3.27
CA GLN B 427 23.65 -48.79 -2.94
C GLN B 427 22.35 -48.34 -3.63
N THR B 428 21.31 -49.18 -3.54
CA THR B 428 19.98 -48.85 -4.01
C THR B 428 18.96 -49.26 -2.94
N VAL B 429 17.70 -48.92 -3.18
CA VAL B 429 16.62 -49.30 -2.29
C VAL B 429 16.01 -50.61 -2.81
N LYS B 430 16.72 -51.25 -3.75
CA LYS B 430 16.18 -52.44 -4.39
C LYS B 430 15.83 -53.57 -3.41
N PRO B 431 16.64 -53.90 -2.40
CA PRO B 431 16.19 -54.95 -1.45
C PRO B 431 14.87 -54.61 -0.78
N LEU B 432 14.65 -53.35 -0.41
CA LEU B 432 13.39 -52.93 0.20
C LEU B 432 12.24 -53.06 -0.80
N ALA B 433 12.47 -52.64 -2.05
CA ALA B 433 11.45 -52.81 -3.08
C ALA B 433 11.14 -54.29 -3.28
N ASP B 434 12.16 -55.16 -3.22
CA ASP B 434 11.95 -56.59 -3.39
C ASP B 434 11.10 -57.18 -2.27
N VAL B 435 11.41 -56.83 -1.03
CA VAL B 435 10.64 -57.40 0.08
C VAL B 435 9.20 -56.88 0.04
N LEU B 436 9.01 -55.62 -0.39
CA LEU B 436 7.64 -55.09 -0.51
C LEU B 436 6.88 -55.76 -1.64
N VAL B 437 7.53 -55.97 -2.80
CA VAL B 437 6.83 -56.56 -3.93
C VAL B 437 6.51 -58.02 -3.67
N SER B 438 7.45 -58.77 -3.07
CA SER B 438 7.20 -60.18 -2.83
C SER B 438 6.10 -60.41 -1.80
N GLY B 439 5.79 -59.43 -0.95
CA GLY B 439 4.80 -59.61 0.07
C GLY B 439 5.35 -60.08 1.41
N VAL B 440 6.67 -60.27 1.52
CA VAL B 440 7.26 -60.59 2.82
C VAL B 440 6.98 -59.44 3.79
N LEU B 441 7.10 -58.20 3.31
CA LEU B 441 6.59 -57.03 4.01
C LEU B 441 5.30 -56.59 3.33
N ARG B 442 4.26 -56.39 4.12
CA ARG B 442 2.97 -55.96 3.58
C ARG B 442 3.02 -54.50 3.14
N GLY B 443 3.82 -53.68 3.81
CA GLY B 443 3.95 -52.28 3.45
C GLY B 443 4.86 -51.54 4.41
N ALA B 444 4.91 -50.23 4.23
CA ALA B 444 5.68 -49.33 5.09
C ALA B 444 4.76 -48.20 5.55
N ALA B 445 4.87 -47.85 6.83
CA ALA B 445 4.03 -46.82 7.42
C ALA B 445 4.89 -45.84 8.19
N ALA B 446 4.60 -44.55 8.02
CA ALA B 446 5.30 -43.49 8.73
C ALA B 446 4.42 -43.06 9.89
N VAL B 447 4.96 -43.09 11.10
CA VAL B 447 4.27 -42.64 12.31
C VAL B 447 4.98 -41.37 12.76
N VAL B 448 4.24 -40.25 12.75
CA VAL B 448 4.75 -38.91 12.97
C VAL B 448 3.77 -38.17 13.86
N GLY B 449 4.18 -37.01 14.36
CA GLY B 449 3.24 -36.14 15.04
C GLY B 449 3.60 -35.92 16.50
N CYS B 450 2.77 -35.10 17.14
CA CYS B 450 2.99 -34.62 18.49
C CYS B 450 2.24 -35.46 19.51
N ASN B 451 2.15 -34.94 20.73
CA ASN B 451 1.21 -35.40 21.73
C ASN B 451 0.03 -34.42 21.73
N ASN B 452 -1.03 -34.77 22.42
CA ASN B 452 -2.20 -33.91 22.52
C ASN B 452 -2.94 -34.32 23.79
N PRO B 453 -3.28 -33.38 24.68
CA PRO B 453 -3.99 -33.78 25.93
C PRO B 453 -5.31 -34.48 25.65
N LYS B 454 -5.88 -34.32 24.46
CA LYS B 454 -7.09 -35.05 24.11
C LYS B 454 -6.87 -36.57 24.04
N VAL B 455 -5.64 -37.04 23.89
CA VAL B 455 -5.32 -38.47 23.85
C VAL B 455 -4.39 -38.78 25.01
N VAL B 456 -4.58 -39.95 25.63
CA VAL B 456 -3.68 -40.44 26.68
C VAL B 456 -2.28 -40.42 26.08
N GLN B 457 -1.38 -39.68 26.72
CA GLN B 457 -0.10 -39.35 26.10
C GLN B 457 0.71 -40.59 25.77
N ASP B 458 1.13 -40.69 24.50
CA ASP B 458 1.93 -41.77 23.92
C ASP B 458 1.14 -43.07 23.70
N SER B 459 -0.11 -43.13 24.18
CA SER B 459 -0.88 -44.38 24.04
C SER B 459 -1.13 -44.68 22.57
N ALA B 460 -1.64 -43.70 21.82
CA ALA B 460 -1.98 -43.93 20.42
C ALA B 460 -0.74 -44.24 19.59
N HIS B 461 0.36 -43.50 19.82
CA HIS B 461 1.62 -43.80 19.11
C HIS B 461 2.02 -45.26 19.31
N ILE B 462 2.09 -45.70 20.56
CA ILE B 462 2.58 -47.05 20.85
C ILE B 462 1.65 -48.11 20.30
N GLU B 463 0.33 -47.94 20.50
CA GLU B 463 -0.62 -48.94 20.01
C GLU B 463 -0.60 -49.03 18.49
N THR B 464 -0.55 -47.87 17.80
CA THR B 464 -0.49 -47.88 16.34
C THR B 464 0.77 -48.57 15.85
N ILE B 465 1.92 -48.26 16.46
CA ILE B 465 3.19 -48.84 16.01
C ILE B 465 3.21 -50.34 16.23
N LYS B 466 2.78 -50.79 17.41
CA LYS B 466 2.78 -52.22 17.70
C LYS B 466 1.84 -52.98 16.78
N GLY B 467 0.65 -52.43 16.52
CA GLY B 467 -0.25 -53.08 15.59
C GLY B 467 0.34 -53.17 14.20
N LEU B 468 0.96 -52.10 13.72
CA LEU B 468 1.52 -52.12 12.37
C LEU B 468 2.64 -53.13 12.25
N ILE B 469 3.57 -53.15 13.20
CA ILE B 469 4.70 -54.09 13.07
C ILE B 469 4.23 -55.53 13.29
N LYS B 470 3.20 -55.73 14.11
CA LYS B 470 2.64 -57.07 14.25
C LYS B 470 2.05 -57.55 12.93
N ASN B 471 1.54 -56.64 12.09
CA ASN B 471 0.97 -56.98 10.78
C ASN B 471 2.01 -56.94 9.66
N ASP B 472 3.30 -57.12 9.98
CA ASP B 472 4.38 -57.11 8.99
C ASP B 472 4.37 -55.82 8.16
N VAL B 473 4.11 -54.70 8.82
CA VAL B 473 4.29 -53.40 8.20
C VAL B 473 5.49 -52.76 8.88
N ILE B 474 6.53 -52.47 8.10
CA ILE B 474 7.71 -51.83 8.66
C ILE B 474 7.35 -50.37 8.93
N VAL B 475 7.81 -49.84 10.06
CA VAL B 475 7.42 -48.52 10.54
C VAL B 475 8.65 -47.62 10.58
N VAL B 476 8.52 -46.44 10.00
CA VAL B 476 9.50 -45.36 10.15
C VAL B 476 8.86 -44.26 11.00
N VAL B 477 9.62 -43.71 11.95
CA VAL B 477 9.07 -42.78 12.92
C VAL B 477 9.87 -41.49 12.92
N THR B 478 9.17 -40.37 13.16
CA THR B 478 9.82 -39.07 13.30
C THR B 478 9.22 -38.32 14.49
N GLY B 479 9.99 -37.38 15.00
CA GLY B 479 9.46 -36.42 15.97
C GLY B 479 9.07 -37.02 17.31
N CYS B 480 7.99 -36.47 17.86
CA CYS B 480 7.55 -36.90 19.19
C CYS B 480 7.05 -38.34 19.18
N ALA B 481 6.49 -38.81 18.06
CA ALA B 481 6.16 -40.23 17.93
C ALA B 481 7.41 -41.10 18.01
N ALA B 482 8.49 -40.68 17.34
CA ALA B 482 9.74 -41.41 17.42
C ALA B 482 10.25 -41.43 18.85
N GLN B 483 10.11 -40.31 19.56
CA GLN B 483 10.56 -40.27 20.95
C GLN B 483 9.68 -41.12 21.86
N ALA B 484 8.37 -41.21 21.58
CA ALA B 484 7.52 -42.14 22.32
C ALA B 484 7.96 -43.58 22.09
N ALA B 485 8.28 -43.92 20.85
CA ALA B 485 8.82 -45.26 20.55
C ALA B 485 10.13 -45.50 21.29
N ALA B 486 11.00 -44.48 21.33
CA ALA B 486 12.27 -44.61 22.04
C ALA B 486 12.07 -44.87 23.52
N LYS B 487 11.18 -44.09 24.15
CA LYS B 487 10.93 -44.27 25.58
C LYS B 487 10.34 -45.65 25.85
N TYR B 488 9.45 -46.11 24.98
CA TYR B 488 8.81 -47.39 25.22
C TYR B 488 9.75 -48.57 25.05
N GLY B 489 10.75 -48.47 24.17
CA GLY B 489 11.67 -49.57 23.91
C GLY B 489 11.52 -50.23 22.56
N LEU B 490 10.78 -49.63 21.62
CA LEU B 490 10.61 -50.19 20.30
C LEU B 490 11.83 -50.01 19.41
N LEU B 491 12.67 -49.01 19.68
CA LEU B 491 13.86 -48.72 18.89
C LEU B 491 15.00 -49.63 19.33
N GLN B 492 14.76 -50.94 19.31
CA GLN B 492 15.73 -51.94 19.73
C GLN B 492 15.65 -53.13 18.78
N LYS B 493 16.81 -53.75 18.53
CA LYS B 493 16.84 -54.93 17.67
C LYS B 493 16.03 -56.05 18.30
N GLU B 494 16.12 -56.21 19.62
CA GLU B 494 15.33 -57.22 20.33
C GLU B 494 13.83 -57.03 20.06
N ALA B 495 13.39 -55.79 19.89
CA ALA B 495 11.98 -55.56 19.63
C ALA B 495 11.48 -56.36 18.43
N ALA B 496 12.36 -56.65 17.46
CA ALA B 496 11.92 -57.43 16.31
C ALA B 496 11.31 -58.76 16.72
N GLU B 497 11.97 -59.49 17.62
CA GLU B 497 11.44 -60.77 18.05
C GLU B 497 10.37 -60.62 19.13
N LYS B 498 10.16 -59.42 19.64
CA LYS B 498 9.17 -59.27 20.70
C LYS B 498 7.82 -58.77 20.19
N TYR B 499 7.79 -58.02 19.10
CA TYR B 499 6.56 -57.38 18.65
C TYR B 499 6.22 -57.63 17.19
N ALA B 500 7.23 -57.84 16.34
CA ALA B 500 7.01 -57.91 14.91
C ALA B 500 6.38 -59.24 14.50
N GLY B 501 5.69 -59.22 13.36
CA GLY B 501 5.16 -60.43 12.77
C GLY B 501 6.27 -61.21 12.09
N PRO B 502 5.91 -62.37 11.51
CA PRO B 502 6.97 -63.26 10.95
C PRO B 502 7.79 -62.63 9.84
N GLY B 503 7.14 -62.01 8.84
CA GLY B 503 7.89 -61.44 7.73
C GLY B 503 8.79 -60.30 8.17
N LEU B 504 8.27 -59.40 9.00
CA LEU B 504 9.07 -58.28 9.48
C LEU B 504 10.19 -58.76 10.40
N ALA B 505 9.93 -59.79 11.22
CA ALA B 505 10.99 -60.35 12.07
C ALA B 505 12.10 -60.94 11.22
N THR B 506 11.74 -61.67 10.16
CA THR B 506 12.76 -62.19 9.25
C THR B 506 13.56 -61.06 8.59
N VAL B 507 12.87 -60.02 8.13
CA VAL B 507 13.56 -58.90 7.49
C VAL B 507 14.51 -58.23 8.48
N CYS B 508 14.06 -58.01 9.71
CA CYS B 508 14.91 -57.37 10.71
C CYS B 508 16.12 -58.23 11.03
N LYS B 509 15.94 -59.54 11.13
CA LYS B 509 17.07 -60.41 11.38
C LYS B 509 18.07 -60.38 10.22
N LEU B 510 17.57 -60.41 8.99
CA LEU B 510 18.46 -60.42 7.82
C LEU B 510 19.22 -59.11 7.67
N VAL B 511 18.55 -57.98 7.86
CA VAL B 511 19.19 -56.68 7.67
C VAL B 511 19.83 -56.16 8.95
N ASP B 512 19.53 -56.77 10.10
CA ASP B 512 20.09 -56.34 11.38
C ASP B 512 19.65 -54.91 11.72
N ILE B 513 18.34 -54.69 11.72
CA ILE B 513 17.75 -53.40 12.06
C ILE B 513 16.61 -53.63 13.04
N PRO B 514 16.25 -52.62 13.83
CA PRO B 514 15.01 -52.70 14.61
C PRO B 514 13.80 -52.65 13.70
N PRO B 515 12.65 -53.18 14.14
CA PRO B 515 11.43 -53.08 13.32
C PRO B 515 10.93 -51.64 13.15
N VAL B 516 11.38 -50.70 13.98
CA VAL B 516 10.96 -49.31 13.92
C VAL B 516 12.20 -48.47 13.67
N LEU B 517 12.19 -47.69 12.59
CA LEU B 517 13.37 -46.95 12.17
C LEU B 517 13.16 -45.46 12.46
N HIS B 518 13.99 -44.91 13.33
CA HIS B 518 13.91 -43.49 13.68
C HIS B 518 14.60 -42.66 12.59
N MET B 519 13.83 -41.94 11.78
CA MET B 519 14.41 -41.20 10.66
C MET B 519 14.65 -39.73 10.99
N GLY B 520 14.42 -39.28 12.23
CA GLY B 520 14.86 -37.97 12.65
C GLY B 520 13.71 -37.08 13.11
N SER B 521 13.87 -35.78 12.85
CA SER B 521 12.93 -34.76 13.32
C SER B 521 11.76 -34.62 12.35
N CYS B 522 10.92 -33.61 12.60
CA CYS B 522 9.74 -33.39 11.75
C CYS B 522 10.14 -32.99 10.34
N VAL B 523 11.15 -32.12 10.19
CA VAL B 523 11.62 -31.78 8.86
C VAL B 523 12.19 -33.03 8.17
N ASP B 524 12.74 -33.97 8.94
CA ASP B 524 13.25 -35.23 8.38
C ASP B 524 12.17 -36.13 7.83
N ILE B 525 10.89 -35.76 7.99
CA ILE B 525 9.84 -36.46 7.22
C ILE B 525 10.14 -36.35 5.73
N SER B 526 10.85 -35.30 5.32
CA SER B 526 11.27 -35.23 3.92
C SER B 526 12.05 -36.49 3.54
N ARG B 527 12.92 -36.98 4.43
CA ARG B 527 13.62 -38.24 4.16
C ARG B 527 12.64 -39.34 3.79
N ILE B 528 11.54 -39.47 4.54
CA ILE B 528 10.54 -40.47 4.24
C ILE B 528 10.05 -40.31 2.82
N LEU B 529 9.67 -39.07 2.47
CA LEU B 529 9.29 -38.79 1.08
C LEU B 529 10.37 -39.28 0.13
N ASP B 530 11.61 -38.89 0.39
CA ASP B 530 12.73 -39.32 -0.44
C ASP B 530 12.72 -40.84 -0.60
N LEU B 531 12.67 -41.56 0.51
CA LEU B 531 12.69 -43.02 0.47
C LEU B 531 11.55 -43.54 -0.41
N VAL B 532 10.32 -43.09 -0.15
CA VAL B 532 9.20 -43.58 -0.92
C VAL B 532 9.40 -43.27 -2.39
N GLY B 533 9.85 -42.05 -2.69
CA GLY B 533 10.07 -41.67 -4.06
C GLY B 533 11.03 -42.63 -4.74
N ARG B 534 12.14 -42.95 -4.06
CA ARG B 534 13.12 -43.84 -4.65
C ARG B 534 12.47 -45.18 -4.96
N VAL B 535 11.72 -45.71 -4.00
CA VAL B 535 11.04 -46.99 -4.24
C VAL B 535 10.16 -46.89 -5.47
N ALA B 536 9.38 -45.81 -5.55
CA ALA B 536 8.50 -45.63 -6.71
C ALA B 536 9.31 -45.56 -7.98
N ASN B 537 10.39 -44.78 -7.99
CA ASN B 537 11.21 -44.65 -9.18
C ASN B 537 11.87 -45.97 -9.54
N LEU B 538 12.09 -46.84 -8.56
CA LEU B 538 12.68 -48.14 -8.88
C LEU B 538 11.64 -49.05 -9.50
N LEU B 539 10.37 -48.88 -9.15
CA LEU B 539 9.31 -49.74 -9.65
C LEU B 539 8.58 -49.14 -10.84
N GLY B 540 8.94 -47.93 -11.26
CA GLY B 540 8.28 -47.31 -12.40
C GLY B 540 6.81 -47.01 -12.17
N VAL B 541 6.42 -46.64 -10.95
CA VAL B 541 5.04 -46.31 -10.62
C VAL B 541 5.02 -45.01 -9.84
N ASP B 542 3.83 -44.44 -9.70
CA ASP B 542 3.62 -43.27 -8.87
C ASP B 542 3.57 -43.68 -7.39
N MET B 543 3.82 -42.72 -6.51
CA MET B 543 3.83 -43.01 -5.08
C MET B 543 2.46 -43.43 -4.55
N SER B 544 1.37 -43.11 -5.26
CA SER B 544 0.03 -43.52 -4.87
C SER B 544 -0.27 -44.97 -5.20
N ASP B 545 0.59 -45.65 -5.97
CA ASP B 545 0.41 -47.07 -6.27
C ASP B 545 1.05 -47.99 -5.24
N LEU B 546 1.83 -47.44 -4.29
CA LEU B 546 2.56 -48.26 -3.33
C LEU B 546 1.74 -48.54 -2.08
N PRO B 547 1.98 -49.68 -1.41
CA PRO B 547 1.31 -49.95 -0.11
C PRO B 547 2.02 -49.23 1.03
N VAL B 548 1.86 -47.91 1.06
CA VAL B 548 2.49 -47.06 2.06
C VAL B 548 1.39 -46.21 2.69
N ALA B 549 1.66 -45.72 3.89
CA ALA B 549 0.70 -44.88 4.59
C ALA B 549 1.44 -44.02 5.60
N GLY B 550 0.79 -42.95 6.04
CA GLY B 550 1.29 -42.13 7.11
C GLY B 550 0.23 -42.02 8.20
N VAL B 551 0.70 -41.95 9.44
CA VAL B 551 -0.16 -41.86 10.60
C VAL B 551 0.31 -40.73 11.50
N ALA B 552 -0.63 -39.95 12.01
CA ALA B 552 -0.38 -38.90 13.01
C ALA B 552 -1.32 -39.17 14.17
N PRO B 553 -0.99 -40.15 15.03
CA PRO B 553 -1.95 -40.58 16.06
C PRO B 553 -2.34 -39.49 17.04
N GLU B 554 -1.44 -38.58 17.39
CA GLU B 554 -1.67 -37.63 18.49
C GLU B 554 -1.23 -36.21 18.12
N TRP B 555 -1.47 -35.78 16.88
CA TRP B 555 -0.95 -34.50 16.40
C TRP B 555 -1.67 -33.31 17.07
N MET B 556 -0.95 -32.19 17.20
CA MET B 556 -1.52 -30.96 17.74
C MET B 556 -1.21 -29.71 16.91
N SER B 557 -0.07 -29.67 16.21
CA SER B 557 0.46 -28.44 15.66
C SER B 557 -0.05 -28.17 14.25
N GLU B 558 0.03 -26.90 13.85
CA GLU B 558 -0.25 -26.52 12.46
C GLU B 558 0.77 -27.18 11.54
N LYS B 559 2.00 -27.37 12.00
CA LYS B 559 2.98 -28.11 11.21
C LYS B 559 2.49 -29.52 10.88
N ALA B 560 1.83 -30.19 11.82
CA ALA B 560 1.28 -31.51 11.55
C ALA B 560 0.22 -31.46 10.46
N VAL B 561 -0.61 -30.41 10.45
CA VAL B 561 -1.62 -30.27 9.41
C VAL B 561 -0.95 -30.12 8.05
N ALA B 562 0.05 -29.25 7.96
CA ALA B 562 0.76 -29.08 6.68
C ALA B 562 1.42 -30.38 6.24
N ILE B 563 1.99 -31.12 7.19
CA ILE B 563 2.66 -32.39 6.88
C ILE B 563 1.68 -33.39 6.30
N GLY B 564 0.55 -33.59 6.99
CA GLY B 564 -0.45 -34.51 6.49
C GLY B 564 -0.96 -34.10 5.12
N THR B 565 -1.14 -32.79 4.91
CA THR B 565 -1.63 -32.32 3.63
C THR B 565 -0.64 -32.64 2.51
N TYR B 566 0.65 -32.37 2.73
CA TYR B 566 1.59 -32.64 1.62
C TYR B 566 1.85 -34.14 1.47
N VAL B 567 1.73 -34.93 2.54
CA VAL B 567 1.86 -36.38 2.40
C VAL B 567 0.71 -36.94 1.56
N VAL B 568 -0.51 -36.48 1.82
CA VAL B 568 -1.65 -36.89 0.99
C VAL B 568 -1.48 -36.39 -0.44
N THR B 569 -1.04 -35.13 -0.61
CA THR B 569 -0.87 -34.58 -1.96
C THR B 569 0.21 -35.32 -2.74
N SER B 570 1.24 -35.83 -2.06
CA SER B 570 2.26 -36.64 -2.71
C SER B 570 1.75 -38.03 -3.10
N GLY B 571 0.58 -38.43 -2.62
CA GLY B 571 0.00 -39.71 -3.00
C GLY B 571 0.09 -40.78 -1.91
N ILE B 572 0.10 -40.38 -0.63
CA ILE B 572 0.22 -41.31 0.48
C ILE B 572 -0.96 -41.09 1.42
N ASP B 573 -1.78 -42.14 1.60
CA ASP B 573 -2.92 -42.06 2.50
C ASP B 573 -2.47 -41.74 3.92
N THR B 574 -3.21 -40.85 4.59
CA THR B 574 -2.83 -40.39 5.92
C THR B 574 -3.99 -40.59 6.89
N TRP B 575 -3.69 -41.21 8.03
CA TRP B 575 -4.62 -41.39 9.14
C TRP B 575 -4.32 -40.34 10.20
N LEU B 576 -5.37 -39.67 10.68
CA LEU B 576 -5.26 -38.68 11.74
C LEU B 576 -5.94 -39.21 12.99
N GLY B 577 -5.17 -39.32 14.07
CA GLY B 577 -5.71 -39.78 15.34
C GLY B 577 -6.44 -38.72 16.15
N VAL B 578 -6.35 -37.46 15.73
CA VAL B 578 -7.06 -36.33 16.34
C VAL B 578 -7.85 -35.64 15.22
N ALA B 579 -9.16 -35.48 15.44
CA ALA B 579 -10.00 -34.87 14.42
C ALA B 579 -9.59 -33.42 14.17
N PRO B 580 -9.34 -33.01 12.93
CA PRO B 580 -9.10 -31.57 12.66
C PRO B 580 -10.42 -30.81 12.64
N PRO B 581 -10.41 -29.48 12.93
CA PRO B 581 -11.69 -28.74 12.99
C PRO B 581 -12.35 -28.53 11.63
N VAL B 582 -12.88 -29.62 11.05
CA VAL B 582 -13.54 -29.57 9.76
C VAL B 582 -14.92 -30.23 9.76
N THR B 583 -15.35 -30.82 10.88
CA THR B 583 -16.63 -31.54 10.89
C THR B 583 -17.81 -30.63 10.63
N GLY B 584 -17.65 -29.32 10.86
CA GLY B 584 -18.73 -28.39 10.58
C GLY B 584 -19.00 -28.16 9.10
N GLY B 585 -18.02 -28.42 8.23
CA GLY B 585 -18.21 -28.27 6.80
C GLY B 585 -18.29 -29.61 6.08
N PRO B 586 -19.52 -30.03 5.72
CA PRO B 586 -19.67 -31.34 5.05
C PRO B 586 -18.90 -31.44 3.75
N GLU B 587 -18.85 -30.35 2.97
CA GLU B 587 -18.10 -30.38 1.71
C GLU B 587 -16.61 -30.57 1.96
N VAL B 588 -16.06 -29.92 2.99
CA VAL B 588 -14.62 -30.06 3.29
C VAL B 588 -14.31 -31.48 3.76
N VAL B 589 -15.18 -32.07 4.58
CA VAL B 589 -15.01 -33.46 5.01
C VAL B 589 -15.01 -34.37 3.78
N ASP B 590 -15.97 -34.15 2.88
CA ASP B 590 -16.07 -34.97 1.68
C ASP B 590 -14.84 -34.82 0.78
N ILE B 591 -14.31 -33.60 0.65
CA ILE B 591 -13.09 -33.38 -0.14
C ILE B 591 -11.90 -34.13 0.46
N LEU B 592 -11.69 -33.94 1.76
CA LEU B 592 -10.49 -34.47 2.42
C LEU B 592 -10.51 -35.99 2.51
N THR B 593 -11.68 -36.58 2.72
CA THR B 593 -11.75 -38.00 2.99
C THR B 593 -12.26 -38.80 1.80
N ASN B 594 -12.93 -38.16 0.82
CA ASN B 594 -13.41 -38.89 -0.35
C ASN B 594 -12.85 -38.37 -1.67
N LYS B 595 -13.00 -37.08 -1.99
CA LYS B 595 -12.69 -36.59 -3.35
C LYS B 595 -11.19 -36.45 -3.60
N MET B 596 -10.41 -36.40 -2.53
CA MET B 596 -8.97 -36.27 -2.69
C MET B 596 -8.41 -37.46 -3.43
N GLU B 597 -9.03 -38.64 -3.28
CA GLU B 597 -8.48 -39.81 -3.95
C GLU B 597 -8.58 -39.65 -5.45
N ASP B 598 -9.65 -39.02 -5.94
CA ASP B 598 -9.76 -38.73 -7.37
C ASP B 598 -8.69 -37.74 -7.82
N TRP B 599 -8.32 -36.82 -6.94
CA TRP B 599 -7.33 -35.81 -7.35
C TRP B 599 -5.90 -36.35 -7.36
N VAL B 600 -5.44 -36.88 -6.23
CA VAL B 600 -4.03 -37.22 -6.05
C VAL B 600 -3.82 -38.70 -5.72
N GLY B 601 -4.89 -39.50 -5.75
CA GLY B 601 -4.78 -40.92 -5.50
C GLY B 601 -4.64 -41.32 -4.04
N ALA B 602 -4.70 -40.36 -3.11
CA ALA B 602 -4.66 -40.64 -1.68
C ALA B 602 -5.71 -39.75 -1.02
N LYS B 603 -5.95 -39.98 0.26
CA LYS B 603 -6.97 -39.23 1.00
C LYS B 603 -6.70 -39.34 2.49
N PHE B 604 -7.37 -38.48 3.26
CA PHE B 604 -7.30 -38.51 4.71
C PHE B 604 -8.24 -39.56 5.28
N PHE B 605 -7.82 -40.17 6.39
CA PHE B 605 -8.64 -41.06 7.20
C PHE B 605 -8.64 -40.50 8.61
N ILE B 606 -9.82 -40.25 9.16
CA ILE B 606 -9.95 -39.77 10.54
C ILE B 606 -10.39 -40.95 11.41
N GLU B 607 -9.52 -41.35 12.33
CA GLU B 607 -9.80 -42.52 13.17
C GLU B 607 -9.10 -42.30 14.51
N THR B 608 -9.90 -42.16 15.58
CA THR B 608 -9.40 -41.92 16.93
C THR B 608 -9.14 -43.20 17.71
N ASP B 609 -9.51 -44.35 17.18
CA ASP B 609 -9.24 -45.64 17.81
C ASP B 609 -8.01 -46.24 17.16
N PRO B 610 -6.88 -46.39 17.86
CA PRO B 610 -5.66 -46.89 17.18
C PRO B 610 -5.80 -48.29 16.60
N HIS B 611 -6.49 -49.21 17.27
CA HIS B 611 -6.66 -50.56 16.73
C HIS B 611 -7.45 -50.54 15.42
N LYS B 612 -8.53 -49.76 15.38
CA LYS B 612 -9.28 -49.61 14.15
C LYS B 612 -8.43 -48.95 13.06
N ALA B 613 -7.60 -47.98 13.43
CA ALA B 613 -6.70 -47.36 12.46
C ALA B 613 -5.73 -48.38 11.86
N VAL B 614 -5.17 -49.26 12.69
CA VAL B 614 -4.26 -50.29 12.18
C VAL B 614 -5.01 -51.20 11.22
N GLU B 615 -6.23 -51.62 11.58
CA GLU B 615 -7.02 -52.47 10.68
C GLU B 615 -7.29 -51.78 9.35
N GLN B 616 -7.68 -50.51 9.39
CA GLN B 616 -7.96 -49.77 8.16
C GLN B 616 -6.70 -49.62 7.31
N ILE B 617 -5.56 -49.36 7.95
CA ILE B 617 -4.31 -49.22 7.21
C ILE B 617 -3.96 -50.53 6.51
N VAL B 618 -4.11 -51.66 7.21
CA VAL B 618 -3.81 -52.96 6.60
C VAL B 618 -4.74 -53.22 5.42
N ASN B 619 -6.04 -52.94 5.58
CA ASN B 619 -6.98 -53.17 4.48
C ASN B 619 -6.66 -52.30 3.27
N ARG B 620 -6.36 -51.02 3.51
CA ARG B 620 -6.03 -50.11 2.42
C ARG B 620 -4.75 -50.53 1.70
N MET B 621 -3.73 -50.95 2.46
CA MET B 621 -2.49 -51.44 1.87
C MET B 621 -2.75 -52.69 1.03
N ASN B 622 -3.60 -53.59 1.52
CA ASN B 622 -3.89 -54.81 0.76
C ASN B 622 -4.62 -54.48 -0.54
N GLU B 623 -5.57 -53.55 -0.49
CA GLU B 623 -6.28 -53.22 -1.72
C GLU B 623 -5.36 -52.51 -2.71
N LYS B 624 -4.44 -51.68 -2.23
CA LYS B 624 -3.47 -51.08 -3.15
C LYS B 624 -2.51 -52.15 -3.72
N ARG B 625 -2.15 -53.15 -2.92
CA ARG B 625 -1.34 -54.25 -3.43
C ARG B 625 -2.08 -55.00 -4.53
N LYS B 626 -3.37 -55.29 -4.31
CA LYS B 626 -4.14 -56.00 -5.32
C LYS B 626 -4.29 -55.16 -6.59
N LYS B 627 -4.40 -53.85 -6.44
CA LYS B 627 -4.38 -52.99 -7.60
C LYS B 627 -3.06 -53.08 -8.34
N LEU B 628 -1.95 -53.11 -7.61
CA LEU B 628 -0.63 -53.17 -8.21
C LEU B 628 -0.25 -54.57 -8.71
N GLY B 629 -1.00 -55.60 -8.32
CA GLY B 629 -0.71 -56.95 -8.73
C GLY B 629 0.28 -57.70 -7.86
N ILE B 630 0.75 -57.11 -6.76
CA ILE B 630 1.69 -57.78 -5.87
C ILE B 630 0.97 -58.44 -4.70
N LYS C 3 -31.68 1.03 14.78
CA LYS C 3 -30.91 2.16 14.18
C LYS C 3 -31.05 2.17 12.67
N ALA C 4 -30.73 3.31 12.06
CA ALA C 4 -30.75 3.43 10.61
C ALA C 4 -29.65 2.58 9.98
N LYS C 5 -29.94 2.03 8.80
CA LYS C 5 -28.96 1.21 8.10
C LYS C 5 -27.94 2.04 7.36
N SER C 6 -28.31 3.24 6.90
CA SER C 6 -27.40 4.07 6.13
C SER C 6 -27.89 5.51 6.18
N ILE C 7 -26.98 6.44 5.87
CA ILE C 7 -27.36 7.83 5.67
C ILE C 7 -27.66 8.16 4.21
N ASP C 8 -27.38 7.23 3.29
CA ASP C 8 -27.57 7.45 1.86
C ASP C 8 -28.98 7.09 1.45
N GLN C 9 -29.67 8.05 0.81
CA GLN C 9 -31.08 7.85 0.47
C GLN C 9 -31.26 6.78 -0.59
N ALA C 10 -30.37 6.71 -1.59
CA ALA C 10 -30.46 5.66 -2.60
C ALA C 10 -30.30 4.28 -1.97
N THR C 11 -29.37 4.17 -1.01
CA THR C 11 -29.21 2.93 -0.25
C THR C 11 -30.50 2.56 0.46
N LEU C 12 -31.18 3.52 1.07
CA LEU C 12 -32.43 3.24 1.79
C LEU C 12 -33.54 2.79 0.84
N GLN C 13 -33.66 3.44 -0.32
CA GLN C 13 -34.67 3.02 -1.29
C GLN C 13 -34.43 1.59 -1.76
N LEU C 14 -33.17 1.24 -2.04
CA LEU C 14 -32.88 -0.12 -2.47
C LEU C 14 -33.04 -1.13 -1.33
N LEU C 15 -32.82 -0.74 -0.08
CA LEU C 15 -33.11 -1.65 1.03
C LEU C 15 -34.60 -1.93 1.14
N ASP C 16 -35.43 -0.90 0.93
CA ASP C 16 -36.87 -1.15 0.88
C ASP C 16 -37.21 -2.10 -0.27
N LYS C 17 -36.59 -1.91 -1.44
CA LYS C 17 -36.84 -2.82 -2.54
C LYS C 17 -36.40 -4.25 -2.22
N ALA C 18 -35.25 -4.40 -1.57
CA ALA C 18 -34.77 -5.74 -1.22
C ALA C 18 -35.69 -6.41 -0.22
N LYS C 19 -36.25 -5.64 0.71
CA LYS C 19 -37.27 -6.18 1.59
C LYS C 19 -38.50 -6.63 0.81
N GLN C 20 -38.94 -5.83 -0.17
CA GLN C 20 -40.10 -6.22 -0.97
C GLN C 20 -39.81 -7.44 -1.84
N ASP C 21 -38.56 -7.59 -2.29
CA ASP C 21 -38.19 -8.71 -3.15
C ASP C 21 -37.89 -9.98 -2.37
N GLY C 22 -37.86 -9.93 -1.06
CA GLY C 22 -37.60 -11.13 -0.30
C GLY C 22 -36.16 -11.59 -0.31
N VAL C 23 -35.20 -10.70 -0.58
CA VAL C 23 -33.79 -11.08 -0.57
C VAL C 23 -33.15 -10.49 0.68
N GLU C 24 -32.09 -11.14 1.15
CA GLU C 24 -31.41 -10.71 2.36
C GLU C 24 -30.12 -9.98 2.00
N THR C 25 -29.78 -8.99 2.82
CA THR C 25 -28.60 -8.17 2.61
C THR C 25 -27.59 -8.46 3.73
N VAL C 26 -26.50 -7.71 3.67
CA VAL C 26 -25.49 -7.78 4.73
C VAL C 26 -26.08 -7.31 6.05
N TRP C 27 -26.98 -6.32 6.01
CA TRP C 27 -27.64 -5.88 7.24
C TRP C 27 -28.49 -7.01 7.84
N ASP C 28 -29.22 -7.74 7.00
CA ASP C 28 -30.03 -8.86 7.51
C ASP C 28 -29.16 -9.94 8.13
N ARG C 29 -28.03 -10.27 7.50
CA ARG C 29 -27.14 -11.29 8.07
C ARG C 29 -26.52 -10.80 9.38
N LYS C 30 -26.18 -9.51 9.45
CA LYS C 30 -25.67 -8.95 10.70
C LYS C 30 -26.72 -9.06 11.80
N ALA C 31 -27.98 -8.80 11.48
CA ALA C 31 -29.05 -8.97 12.45
C ALA C 31 -29.17 -10.43 12.87
N ASP C 32 -29.07 -11.36 11.92
CA ASP C 32 -29.18 -12.77 12.22
C ASP C 32 -28.05 -13.24 13.12
N MET C 33 -26.87 -12.64 13.00
CA MET C 33 -25.77 -13.03 13.86
C MET C 33 -26.02 -12.65 15.32
N LYS C 34 -26.91 -11.69 15.58
CA LYS C 34 -27.25 -11.28 16.95
C LYS C 34 -26.01 -10.90 17.77
N VAL C 35 -26.00 -11.24 19.07
CA VAL C 35 -24.88 -10.89 19.92
C VAL C 35 -23.68 -11.74 19.52
N GLN C 36 -22.63 -11.08 19.03
CA GLN C 36 -21.45 -11.80 18.58
C GLN C 36 -20.61 -12.27 19.77
N CYS C 37 -19.83 -13.31 19.54
CA CYS C 37 -19.11 -13.94 20.64
C CYS C 37 -18.19 -12.95 21.34
N GLY C 38 -18.33 -12.86 22.65
CA GLY C 38 -17.52 -11.94 23.43
C GLY C 38 -16.04 -12.26 23.41
N PHE C 39 -15.70 -13.56 23.46
CA PHE C 39 -14.29 -13.96 23.43
C PHE C 39 -13.62 -13.54 22.13
N GLY C 40 -14.26 -13.83 21.00
CA GLY C 40 -13.71 -13.43 19.73
C GLY C 40 -13.69 -11.92 19.54
N SER C 41 -14.70 -11.22 20.07
CA SER C 41 -14.72 -9.77 19.96
C SER C 41 -13.57 -9.14 20.74
N ALA C 42 -13.21 -9.71 21.90
CA ALA C 42 -12.10 -9.19 22.68
C ALA C 42 -10.75 -9.74 22.22
N GLY C 43 -10.72 -10.75 21.35
CA GLY C 43 -9.48 -11.33 20.87
C GLY C 43 -8.82 -12.31 21.80
N VAL C 44 -9.54 -12.82 22.81
CA VAL C 44 -9.00 -13.74 23.81
C VAL C 44 -9.30 -15.20 23.46
N CYS C 45 -9.78 -15.47 22.25
CA CYS C 45 -9.97 -16.83 21.78
C CYS C 45 -8.80 -17.21 20.89
N CYS C 46 -8.31 -18.44 21.04
CA CYS C 46 -7.21 -18.92 20.23
C CYS C 46 -7.56 -20.26 19.59
N ARG C 47 -7.18 -20.43 18.33
CA ARG C 47 -7.38 -21.71 17.64
C ARG C 47 -6.12 -22.10 16.87
N ASN C 48 -4.95 -21.65 17.32
CA ASN C 48 -3.73 -21.86 16.57
C ASN C 48 -3.22 -23.30 16.60
N CYS C 49 -3.76 -24.16 17.46
CA CYS C 49 -3.38 -25.57 17.43
C CYS C 49 -4.58 -26.41 17.84
N SER C 50 -4.51 -27.71 17.57
CA SER C 50 -5.64 -28.60 17.83
C SER C 50 -5.70 -29.06 19.29
N MET C 51 -4.77 -28.63 20.15
CA MET C 51 -5.04 -28.73 21.59
C MET C 51 -6.24 -27.87 21.95
N GLY C 52 -6.36 -26.69 21.32
CA GLY C 52 -7.51 -25.83 21.51
C GLY C 52 -8.79 -26.38 20.88
N PRO C 53 -9.83 -25.52 20.72
CA PRO C 53 -9.84 -24.05 20.95
C PRO C 53 -9.70 -23.64 22.41
N CYS C 54 -8.96 -22.55 22.67
CA CYS C 54 -8.78 -22.01 24.02
C CYS C 54 -9.37 -20.62 24.08
N ARG C 55 -10.13 -20.35 25.14
CA ARG C 55 -10.61 -19.02 25.44
C ARG C 55 -10.23 -18.70 26.88
N VAL C 56 -9.62 -17.54 27.05
CA VAL C 56 -9.23 -17.03 28.34
C VAL C 56 -10.08 -15.81 28.63
N SER C 57 -10.11 -15.43 29.89
CA SER C 57 -10.97 -14.35 30.33
C SER C 57 -10.51 -13.02 29.74
N PRO C 58 -11.42 -12.22 29.14
CA PRO C 58 -11.05 -10.85 28.76
C PRO C 58 -10.84 -9.93 29.96
N VAL C 59 -11.25 -10.35 31.15
CA VAL C 59 -11.07 -9.57 32.38
C VAL C 59 -9.92 -10.18 33.17
N PRO C 60 -8.78 -9.48 33.33
CA PRO C 60 -7.68 -10.07 34.10
C PRO C 60 -8.06 -10.31 35.55
N GLY C 61 -7.52 -11.40 36.11
CA GLY C 61 -7.76 -11.77 37.48
C GLY C 61 -9.01 -12.58 37.73
N LYS C 62 -9.78 -12.88 36.70
CA LYS C 62 -11.03 -13.63 36.79
C LYS C 62 -11.00 -14.76 35.78
N GLY C 63 -11.59 -15.90 36.15
CA GLY C 63 -11.78 -16.99 35.20
C GLY C 63 -10.48 -17.65 34.76
N VAL C 64 -10.55 -18.31 33.60
CA VAL C 64 -9.40 -18.99 33.02
C VAL C 64 -8.40 -17.95 32.53
N GLU C 65 -7.14 -18.10 32.93
CA GLU C 65 -6.11 -17.13 32.62
C GLU C 65 -5.26 -17.52 31.42
N ARG C 66 -4.97 -18.82 31.22
CA ARG C 66 -4.05 -19.24 30.19
C ARG C 66 -4.69 -20.30 29.30
N GLY C 67 -4.26 -20.33 28.05
CA GLY C 67 -4.60 -21.42 27.17
C GLY C 67 -3.89 -22.69 27.63
N ILE C 68 -4.15 -23.78 26.89
CA ILE C 68 -3.62 -25.07 27.30
C ILE C 68 -2.10 -25.10 27.26
N CYS C 69 -1.51 -24.51 26.23
CA CYS C 69 -0.05 -24.40 26.12
C CYS C 69 0.56 -23.44 27.15
N GLY C 70 -0.27 -22.67 27.87
CA GLY C 70 0.19 -21.67 28.81
C GLY C 70 0.16 -20.23 28.31
N ALA C 71 -0.33 -19.98 27.11
CA ALA C 71 -0.35 -18.63 26.55
C ALA C 71 -1.33 -17.72 27.28
N THR C 72 -0.88 -16.50 27.63
CA THR C 72 -1.72 -15.54 28.32
C THR C 72 -2.68 -14.83 27.36
N ALA C 73 -3.57 -14.02 27.94
CA ALA C 73 -4.47 -13.24 27.12
C ALA C 73 -3.68 -12.28 26.24
N ASP C 74 -2.63 -11.66 26.77
CA ASP C 74 -1.83 -10.76 25.95
C ASP C 74 -1.20 -11.49 24.78
N VAL C 75 -0.69 -12.70 25.01
CA VAL C 75 -0.08 -13.48 23.93
C VAL C 75 -1.12 -13.81 22.86
N ILE C 76 -2.31 -14.26 23.29
CA ILE C 76 -3.37 -14.65 22.33
C ILE C 76 -3.80 -13.44 21.53
N VAL C 77 -4.00 -12.31 22.20
CA VAL C 77 -4.40 -11.09 21.52
C VAL C 77 -3.33 -10.63 20.53
N SER C 78 -2.06 -10.63 20.96
CA SER C 78 -0.99 -10.15 20.09
C SER C 78 -0.84 -11.03 18.86
N ARG C 79 -0.94 -12.36 19.03
CA ARG C 79 -0.85 -13.26 17.88
C ARG C 79 -2.02 -13.06 16.92
N ASN C 80 -3.24 -12.92 17.45
CA ASN C 80 -4.40 -12.67 16.58
C ASN C 80 -4.22 -11.37 15.80
N PHE C 81 -3.77 -10.31 16.46
CA PHE C 81 -3.53 -9.05 15.78
C PHE C 81 -2.46 -9.19 14.69
N ALA C 82 -1.37 -9.90 15.00
CA ALA C 82 -0.29 -10.09 14.03
C ALA C 82 -0.78 -10.85 12.81
N ARG C 83 -1.64 -11.84 13.00
CA ARG C 83 -2.16 -12.60 11.86
C ARG C 83 -3.08 -11.73 11.01
N MET C 84 -3.85 -10.83 11.64
CA MET C 84 -4.63 -9.89 10.82
C MET C 84 -3.71 -9.02 9.96
N VAL C 85 -2.63 -8.52 10.56
CA VAL C 85 -1.68 -7.72 9.80
C VAL C 85 -1.07 -8.53 8.66
N ALA C 86 -0.71 -9.78 8.92
CA ALA C 86 -0.10 -10.62 7.88
C ALA C 86 -1.07 -10.87 6.75
N ALA C 87 -2.35 -11.10 7.06
CA ALA C 87 -3.33 -11.32 6.00
C ALA C 87 -3.52 -10.06 5.15
N GLY C 88 -3.63 -8.89 5.78
CA GLY C 88 -3.75 -7.65 5.02
C GLY C 88 -2.54 -7.38 4.14
N THR C 89 -1.35 -7.60 4.70
CA THR C 89 -0.12 -7.47 3.93
C THR C 89 -0.12 -8.42 2.75
N ALA C 90 -0.59 -9.66 2.95
CA ALA C 90 -0.63 -10.62 1.85
C ALA C 90 -1.55 -10.15 0.73
N ALA C 91 -2.73 -9.65 1.07
CA ALA C 91 -3.63 -9.17 0.04
C ALA C 91 -2.99 -8.04 -0.78
N HIS C 92 -2.46 -7.03 -0.10
CA HIS C 92 -1.86 -5.91 -0.83
C HIS C 92 -0.63 -6.35 -1.65
N SER C 93 0.20 -7.23 -1.08
CA SER C 93 1.41 -7.68 -1.76
C SER C 93 1.09 -8.52 -2.98
N ASP C 94 0.05 -9.35 -2.90
CA ASP C 94 -0.34 -10.13 -4.07
C ASP C 94 -0.83 -9.20 -5.18
N HIS C 95 -1.59 -8.16 -4.82
CA HIS C 95 -1.99 -7.16 -5.82
C HIS C 95 -0.77 -6.53 -6.49
N GLY C 96 0.19 -6.06 -5.70
CA GLY C 96 1.39 -5.44 -6.25
C GLY C 96 2.21 -6.41 -7.08
N ARG C 97 2.26 -7.68 -6.68
CA ARG C 97 3.00 -8.69 -7.43
C ARG C 97 2.38 -8.91 -8.81
N SER C 98 1.05 -8.97 -8.88
CA SER C 98 0.40 -9.07 -10.20
C SER C 98 0.74 -7.86 -11.06
N ILE C 99 0.72 -6.66 -10.48
CA ILE C 99 1.07 -5.46 -11.24
C ILE C 99 2.51 -5.54 -11.75
N ALA C 100 3.44 -5.98 -10.90
CA ALA C 100 4.84 -6.07 -11.31
C ALA C 100 5.01 -7.09 -12.45
N LEU C 101 4.32 -8.23 -12.37
CA LEU C 101 4.39 -9.20 -13.46
C LEU C 101 3.82 -8.61 -14.75
N SER C 102 2.71 -7.88 -14.66
CA SER C 102 2.16 -7.22 -15.85
C SER C 102 3.17 -6.24 -16.44
N LEU C 103 3.86 -5.48 -15.58
CA LEU C 103 4.91 -4.59 -16.07
C LEU C 103 6.01 -5.37 -16.77
N TYR C 104 6.40 -6.52 -16.21
CA TYR C 104 7.43 -7.33 -16.83
C TYR C 104 7.02 -7.81 -18.21
N HIS C 105 5.71 -8.00 -18.45
CA HIS C 105 5.22 -8.47 -19.74
C HIS C 105 4.74 -7.35 -20.66
N THR C 106 5.27 -6.13 -20.51
CA THR C 106 4.87 -5.04 -21.41
C THR C 106 5.67 -5.08 -22.70
N SER C 107 5.03 -4.64 -23.78
CA SER C 107 5.69 -4.55 -25.07
C SER C 107 5.08 -3.42 -25.87
N LYS C 108 5.81 -3.00 -26.89
CA LYS C 108 5.37 -1.90 -27.73
C LYS C 108 4.08 -2.26 -28.47
N ASP C 109 4.00 -3.47 -29.03
CA ASP C 109 2.87 -3.88 -29.83
C ASP C 109 1.89 -4.78 -29.09
N GLY C 110 2.03 -4.91 -27.77
CA GLY C 110 1.17 -5.77 -26.99
C GLY C 110 -0.04 -5.04 -26.43
N ASP C 111 -0.85 -5.80 -25.69
CA ASP C 111 -2.04 -5.22 -25.05
C ASP C 111 -1.67 -4.28 -23.91
N ILE C 112 -0.56 -4.56 -23.22
CA ILE C 112 -0.11 -3.76 -22.08
C ILE C 112 1.14 -3.01 -22.51
N LYS C 113 1.06 -1.69 -22.51
CA LYS C 113 2.15 -0.83 -22.94
C LYS C 113 2.60 0.06 -21.78
N VAL C 114 3.56 0.94 -22.06
CA VAL C 114 4.00 1.97 -21.14
C VAL C 114 3.36 3.27 -21.59
N LYS C 115 2.51 3.84 -20.74
CA LYS C 115 1.80 5.07 -21.11
C LYS C 115 2.40 6.32 -20.49
N ASP C 116 3.19 6.17 -19.44
CA ASP C 116 3.82 7.31 -18.77
C ASP C 116 5.33 7.04 -18.69
N GLU C 117 6.05 7.45 -19.72
CA GLU C 117 7.49 7.20 -19.79
C GLU C 117 8.26 8.01 -18.76
N ASN C 118 7.81 9.24 -18.49
CA ASN C 118 8.49 10.07 -17.49
C ASN C 118 8.41 9.43 -16.11
N LYS C 119 7.22 8.94 -15.75
CA LYS C 119 7.06 8.25 -14.49
C LYS C 119 7.93 7.00 -14.42
N LEU C 120 8.00 6.25 -15.52
CA LEU C 120 8.86 5.07 -15.55
C LEU C 120 10.31 5.44 -15.35
N LYS C 121 10.77 6.53 -15.98
CA LYS C 121 12.17 6.92 -15.80
C LYS C 121 12.47 7.36 -14.37
N GLU C 122 11.53 8.07 -13.74
CA GLU C 122 11.73 8.43 -12.34
C GLU C 122 11.77 7.20 -11.43
N VAL C 123 10.87 6.25 -11.67
CA VAL C 123 10.86 5.01 -10.90
C VAL C 123 12.16 4.23 -11.12
N ALA C 124 12.65 4.21 -12.36
CA ALA C 124 13.91 3.55 -12.66
C ALA C 124 15.07 4.20 -11.93
N LYS C 125 15.05 5.52 -11.84
CA LYS C 125 16.01 6.22 -11.00
C LYS C 125 15.92 5.74 -9.56
N SER C 126 14.69 5.58 -9.04
CA SER C 126 14.52 5.11 -7.67
C SER C 126 15.01 3.66 -7.49
N PHE C 127 15.02 2.86 -8.55
CA PHE C 127 15.46 1.47 -8.48
C PHE C 127 16.88 1.27 -9.00
N ASN C 128 17.62 2.34 -9.22
CA ASN C 128 18.99 2.26 -9.75
C ASN C 128 19.03 1.54 -11.09
N VAL C 129 18.09 1.86 -11.97
CA VAL C 129 18.03 1.32 -13.33
C VAL C 129 18.43 2.44 -14.29
N GLU C 130 19.43 2.18 -15.13
CA GLU C 130 19.87 3.17 -16.10
C GLU C 130 18.79 3.38 -17.16
N THR C 131 18.64 4.62 -17.61
CA THR C 131 17.62 4.98 -18.60
C THR C 131 18.17 5.70 -19.83
N GLU C 132 19.33 6.34 -19.75
CA GLU C 132 19.82 7.16 -20.85
C GLU C 132 20.21 6.30 -22.04
N GLY C 133 19.68 6.66 -23.21
CA GLY C 133 19.98 5.93 -24.43
C GLY C 133 19.54 4.49 -24.38
N ARG C 134 18.39 4.22 -23.78
CA ARG C 134 17.89 2.86 -23.67
C ARG C 134 16.46 2.78 -24.18
N ASP C 135 16.11 1.61 -24.71
CA ASP C 135 14.74 1.34 -25.11
C ASP C 135 13.81 1.38 -23.90
N ILE C 136 12.62 1.94 -24.09
CA ILE C 136 11.73 2.17 -22.95
C ILE C 136 11.26 0.85 -22.35
N TYR C 137 11.05 -0.17 -23.19
CA TYR C 137 10.57 -1.46 -22.68
C TYR C 137 11.68 -2.27 -22.02
N ASP C 138 12.93 -2.10 -22.44
CA ASP C 138 14.04 -2.69 -21.68
C ASP C 138 14.10 -2.10 -20.28
N ILE C 139 13.93 -0.78 -20.18
CA ILE C 139 13.87 -0.12 -18.87
C ILE C 139 12.70 -0.66 -18.06
N ALA C 140 11.53 -0.81 -18.69
CA ALA C 140 10.37 -1.31 -17.96
C ALA C 140 10.61 -2.71 -17.42
N HIS C 141 11.23 -3.58 -18.23
CA HIS C 141 11.51 -4.93 -17.77
C HIS C 141 12.52 -4.94 -16.62
N ASP C 142 13.56 -4.11 -16.71
CA ASP C 142 14.50 -4.03 -15.59
C ASP C 142 13.83 -3.54 -14.32
N VAL C 143 12.98 -2.51 -14.45
CA VAL C 143 12.26 -2.00 -13.29
C VAL C 143 11.36 -3.07 -12.69
N ALA C 144 10.67 -3.82 -13.54
CA ALA C 144 9.82 -4.90 -13.04
C ALA C 144 10.63 -5.98 -12.34
N LYS C 145 11.82 -6.29 -12.85
CA LYS C 145 12.70 -7.26 -12.19
C LYS C 145 13.10 -6.79 -10.79
N GLU C 146 13.48 -5.51 -10.66
CA GLU C 146 13.85 -4.99 -9.34
C GLU C 146 12.65 -5.03 -8.39
N GLY C 147 11.47 -4.64 -8.88
CA GLY C 147 10.28 -4.69 -8.05
C GLY C 147 9.95 -6.10 -7.58
N LEU C 148 10.04 -7.07 -8.49
CA LEU C 148 9.80 -8.47 -8.12
C LEU C 148 10.83 -8.96 -7.10
N SER C 149 12.08 -8.54 -7.24
CA SER C 149 13.08 -8.94 -6.25
C SER C 149 12.73 -8.39 -4.88
N ASN C 150 12.06 -7.22 -4.82
CA ASN C 150 11.61 -6.72 -3.52
C ASN C 150 10.70 -7.72 -2.80
N TYR C 151 9.99 -8.56 -3.54
CA TYR C 151 9.04 -9.47 -2.88
C TYR C 151 9.73 -10.68 -2.24
N GLY C 152 10.80 -11.20 -2.84
CA GLY C 152 11.33 -12.47 -2.39
C GLY C 152 12.83 -12.60 -2.27
N LYS C 153 13.57 -11.49 -2.24
CA LYS C 153 15.02 -11.55 -2.07
C LYS C 153 15.36 -12.06 -0.67
N GLN C 154 16.33 -12.98 -0.60
CA GLN C 154 16.78 -13.54 0.67
C GLN C 154 18.10 -12.97 1.15
N LEU C 155 18.87 -12.34 0.26
CA LEU C 155 20.12 -11.68 0.59
C LEU C 155 20.01 -10.21 0.20
N GLY C 156 20.62 -9.35 1.03
CA GLY C 156 20.64 -7.93 0.76
C GLY C 156 19.45 -7.19 1.31
N GLU C 157 19.44 -5.88 1.03
CA GLU C 157 18.42 -4.98 1.51
C GLU C 157 17.42 -4.68 0.39
N VAL C 158 16.17 -4.43 0.78
CA VAL C 158 15.10 -4.09 -0.15
C VAL C 158 15.24 -2.65 -0.62
N THR C 159 14.50 -2.28 -1.66
CA THR C 159 14.54 -0.93 -2.21
C THR C 159 13.31 -0.15 -1.76
N LEU C 160 13.52 1.05 -1.22
CA LEU C 160 12.44 1.87 -0.69
C LEU C 160 12.36 3.21 -1.43
N PRO C 161 11.18 3.82 -1.51
CA PRO C 161 11.04 5.05 -2.30
C PRO C 161 11.85 6.19 -1.74
N PRO C 162 12.34 7.11 -2.59
CA PRO C 162 13.14 8.24 -2.08
C PRO C 162 12.37 9.19 -1.18
N SER C 163 11.04 9.19 -1.22
CA SER C 163 10.27 10.10 -0.39
C SER C 163 10.34 9.73 1.10
N LEU C 164 10.75 8.53 1.44
CA LEU C 164 10.84 8.09 2.83
C LEU C 164 12.02 8.77 3.53
N PRO C 165 11.79 9.52 4.62
CA PRO C 165 12.91 10.26 5.25
C PRO C 165 13.99 9.34 5.81
N GLU C 166 15.23 9.82 5.75
CA GLU C 166 16.34 9.05 6.28
C GLU C 166 16.19 8.83 7.78
N LYS C 167 15.63 9.81 8.49
CA LYS C 167 15.43 9.67 9.92
C LYS C 167 14.47 8.53 10.23
N ARG C 168 13.40 8.39 9.45
CA ARG C 168 12.47 7.29 9.65
C ARG C 168 13.13 5.94 9.41
N LYS C 169 13.98 5.85 8.38
CA LYS C 169 14.71 4.61 8.14
C LYS C 169 15.62 4.26 9.31
N GLU C 170 16.34 5.26 9.83
CA GLU C 170 17.24 5.01 10.93
C GLU C 170 16.48 4.62 12.20
N LEU C 171 15.34 5.26 12.44
CA LEU C 171 14.50 4.88 13.57
C LEU C 171 14.03 3.44 13.45
N TRP C 172 13.61 3.03 12.25
CA TRP C 172 13.19 1.65 12.02
C TRP C 172 14.33 0.68 12.28
N ARG C 173 15.53 1.00 11.78
CA ARG C 173 16.68 0.12 11.99
C ARG C 173 17.01 -0.02 13.47
N LYS C 174 16.98 1.08 14.22
CA LYS C 174 17.26 1.00 15.64
C LYS C 174 16.19 0.21 16.38
N LEU C 175 14.94 0.35 15.95
CA LEU C 175 13.85 -0.36 16.63
C LEU C 175 13.82 -1.83 16.28
N GLY C 176 14.42 -2.24 15.16
CA GLY C 176 14.36 -3.61 14.71
C GLY C 176 13.20 -3.96 13.82
N VAL C 177 12.56 -2.97 13.19
CA VAL C 177 11.41 -3.21 12.32
C VAL C 177 11.72 -2.85 10.88
N TYR C 178 12.99 -2.66 10.55
CA TYR C 178 13.35 -2.30 9.18
C TYR C 178 12.93 -3.44 8.23
N PRO C 179 12.16 -3.14 7.18
CA PRO C 179 11.55 -4.23 6.39
C PRO C 179 12.54 -5.07 5.60
N ARG C 180 12.18 -6.35 5.42
CA ARG C 180 12.80 -7.30 4.50
C ARG C 180 11.82 -7.55 3.34
N ALA C 181 12.11 -8.54 2.51
CA ALA C 181 11.23 -8.90 1.40
C ALA C 181 9.83 -9.22 1.90
N VAL C 182 8.81 -8.83 1.11
CA VAL C 182 7.44 -8.82 1.60
C VAL C 182 6.97 -10.21 2.00
N ASP C 183 7.13 -11.19 1.10
CA ASP C 183 6.69 -12.55 1.41
C ASP C 183 7.46 -13.13 2.59
N ARG C 184 8.75 -12.78 2.70
CA ARG C 184 9.55 -13.21 3.84
C ARG C 184 8.97 -12.69 5.16
N GLU C 185 8.52 -11.44 5.19
CA GLU C 185 7.95 -10.88 6.42
C GLU C 185 6.61 -11.52 6.75
N ILE C 186 5.78 -11.78 5.74
CA ILE C 186 4.52 -12.50 5.96
C ILE C 186 4.80 -13.87 6.55
N ALA C 187 5.78 -14.58 5.97
CA ALA C 187 6.13 -15.91 6.47
C ALA C 187 6.66 -15.84 7.90
N ALA C 188 7.47 -14.82 8.21
CA ALA C 188 7.99 -14.67 9.56
C ALA C 188 6.87 -14.46 10.57
N VAL C 189 5.90 -13.61 10.25
CA VAL C 189 4.77 -13.41 11.15
C VAL C 189 4.00 -14.71 11.35
N MET C 190 3.74 -15.43 10.25
CA MET C 190 3.02 -16.70 10.39
C MET C 190 3.83 -17.71 11.21
N HIS C 191 5.15 -17.69 11.08
CA HIS C 191 5.97 -18.60 11.86
C HIS C 191 5.91 -18.28 13.35
N SER C 192 6.04 -16.99 13.71
CA SER C 192 6.14 -16.64 15.12
C SER C 192 4.81 -16.78 15.88
N THR C 193 3.68 -16.83 15.18
CA THR C 193 2.39 -17.09 15.85
C THR C 193 2.09 -18.57 16.01
N HIS C 194 2.89 -19.47 15.43
CA HIS C 194 2.70 -20.91 15.61
C HIS C 194 2.82 -21.29 17.09
N ILE C 195 2.10 -22.34 17.48
CA ILE C 195 2.07 -22.76 18.89
C ILE C 195 3.49 -22.90 19.39
N GLY C 196 3.77 -22.34 20.56
CA GLY C 196 5.07 -22.53 21.16
C GLY C 196 6.20 -21.73 20.54
N CYS C 197 5.88 -20.62 19.87
CA CYS C 197 6.93 -19.71 19.41
C CYS C 197 6.95 -18.42 20.21
N ASN C 198 6.53 -17.31 19.60
CA ASN C 198 6.57 -16.00 20.26
C ASN C 198 5.43 -15.90 21.27
N ALA C 199 5.78 -15.75 22.55
CA ALA C 199 4.86 -15.52 23.66
C ALA C 199 5.24 -14.24 24.41
N ASP C 200 5.48 -13.15 23.66
CA ASP C 200 5.80 -11.84 24.23
C ASP C 200 5.13 -10.78 23.37
N ALA C 201 4.17 -10.04 23.95
CA ALA C 201 3.32 -9.15 23.17
C ALA C 201 4.12 -8.04 22.48
N GLU C 202 5.11 -7.46 23.18
CA GLU C 202 5.85 -6.36 22.59
C GLU C 202 6.59 -6.79 21.32
N ALA C 203 7.28 -7.93 21.39
CA ALA C 203 7.99 -8.46 20.23
C ALA C 203 7.03 -8.84 19.12
N MET C 204 5.86 -9.37 19.49
CA MET C 204 4.86 -9.74 18.48
C MET C 204 4.35 -8.52 17.72
N ILE C 205 4.05 -7.44 18.45
CA ILE C 205 3.60 -6.19 17.82
C ILE C 205 4.69 -5.63 16.92
N LYS C 206 5.95 -5.69 17.35
CA LYS C 206 7.05 -5.20 16.52
C LYS C 206 7.17 -6.02 15.23
N MET C 207 7.01 -7.33 15.32
CA MET C 207 7.03 -8.15 14.10
C MET C 207 5.89 -7.76 13.16
N SER C 208 4.71 -7.48 13.71
CA SER C 208 3.58 -7.09 12.87
C SER C 208 3.84 -5.72 12.20
N MET C 209 4.43 -4.77 12.93
CA MET C 209 4.81 -3.49 12.34
C MET C 209 5.81 -3.69 11.20
N ARG C 210 6.81 -4.54 11.43
CA ARG C 210 7.80 -4.83 10.40
C ARG C 210 7.14 -5.39 9.16
N CYS C 211 6.19 -6.32 9.34
CA CYS C 211 5.45 -6.88 8.21
C CYS C 211 4.64 -5.80 7.48
N SER C 212 3.95 -4.93 8.22
CA SER C 212 3.09 -3.92 7.61
C SER C 212 3.90 -2.91 6.79
N LEU C 213 5.15 -2.67 7.18
CA LEU C 213 5.99 -1.75 6.41
C LEU C 213 6.20 -2.24 4.98
N THR C 214 6.36 -3.56 4.79
CA THR C 214 6.49 -4.13 3.45
C THR C 214 5.21 -3.94 2.63
N ASP C 215 4.07 -3.74 3.28
CA ASP C 215 2.86 -3.38 2.54
C ASP C 215 2.90 -1.91 2.15
N GLY C 216 3.05 -1.03 3.15
CA GLY C 216 2.89 0.40 2.90
C GLY C 216 3.92 0.95 1.93
N TRP C 217 5.18 0.60 2.13
CA TRP C 217 6.26 1.23 1.37
C TRP C 217 6.77 0.39 0.21
N MET C 218 6.44 -0.89 0.13
CA MET C 218 6.90 -1.72 -0.97
C MET C 218 5.77 -2.26 -1.84
N GLY C 219 4.82 -3.00 -1.25
CA GLY C 219 3.77 -3.63 -2.03
C GLY C 219 2.80 -2.63 -2.63
N SER C 220 2.13 -1.87 -1.77
CA SER C 220 1.18 -0.86 -2.24
C SER C 220 1.88 0.21 -3.06
N PHE C 221 3.09 0.61 -2.64
CA PHE C 221 3.80 1.66 -3.35
C PHE C 221 4.15 1.22 -4.77
N MET C 222 4.72 0.02 -4.90
CA MET C 222 5.08 -0.50 -6.22
C MET C 222 3.85 -0.76 -7.07
N GLY C 223 2.79 -1.28 -6.47
CA GLY C 223 1.57 -1.48 -7.22
C GLY C 223 1.06 -0.18 -7.79
N THR C 224 1.01 0.87 -6.97
CA THR C 224 0.54 2.18 -7.42
C THR C 224 1.41 2.75 -8.53
N GLU C 225 2.74 2.74 -8.32
CA GLU C 225 3.62 3.39 -9.29
C GLU C 225 3.67 2.63 -10.62
N PHE C 226 3.65 1.28 -10.56
CA PHE C 226 3.63 0.51 -11.80
C PHE C 226 2.28 0.64 -12.50
N SER C 227 1.19 0.76 -11.74
CA SER C 227 -0.11 1.03 -12.36
C SER C 227 -0.10 2.37 -13.05
N ASP C 228 0.52 3.38 -12.43
CA ASP C 228 0.66 4.66 -13.12
C ASP C 228 1.48 4.52 -14.40
N ILE C 229 2.57 3.76 -14.36
CA ILE C 229 3.42 3.59 -15.53
C ILE C 229 2.64 2.95 -16.67
N MET C 230 1.88 1.90 -16.37
CA MET C 230 1.21 1.14 -17.42
C MET C 230 -0.09 1.80 -17.88
N PHE C 231 -0.88 2.37 -16.97
CA PHE C 231 -2.21 2.85 -17.29
C PHE C 231 -2.35 4.37 -17.24
N GLY C 232 -1.27 5.09 -16.89
CA GLY C 232 -1.32 6.53 -16.87
C GLY C 232 -1.44 7.10 -15.46
N THR C 233 -0.71 8.18 -15.22
CA THR C 233 -0.81 8.87 -13.93
C THR C 233 -2.15 9.60 -13.85
N PRO C 234 -2.92 9.45 -12.77
CA PRO C 234 -4.21 10.15 -12.66
C PRO C 234 -4.03 11.65 -12.65
N HIS C 235 -4.98 12.36 -13.26
CA HIS C 235 -5.07 13.80 -13.21
C HIS C 235 -6.51 14.19 -12.90
N SER C 236 -6.72 15.48 -12.64
CA SER C 236 -8.06 15.97 -12.29
C SER C 236 -9.05 15.55 -13.36
N ILE C 237 -10.14 14.93 -12.92
CA ILE C 237 -11.13 14.37 -13.83
C ILE C 237 -12.49 14.36 -13.14
N ASP C 238 -13.54 14.58 -13.92
CA ASP C 238 -14.91 14.58 -13.42
C ASP C 238 -15.53 13.18 -13.57
N THR C 239 -16.46 12.87 -12.68
CA THR C 239 -17.17 11.60 -12.75
C THR C 239 -18.50 11.78 -12.00
N GLU C 240 -19.31 10.72 -12.02
CA GLU C 240 -20.56 10.66 -11.28
C GLU C 240 -20.51 9.47 -10.32
N ALA C 241 -21.21 9.59 -9.20
CA ALA C 241 -21.15 8.60 -8.15
C ALA C 241 -22.57 8.28 -7.68
N ASN C 242 -22.69 7.10 -7.04
CA ASN C 242 -23.88 6.50 -6.44
C ASN C 242 -24.70 5.70 -7.45
N LEU C 243 -25.68 4.92 -6.94
CA LEU C 243 -26.33 3.89 -7.75
C LEU C 243 -27.15 4.46 -8.90
N GLY C 244 -27.43 5.77 -8.88
CA GLY C 244 -28.19 6.39 -9.95
C GLY C 244 -27.48 6.37 -11.29
N VAL C 245 -26.18 6.08 -11.31
CA VAL C 245 -25.43 6.05 -12.56
C VAL C 245 -25.84 4.89 -13.47
N LEU C 246 -26.56 3.90 -12.94
CA LEU C 246 -27.05 2.80 -13.77
C LEU C 246 -28.10 3.32 -14.75
N GLU C 247 -28.09 2.76 -15.96
CA GLU C 247 -29.00 3.15 -17.03
C GLU C 247 -30.01 2.04 -17.25
N LYS C 248 -31.29 2.41 -17.29
CA LYS C 248 -32.33 1.42 -17.56
C LYS C 248 -32.24 0.91 -19.00
N ASN C 249 -31.99 1.81 -19.95
CA ASN C 249 -32.04 1.50 -21.38
C ASN C 249 -30.70 1.08 -21.96
N SER C 250 -29.67 0.89 -21.13
CA SER C 250 -28.36 0.47 -21.60
C SER C 250 -27.94 -0.81 -20.89
N VAL C 251 -27.02 -1.55 -21.52
CA VAL C 251 -26.33 -2.63 -20.83
C VAL C 251 -25.56 -2.04 -19.66
N ASN C 252 -25.71 -2.62 -18.47
CA ASN C 252 -24.99 -2.14 -17.30
C ASN C 252 -23.97 -3.20 -16.87
N VAL C 253 -22.70 -2.84 -16.96
CA VAL C 253 -21.59 -3.73 -16.60
C VAL C 253 -20.92 -3.13 -15.37
N VAL C 254 -20.94 -3.85 -14.26
CA VAL C 254 -20.42 -3.37 -13.00
C VAL C 254 -19.11 -4.11 -12.72
N LEU C 255 -18.03 -3.35 -12.53
CA LEU C 255 -16.71 -3.91 -12.25
C LEU C 255 -16.44 -3.78 -10.75
N HIS C 256 -16.25 -4.90 -10.09
CA HIS C 256 -16.09 -4.96 -8.64
C HIS C 256 -14.80 -5.70 -8.32
N GLY C 257 -14.06 -5.25 -7.30
CA GLY C 257 -12.80 -5.88 -6.95
C GLY C 257 -11.63 -4.92 -6.81
N HIS C 258 -10.40 -5.40 -7.05
CA HIS C 258 -9.22 -4.59 -6.79
C HIS C 258 -8.19 -4.59 -7.92
N GLU C 259 -8.12 -5.65 -8.72
CA GLU C 259 -7.05 -5.74 -9.73
C GLU C 259 -7.35 -4.83 -10.92
N PRO C 260 -6.45 -3.91 -11.26
CA PRO C 260 -6.81 -2.90 -12.28
C PRO C 260 -6.63 -3.37 -13.72
N LEU C 261 -5.82 -4.39 -13.99
CA LEU C 261 -5.60 -4.78 -15.38
C LEU C 261 -6.89 -5.24 -16.05
N LEU C 262 -7.68 -6.07 -15.35
CA LEU C 262 -8.94 -6.52 -15.93
C LEU C 262 -9.89 -5.36 -16.22
N SER C 263 -10.02 -4.42 -15.28
CA SER C 263 -10.96 -3.31 -15.48
C SER C 263 -10.45 -2.39 -16.59
N GLU C 264 -9.14 -2.18 -16.68
CA GLU C 264 -8.59 -1.41 -17.79
C GLU C 264 -8.91 -2.07 -19.13
N MET C 265 -8.73 -3.40 -19.22
CA MET C 265 -9.04 -4.09 -20.48
C MET C 265 -10.53 -4.06 -20.78
N VAL C 266 -11.39 -4.14 -19.76
CA VAL C 266 -12.83 -4.04 -19.98
C VAL C 266 -13.21 -2.65 -20.49
N VAL C 267 -12.60 -1.60 -19.93
CA VAL C 267 -12.85 -0.25 -20.43
C VAL C 267 -12.44 -0.14 -21.89
N GLU C 268 -11.26 -0.67 -22.22
CA GLU C 268 -10.82 -0.64 -23.61
C GLU C 268 -11.75 -1.44 -24.52
N ALA C 269 -12.21 -2.60 -24.06
CA ALA C 269 -13.10 -3.42 -24.87
C ALA C 269 -14.46 -2.76 -25.08
N ALA C 270 -14.91 -1.95 -24.13
CA ALA C 270 -16.21 -1.30 -24.27
C ALA C 270 -16.28 -0.36 -25.47
N SER C 271 -15.15 0.15 -25.96
CA SER C 271 -15.11 0.99 -27.15
C SER C 271 -14.91 0.17 -28.43
N ASP C 272 -14.85 -1.15 -28.33
CA ASP C 272 -14.70 -1.98 -29.52
C ASP C 272 -15.94 -1.85 -30.41
N PRO C 273 -15.78 -1.56 -31.73
CA PRO C 273 -16.97 -1.37 -32.58
C PRO C 273 -17.89 -2.58 -32.62
N GLU C 274 -17.33 -3.78 -32.57
CA GLU C 274 -18.19 -4.96 -32.64
C GLU C 274 -19.05 -5.08 -31.40
N LEU C 275 -18.48 -4.81 -30.22
CA LEU C 275 -19.23 -4.92 -28.98
C LEU C 275 -20.29 -3.81 -28.87
N VAL C 276 -19.97 -2.61 -29.34
CA VAL C 276 -20.97 -1.54 -29.36
C VAL C 276 -22.13 -1.90 -30.29
N GLU C 277 -21.80 -2.44 -31.47
CA GLU C 277 -22.84 -2.89 -32.39
C GLU C 277 -23.67 -4.01 -31.76
N LEU C 278 -23.02 -4.94 -31.06
CA LEU C 278 -23.74 -6.02 -30.39
C LEU C 278 -24.68 -5.50 -29.31
N ALA C 279 -24.24 -4.50 -28.54
CA ALA C 279 -25.11 -3.90 -27.54
C ALA C 279 -26.32 -3.25 -28.22
N LYS C 280 -26.10 -2.58 -29.35
CA LYS C 280 -27.24 -2.03 -30.09
C LYS C 280 -28.18 -3.14 -30.58
N SER C 281 -27.62 -4.28 -30.98
CA SER C 281 -28.44 -5.33 -31.59
C SER C 281 -29.29 -6.06 -30.55
N VAL C 282 -28.94 -6.00 -29.27
CA VAL C 282 -29.74 -6.67 -28.25
C VAL C 282 -30.78 -5.71 -27.70
N GLY C 283 -30.90 -4.54 -28.31
CA GLY C 283 -31.93 -3.59 -27.93
C GLY C 283 -31.52 -2.59 -26.87
N ALA C 284 -30.22 -2.41 -26.63
CA ALA C 284 -29.75 -1.46 -25.63
C ALA C 284 -29.22 -0.20 -26.31
N ASP C 285 -29.29 0.92 -25.59
CA ASP C 285 -28.77 2.18 -26.11
C ASP C 285 -27.26 2.16 -26.23
N GLY C 286 -26.59 1.39 -25.38
CA GLY C 286 -25.15 1.32 -25.43
C GLY C 286 -24.63 0.53 -24.25
N ILE C 287 -23.35 0.69 -23.96
CA ILE C 287 -22.68 0.03 -22.86
C ILE C 287 -22.41 1.06 -21.78
N ASN C 288 -22.82 0.77 -20.55
CA ASN C 288 -22.62 1.66 -19.41
C ASN C 288 -21.78 0.89 -18.41
N LEU C 289 -20.48 1.21 -18.38
CA LEU C 289 -19.56 0.65 -17.40
C LEU C 289 -19.65 1.46 -16.12
N CYS C 290 -19.79 0.77 -14.99
CA CYS C 290 -19.80 1.38 -13.67
C CYS C 290 -18.84 0.57 -12.79
N GLY C 291 -18.18 1.25 -11.87
CA GLY C 291 -17.20 0.61 -11.01
C GLY C 291 -17.65 0.65 -9.56
N MET C 292 -17.14 -0.32 -8.78
CA MET C 292 -17.40 -0.37 -7.36
C MET C 292 -16.11 -0.66 -6.61
N CYS C 293 -15.99 -0.11 -5.41
CA CYS C 293 -14.84 -0.34 -4.51
C CYS C 293 -13.56 0.11 -5.24
N CYS C 294 -12.45 -0.61 -5.07
CA CYS C 294 -11.14 -0.11 -5.48
C CYS C 294 -10.92 -0.19 -6.98
N THR C 295 -11.44 -1.23 -7.64
CA THR C 295 -11.32 -1.27 -9.10
C THR C 295 -12.11 -0.13 -9.71
N GLY C 296 -13.29 0.17 -9.16
CA GLY C 296 -13.99 1.37 -9.56
C GLY C 296 -13.18 2.62 -9.30
N ASN C 297 -12.49 2.69 -8.16
CA ASN C 297 -11.64 3.85 -7.90
C ASN C 297 -10.54 3.98 -8.95
N GLU C 298 -9.90 2.87 -9.34
CA GLU C 298 -8.82 2.96 -10.33
C GLU C 298 -9.34 3.45 -11.69
N VAL C 299 -10.40 2.80 -12.20
CA VAL C 299 -10.87 3.20 -13.53
C VAL C 299 -11.48 4.60 -13.49
N SER C 300 -12.00 5.02 -12.33
CA SER C 300 -12.53 6.37 -12.20
C SER C 300 -11.43 7.42 -12.12
N MET C 301 -10.35 7.12 -11.39
CA MET C 301 -9.22 8.04 -11.31
C MET C 301 -8.58 8.23 -12.68
N ARG C 302 -8.50 7.17 -13.49
CA ARG C 302 -7.78 7.25 -14.75
C ARG C 302 -8.64 7.53 -15.98
N HIS C 303 -9.95 7.29 -15.92
CA HIS C 303 -10.80 7.48 -17.08
C HIS C 303 -12.13 8.14 -16.79
N GLY C 304 -12.44 8.44 -15.52
CA GLY C 304 -13.73 9.03 -15.22
C GLY C 304 -14.89 8.07 -15.26
N ILE C 305 -14.63 6.76 -15.13
CA ILE C 305 -15.72 5.78 -15.09
C ILE C 305 -16.59 6.07 -13.88
N LYS C 306 -17.90 6.04 -14.08
CA LYS C 306 -18.82 6.33 -12.98
C LYS C 306 -18.71 5.29 -11.87
N ILE C 307 -18.82 5.74 -10.62
CA ILE C 307 -18.71 4.88 -9.46
C ILE C 307 -20.11 4.52 -8.99
N ALA C 308 -20.44 3.24 -9.04
CA ALA C 308 -21.78 2.80 -8.64
C ALA C 308 -21.93 2.82 -7.12
N GLY C 309 -20.90 2.45 -6.36
CA GLY C 309 -20.98 2.45 -4.90
C GLY C 309 -19.79 1.76 -4.27
N ASN C 310 -19.73 1.86 -2.92
CA ASN C 310 -18.67 1.28 -2.12
C ASN C 310 -19.10 -0.08 -1.55
N PHE C 311 -18.34 -0.61 -0.59
CA PHE C 311 -18.43 -1.99 -0.14
C PHE C 311 -19.87 -2.40 0.18
N MET C 312 -20.50 -1.81 1.19
CA MET C 312 -21.80 -2.31 1.63
C MET C 312 -22.93 -1.98 0.67
N GLN C 313 -22.65 -1.38 -0.49
CA GLN C 313 -23.66 -1.19 -1.53
C GLN C 313 -23.64 -2.25 -2.62
N GLN C 314 -22.63 -3.13 -2.65
CA GLN C 314 -22.50 -4.03 -3.78
C GLN C 314 -23.78 -4.83 -3.99
N GLU C 315 -24.32 -5.44 -2.94
CA GLU C 315 -25.57 -6.20 -3.09
C GLU C 315 -26.70 -5.34 -3.66
N LEU C 316 -26.82 -4.11 -3.14
CA LEU C 316 -27.91 -3.24 -3.60
C LEU C 316 -27.77 -2.92 -5.08
N ALA C 317 -26.55 -2.94 -5.61
CA ALA C 317 -26.42 -2.73 -7.05
C ALA C 317 -27.21 -3.80 -7.81
N VAL C 318 -27.14 -5.06 -7.36
CA VAL C 318 -27.91 -6.13 -8.00
C VAL C 318 -29.41 -5.95 -7.70
N VAL C 319 -29.76 -5.37 -6.55
CA VAL C 319 -31.17 -5.26 -6.17
C VAL C 319 -31.94 -4.36 -7.13
N THR C 320 -31.25 -3.42 -7.80
CA THR C 320 -31.89 -2.58 -8.81
C THR C 320 -32.54 -3.41 -9.92
N GLY C 321 -31.99 -4.59 -10.21
CA GLY C 321 -32.47 -5.38 -11.33
C GLY C 321 -31.97 -4.93 -12.67
N ALA C 322 -30.99 -4.02 -12.72
CA ALA C 322 -30.48 -3.46 -13.95
C ALA C 322 -29.05 -3.87 -14.28
N VAL C 323 -28.38 -4.64 -13.41
CA VAL C 323 -27.01 -5.08 -13.64
C VAL C 323 -27.04 -6.33 -14.52
N ASP C 324 -26.63 -6.19 -15.79
CA ASP C 324 -26.56 -7.31 -16.71
C ASP C 324 -25.36 -8.20 -16.41
N GLY C 325 -24.21 -7.59 -16.13
CA GLY C 325 -23.03 -8.35 -15.81
C GLY C 325 -22.26 -7.75 -14.65
N LEU C 326 -21.93 -8.55 -13.65
CA LEU C 326 -21.14 -8.10 -12.51
C LEU C 326 -19.83 -8.88 -12.57
N ILE C 327 -18.75 -8.21 -12.95
CA ILE C 327 -17.45 -8.84 -13.17
C ILE C 327 -16.59 -8.55 -11.96
N VAL C 328 -16.08 -9.60 -11.31
CA VAL C 328 -15.33 -9.44 -10.06
C VAL C 328 -13.96 -10.10 -10.19
N ASP C 329 -12.91 -9.45 -9.67
CA ASP C 329 -11.61 -10.13 -9.63
C ASP C 329 -11.25 -10.76 -8.27
N VAL C 330 -10.96 -9.96 -7.23
CA VAL C 330 -10.49 -10.46 -5.93
C VAL C 330 -10.81 -9.42 -4.86
N GLN C 331 -10.98 -9.89 -3.61
CA GLN C 331 -11.00 -9.05 -2.40
C GLN C 331 -12.29 -8.25 -2.24
N CYS C 332 -12.91 -8.31 -1.05
CA CYS C 332 -14.08 -7.50 -0.71
C CYS C 332 -15.26 -7.78 -1.64
N ILE C 333 -15.33 -9.00 -2.16
CA ILE C 333 -16.43 -9.45 -3.01
C ILE C 333 -17.28 -10.35 -2.10
N MET C 334 -18.42 -9.83 -1.63
CA MET C 334 -19.27 -10.61 -0.75
C MET C 334 -19.71 -11.89 -1.46
N PRO C 335 -19.41 -13.08 -0.91
CA PRO C 335 -19.85 -14.31 -1.58
C PRO C 335 -21.36 -14.40 -1.71
N ALA C 336 -22.11 -13.75 -0.83
CA ALA C 336 -23.56 -13.79 -0.92
C ALA C 336 -24.05 -13.29 -2.27
N LEU C 337 -23.25 -12.48 -2.98
CA LEU C 337 -23.64 -12.04 -4.31
C LEU C 337 -24.08 -13.20 -5.19
N ALA C 338 -23.35 -14.32 -5.14
CA ALA C 338 -23.75 -15.46 -5.97
C ALA C 338 -25.20 -15.85 -5.71
N LYS C 339 -25.55 -16.08 -4.44
CA LYS C 339 -26.93 -16.40 -4.09
C LYS C 339 -27.87 -15.30 -4.57
N LEU C 340 -27.51 -14.04 -4.32
CA LEU C 340 -28.37 -12.92 -4.70
C LEU C 340 -28.61 -12.88 -6.21
N SER C 341 -27.59 -13.24 -7.01
CA SER C 341 -27.69 -13.19 -8.46
C SER C 341 -28.74 -14.16 -9.00
N LYS C 342 -29.12 -15.17 -8.21
CA LYS C 342 -30.15 -16.10 -8.66
C LYS C 342 -31.52 -15.44 -8.67
N SER C 343 -31.73 -14.42 -7.85
CA SER C 343 -33.02 -13.74 -7.77
C SER C 343 -33.21 -12.73 -8.90
N TYR C 344 -32.20 -12.51 -9.73
CA TYR C 344 -32.29 -11.58 -10.85
C TYR C 344 -31.63 -12.25 -12.06
N HIS C 345 -31.64 -11.55 -13.19
CA HIS C 345 -31.01 -12.04 -14.41
C HIS C 345 -29.50 -11.89 -14.40
N THR C 346 -28.94 -11.22 -13.39
CA THR C 346 -27.54 -10.82 -13.40
C THR C 346 -26.58 -11.98 -13.58
N LYS C 347 -25.62 -11.83 -14.49
CA LYS C 347 -24.52 -12.77 -14.62
C LYS C 347 -23.39 -12.35 -13.70
N PHE C 348 -23.13 -13.16 -12.68
CA PHE C 348 -22.08 -12.91 -11.71
C PHE C 348 -20.82 -13.67 -12.16
N ILE C 349 -19.82 -12.94 -12.64
CA ILE C 349 -18.67 -13.53 -13.33
C ILE C 349 -17.44 -13.36 -12.48
N THR C 350 -16.87 -14.47 -12.02
CA THR C 350 -15.54 -14.48 -11.41
C THR C 350 -14.50 -14.69 -12.50
N THR C 351 -13.35 -14.04 -12.35
CA THR C 351 -12.33 -14.05 -13.37
C THR C 351 -10.94 -14.44 -12.88
N SER C 352 -10.72 -14.56 -11.58
CA SER C 352 -9.39 -14.79 -11.06
C SER C 352 -9.27 -16.18 -10.43
N PRO C 353 -8.19 -16.92 -10.68
CA PRO C 353 -8.00 -18.21 -10.00
C PRO C 353 -7.85 -18.07 -8.50
N LYS C 354 -7.51 -16.89 -8.00
CA LYS C 354 -7.39 -16.67 -6.56
C LYS C 354 -8.73 -16.50 -5.86
N ALA C 355 -9.82 -16.26 -6.59
CA ALA C 355 -11.10 -15.86 -6.00
C ALA C 355 -12.26 -16.63 -6.63
N HIS C 356 -12.15 -17.96 -6.70
CA HIS C 356 -13.31 -18.76 -7.08
C HIS C 356 -14.44 -18.57 -6.09
N ILE C 357 -15.66 -18.44 -6.60
CA ILE C 357 -16.86 -18.33 -5.78
C ILE C 357 -17.88 -19.36 -6.26
N THR C 358 -18.37 -20.19 -5.34
CA THR C 358 -19.29 -21.27 -5.72
C THR C 358 -20.58 -20.69 -6.31
N ASP C 359 -21.06 -21.33 -7.37
CA ASP C 359 -22.29 -21.00 -8.09
C ASP C 359 -22.20 -19.70 -8.88
N SER C 360 -21.01 -19.15 -9.08
CA SER C 360 -20.80 -18.03 -9.98
C SER C 360 -20.28 -18.58 -11.31
N ILE C 361 -20.44 -17.80 -12.36
CA ILE C 361 -19.93 -18.13 -13.69
C ILE C 361 -18.45 -17.78 -13.74
N TYR C 362 -17.60 -18.78 -13.95
CA TYR C 362 -16.16 -18.57 -13.94
C TYR C 362 -15.65 -18.45 -15.37
N MET C 363 -15.05 -17.28 -15.68
CA MET C 363 -14.44 -16.99 -16.98
C MET C 363 -13.05 -16.45 -16.66
N GLU C 364 -12.07 -17.33 -16.66
CA GLU C 364 -10.74 -16.95 -16.22
C GLU C 364 -10.17 -15.85 -17.10
N PHE C 365 -9.76 -14.75 -16.46
CA PHE C 365 -9.15 -13.64 -17.19
C PHE C 365 -7.73 -14.05 -17.60
N ASP C 366 -7.48 -14.12 -18.91
CA ASP C 366 -6.21 -14.56 -19.47
C ASP C 366 -5.29 -13.36 -19.61
N GLU C 367 -4.23 -13.32 -18.81
CA GLU C 367 -3.27 -12.22 -18.88
C GLU C 367 -2.36 -12.31 -20.09
N GLU C 368 -2.26 -13.48 -20.71
CA GLU C 368 -1.48 -13.61 -21.95
C GLU C 368 -2.13 -12.82 -23.08
N ASN C 369 -3.46 -12.83 -23.16
CA ASN C 369 -4.20 -12.06 -24.15
C ASN C 369 -5.26 -11.26 -23.42
N PRO C 370 -4.85 -10.23 -22.65
CA PRO C 370 -5.83 -9.54 -21.79
C PRO C 370 -7.00 -8.93 -22.54
N LEU C 371 -6.76 -8.33 -23.71
CA LEU C 371 -7.82 -7.63 -24.41
C LEU C 371 -8.89 -8.59 -24.95
N ASP C 372 -8.46 -9.70 -25.56
CA ASP C 372 -9.41 -10.68 -26.08
C ASP C 372 -10.20 -11.33 -24.95
N SER C 373 -9.53 -11.63 -23.85
CA SER C 373 -10.22 -12.19 -22.70
C SER C 373 -11.27 -11.23 -22.14
N ALA C 374 -10.91 -9.95 -22.00
CA ALA C 374 -11.87 -8.94 -21.56
C ALA C 374 -13.03 -8.81 -22.53
N LYS C 375 -12.74 -8.90 -23.83
CA LYS C 375 -13.79 -8.81 -24.84
C LYS C 375 -14.80 -9.95 -24.73
N LYS C 376 -14.32 -11.17 -24.51
CA LYS C 376 -15.27 -12.29 -24.39
C LYS C 376 -16.10 -12.19 -23.11
N ILE C 377 -15.48 -11.77 -22.00
CA ILE C 377 -16.23 -11.56 -20.76
C ILE C 377 -17.30 -10.49 -20.94
N LEU C 378 -16.92 -9.38 -21.57
CA LEU C 378 -17.85 -8.28 -21.82
C LEU C 378 -18.95 -8.68 -22.77
N LYS C 379 -18.65 -9.54 -23.74
CA LYS C 379 -19.67 -10.03 -24.65
C LYS C 379 -20.70 -10.86 -23.90
N GLU C 380 -20.25 -11.69 -22.95
CA GLU C 380 -21.24 -12.40 -22.12
C GLU C 380 -22.14 -11.43 -21.36
N ALA C 381 -21.55 -10.39 -20.77
CA ALA C 381 -22.37 -9.41 -20.06
C ALA C 381 -23.38 -8.72 -21.00
N ILE C 382 -22.94 -8.35 -22.21
CA ILE C 382 -23.82 -7.68 -23.17
C ILE C 382 -24.95 -8.59 -23.62
N LEU C 383 -24.64 -9.84 -23.92
CA LEU C 383 -25.69 -10.76 -24.35
C LEU C 383 -26.71 -11.01 -23.24
N ASN C 384 -26.29 -10.88 -21.97
CA ASN C 384 -27.27 -11.04 -20.90
C ASN C 384 -28.34 -9.94 -20.86
N PHE C 385 -28.17 -8.85 -21.61
CA PHE C 385 -29.17 -7.77 -21.61
C PHE C 385 -30.52 -8.27 -22.11
N LYS C 386 -30.52 -9.29 -22.96
CA LYS C 386 -31.78 -9.83 -23.46
C LYS C 386 -32.62 -10.48 -22.37
N ASN C 387 -31.99 -10.89 -21.27
CA ASN C 387 -32.66 -11.51 -20.14
C ASN C 387 -33.12 -10.48 -19.11
N ARG C 388 -32.95 -9.19 -19.39
CA ARG C 388 -33.41 -8.15 -18.47
C ARG C 388 -34.92 -8.20 -18.33
N ASP C 389 -35.40 -8.10 -17.10
CA ASP C 389 -36.83 -7.98 -16.81
C ASP C 389 -37.05 -6.52 -16.40
N GLN C 390 -37.55 -5.70 -17.33
CA GLN C 390 -37.69 -4.27 -17.05
C GLN C 390 -38.76 -3.96 -16.01
N SER C 391 -39.69 -4.90 -15.74
CA SER C 391 -40.69 -4.71 -14.69
C SER C 391 -40.10 -4.81 -13.29
N LYS C 392 -38.95 -5.47 -13.15
CA LYS C 392 -38.25 -5.59 -11.87
C LYS C 392 -37.19 -4.51 -11.67
N VAL C 393 -37.07 -3.57 -12.59
CA VAL C 393 -36.00 -2.58 -12.56
C VAL C 393 -36.44 -1.38 -11.74
N MET C 394 -35.59 -0.96 -10.82
CA MET C 394 -35.79 0.27 -10.08
C MET C 394 -34.41 0.88 -9.83
N ILE C 395 -34.11 1.95 -10.53
CA ILE C 395 -32.85 2.69 -10.38
C ILE C 395 -33.19 4.01 -9.69
N PRO C 396 -32.78 4.24 -8.43
CA PRO C 396 -33.07 5.54 -7.82
C PRO C 396 -32.41 6.68 -8.58
N GLU C 397 -33.14 7.79 -8.73
CA GLU C 397 -32.63 8.96 -9.44
C GLU C 397 -31.76 9.81 -8.50
N LEU C 398 -30.70 9.17 -7.99
CA LEU C 398 -29.79 9.80 -7.03
C LEU C 398 -28.35 9.54 -7.47
N LYS C 399 -27.74 10.55 -8.09
CA LYS C 399 -26.37 10.53 -8.53
C LYS C 399 -25.72 11.85 -8.11
N CYS C 400 -24.41 11.84 -7.95
CA CYS C 400 -23.70 13.04 -7.49
C CYS C 400 -22.44 13.26 -8.29
N LYS C 401 -22.19 14.52 -8.66
CA LYS C 401 -20.97 14.87 -9.38
C LYS C 401 -19.77 14.85 -8.45
N ALA C 402 -18.65 14.33 -8.95
CA ALA C 402 -17.43 14.23 -8.16
C ALA C 402 -16.23 14.58 -9.03
N ILE C 403 -15.18 15.06 -8.38
CA ILE C 403 -13.91 15.37 -9.02
C ILE C 403 -12.84 14.55 -8.29
N LEU C 404 -11.98 13.90 -9.04
CA LEU C 404 -10.97 13.02 -8.45
C LEU C 404 -9.73 13.08 -9.34
N GLY C 405 -8.83 12.10 -9.16
CA GLY C 405 -7.60 12.09 -9.92
C GLY C 405 -6.43 12.81 -9.27
N TYR C 406 -6.46 13.01 -7.95
CA TYR C 406 -5.42 13.78 -7.28
C TYR C 406 -4.27 12.87 -6.85
N SER C 407 -3.47 12.48 -7.83
CA SER C 407 -2.17 11.89 -7.53
C SER C 407 -1.24 12.97 -6.99
N VAL C 408 -0.11 12.53 -6.45
CA VAL C 408 0.90 13.47 -5.96
C VAL C 408 1.34 14.39 -7.09
N GLU C 409 1.52 13.84 -8.29
CA GLU C 409 1.89 14.65 -9.44
C GLU C 409 0.82 15.69 -9.76
N GLU C 410 -0.46 15.28 -9.73
CA GLU C 410 -1.54 16.22 -10.00
C GLU C 410 -1.61 17.30 -8.92
N ILE C 411 -1.41 16.91 -7.66
CA ILE C 411 -1.41 17.89 -6.56
C ILE C 411 -0.29 18.90 -6.74
N ILE C 412 0.90 18.43 -7.12
CA ILE C 412 2.02 19.33 -7.35
C ILE C 412 1.72 20.28 -8.51
N ASN C 413 1.13 19.75 -9.59
CA ASN C 413 0.74 20.60 -10.71
C ASN C 413 -0.25 21.69 -10.27
N LYS C 414 -1.23 21.32 -9.44
CA LYS C 414 -2.18 22.32 -8.94
C LYS C 414 -1.49 23.35 -8.05
N LEU C 415 -0.58 22.91 -7.19
CA LEU C 415 0.13 23.83 -6.31
C LEU C 415 1.02 24.79 -7.08
N ASP C 416 1.45 24.42 -8.29
CA ASP C 416 2.27 25.33 -9.08
C ASP C 416 1.57 26.65 -9.40
N LYS C 417 0.23 26.69 -9.33
CA LYS C 417 -0.46 27.93 -9.65
C LYS C 417 -0.16 29.03 -8.63
N VAL C 418 -0.01 28.68 -7.35
CA VAL C 418 0.15 29.68 -6.29
C VAL C 418 1.64 29.94 -6.05
N VAL C 419 2.50 29.54 -6.98
CA VAL C 419 3.94 29.78 -6.89
C VAL C 419 4.27 31.06 -7.67
N ASN C 420 4.88 32.03 -7.00
CA ASN C 420 5.36 33.22 -7.70
C ASN C 420 6.51 32.82 -8.62
N THR C 421 6.41 33.18 -9.90
CA THR C 421 7.39 32.76 -10.89
C THR C 421 8.77 33.33 -10.55
N GLN C 422 8.82 34.56 -10.06
CA GLN C 422 10.09 35.19 -9.73
C GLN C 422 10.75 34.59 -8.49
N ILE C 423 10.04 33.77 -7.72
CA ILE C 423 10.58 33.15 -6.51
C ILE C 423 10.86 31.66 -6.74
N GLY C 424 9.83 30.89 -7.04
CA GLY C 424 9.94 29.46 -7.20
C GLY C 424 10.23 28.77 -5.89
N PRO C 425 10.66 27.50 -5.95
CA PRO C 425 10.83 26.66 -7.15
C PRO C 425 9.49 26.10 -7.62
N MET C 426 9.46 25.53 -8.82
CA MET C 426 8.27 24.89 -9.35
C MET C 426 8.35 23.39 -9.13
N GLN C 427 7.19 22.74 -9.25
CA GLN C 427 7.08 21.28 -9.19
C GLN C 427 7.60 20.71 -7.87
N THR C 428 7.21 21.34 -6.75
CA THR C 428 7.51 20.83 -5.42
C THR C 428 6.24 20.89 -4.59
N VAL C 429 6.32 20.36 -3.37
CA VAL C 429 5.20 20.39 -2.44
C VAL C 429 5.35 21.63 -1.56
N LYS C 430 6.26 22.53 -1.95
CA LYS C 430 6.55 23.68 -1.10
C LYS C 430 5.35 24.55 -0.79
N PRO C 431 4.44 24.87 -1.71
CA PRO C 431 3.25 25.65 -1.30
C PRO C 431 2.43 24.97 -0.20
N LEU C 432 2.28 23.64 -0.27
CA LEU C 432 1.56 22.91 0.77
C LEU C 432 2.30 22.97 2.10
N ALA C 433 3.62 22.80 2.05
CA ALA C 433 4.43 22.94 3.26
C ALA C 433 4.29 24.34 3.84
N ASP C 434 4.24 25.36 2.98
CA ASP C 434 4.11 26.74 3.44
C ASP C 434 2.78 26.97 4.14
N VAL C 435 1.68 26.50 3.54
CA VAL C 435 0.38 26.73 4.17
C VAL C 435 0.28 25.97 5.48
N LEU C 436 0.90 24.78 5.56
CA LEU C 436 0.91 24.03 6.81
C LEU C 436 1.76 24.71 7.87
N VAL C 437 2.94 25.21 7.50
CA VAL C 437 3.82 25.82 8.49
C VAL C 437 3.24 27.14 8.98
N SER C 438 2.68 27.95 8.08
CA SER C 438 2.14 29.23 8.48
C SER C 438 0.92 29.08 9.40
N GLY C 439 0.24 27.94 9.37
CA GLY C 439 -0.95 27.77 10.17
C GLY C 439 -2.25 28.12 9.46
N VAL C 440 -2.18 28.54 8.19
CA VAL C 440 -3.40 28.75 7.41
C VAL C 440 -4.17 27.44 7.32
N LEU C 441 -3.46 26.34 7.09
CA LEU C 441 -4.00 25.00 7.26
C LEU C 441 -3.46 24.43 8.57
N ARG C 442 -4.37 23.91 9.40
CA ARG C 442 -3.96 23.33 10.68
C ARG C 442 -3.26 21.99 10.48
N GLY C 443 -3.63 21.25 9.45
CA GLY C 443 -2.99 19.98 9.17
C GLY C 443 -3.65 19.28 8.00
N ALA C 444 -3.22 18.05 7.77
CA ALA C 444 -3.75 17.19 6.73
C ALA C 444 -4.13 15.84 7.33
N ALA C 445 -5.29 15.32 6.94
CA ALA C 445 -5.80 14.07 7.48
C ALA C 445 -6.22 13.16 6.34
N ALA C 446 -5.86 11.89 6.45
CA ALA C 446 -6.24 10.88 5.47
C ALA C 446 -7.41 10.11 6.04
N VAL C 447 -8.51 10.05 5.29
CA VAL C 447 -9.70 9.29 5.65
C VAL C 447 -9.78 8.11 4.68
N VAL C 448 -9.69 6.90 5.23
CA VAL C 448 -9.57 5.66 4.47
C VAL C 448 -10.46 4.62 5.14
N GLY C 449 -10.65 3.49 4.47
CA GLY C 449 -11.29 2.36 5.12
C GLY C 449 -12.59 1.99 4.45
N CYS C 450 -13.21 0.94 5.00
CA CYS C 450 -14.39 0.30 4.45
C CYS C 450 -15.66 0.82 5.10
N ASN C 451 -16.76 0.11 4.87
CA ASN C 451 -17.96 0.22 5.67
C ASN C 451 -17.97 -0.94 6.65
N ASN C 452 -18.88 -0.91 7.60
CA ASN C 452 -19.01 -1.97 8.58
C ASN C 452 -20.42 -1.94 9.13
N PRO C 453 -21.18 -3.05 9.12
CA PRO C 453 -22.57 -2.99 9.63
C PRO C 453 -22.64 -2.51 11.07
N LYS C 454 -21.55 -2.59 11.83
CA LYS C 454 -21.53 -2.06 13.18
C LYS C 454 -21.73 -0.54 13.24
N VAL C 455 -21.47 0.19 12.14
CA VAL C 455 -21.64 1.63 12.07
C VAL C 455 -22.68 1.92 11.01
N VAL C 456 -23.54 2.94 11.25
CA VAL C 456 -24.50 3.40 10.25
C VAL C 456 -23.69 3.75 9.01
N GLN C 457 -24.02 3.11 7.88
CA GLN C 457 -23.15 3.13 6.72
C GLN C 457 -22.92 4.56 6.20
N ASP C 458 -21.64 4.91 6.06
CA ASP C 458 -21.15 6.21 5.55
C ASP C 458 -21.33 7.35 6.56
N SER C 459 -21.99 7.09 7.68
CA SER C 459 -22.22 8.17 8.66
C SER C 459 -20.89 8.64 9.23
N ALA C 460 -20.06 7.72 9.72
CA ALA C 460 -18.80 8.10 10.35
C ALA C 460 -17.86 8.75 9.35
N HIS C 461 -17.77 8.23 8.12
CA HIS C 461 -16.94 8.85 7.10
C HIS C 461 -17.33 10.31 6.89
N ILE C 462 -18.63 10.56 6.64
CA ILE C 462 -19.08 11.91 6.32
C ILE C 462 -18.88 12.85 7.51
N GLU C 463 -19.26 12.40 8.72
CA GLU C 463 -19.12 13.26 9.90
C GLU C 463 -17.66 13.59 10.18
N THR C 464 -16.77 12.59 10.08
CA THR C 464 -15.36 12.84 10.31
C THR C 464 -14.81 13.83 9.28
N ILE C 465 -15.15 13.65 8.00
CA ILE C 465 -14.62 14.52 6.95
C ILE C 465 -15.11 15.96 7.13
N LYS C 466 -16.41 16.12 7.40
CA LYS C 466 -16.97 17.47 7.57
C LYS C 466 -16.36 18.16 8.78
N GLY C 467 -16.21 17.44 9.90
CA GLY C 467 -15.57 18.04 11.05
C GLY C 467 -14.14 18.47 10.75
N LEU C 468 -13.37 17.61 10.08
CA LEU C 468 -11.97 17.95 9.80
C LEU C 468 -11.86 19.17 8.90
N ILE C 469 -12.65 19.22 7.81
CA ILE C 469 -12.50 20.36 6.90
C ILE C 469 -13.07 21.62 7.53
N LYS C 470 -14.07 21.50 8.40
CA LYS C 470 -14.55 22.68 9.13
C LYS C 470 -13.46 23.24 10.04
N ASN C 471 -12.56 22.38 10.56
CA ASN C 471 -11.45 22.80 11.41
C ASN C 471 -10.18 23.15 10.62
N ASP C 472 -10.31 23.51 9.33
CA ASP C 472 -9.19 23.87 8.47
C ASP C 472 -8.15 22.76 8.43
N VAL C 473 -8.61 21.50 8.39
CA VAL C 473 -7.75 20.37 8.13
C VAL C 473 -8.10 19.88 6.72
N ILE C 474 -7.12 19.93 5.82
CA ILE C 474 -7.34 19.43 4.47
C ILE C 474 -7.39 17.90 4.53
N VAL C 475 -8.32 17.31 3.79
CA VAL C 475 -8.60 15.88 3.87
C VAL C 475 -8.25 15.24 2.53
N VAL C 476 -7.48 14.15 2.58
CA VAL C 476 -7.27 13.27 1.43
C VAL C 476 -7.99 11.96 1.72
N VAL C 477 -8.69 11.42 0.71
CA VAL C 477 -9.54 10.25 0.92
C VAL C 477 -9.15 9.15 -0.06
N THR C 478 -9.29 7.90 0.39
CA THR C 478 -9.08 6.75 -0.47
C THR C 478 -10.19 5.73 -0.24
N GLY C 479 -10.38 4.87 -1.24
CA GLY C 479 -11.21 3.69 -1.06
C GLY C 479 -12.69 3.99 -0.84
N CYS C 480 -13.30 3.16 0.01
CA CYS C 480 -14.74 3.28 0.25
C CYS C 480 -15.10 4.58 0.97
N ALA C 481 -14.19 5.11 1.80
CA ALA C 481 -14.39 6.45 2.37
C ALA C 481 -14.43 7.50 1.28
N ALA C 482 -13.52 7.41 0.30
CA ALA C 482 -13.53 8.34 -0.82
C ALA C 482 -14.84 8.23 -1.59
N GLN C 483 -15.34 7.00 -1.75
CA GLN C 483 -16.60 6.83 -2.47
C GLN C 483 -17.78 7.35 -1.65
N ALA C 484 -17.74 7.23 -0.32
CA ALA C 484 -18.77 7.86 0.50
C ALA C 484 -18.76 9.37 0.34
N ALA C 485 -17.56 9.96 0.32
CA ALA C 485 -17.44 11.39 0.08
C ALA C 485 -17.98 11.76 -1.30
N ALA C 486 -17.69 10.94 -2.31
CA ALA C 486 -18.20 11.19 -3.67
C ALA C 486 -19.72 11.16 -3.71
N LYS C 487 -20.32 10.15 -3.08
CA LYS C 487 -21.77 10.05 -3.07
C LYS C 487 -22.39 11.23 -2.35
N TYR C 488 -21.79 11.65 -1.25
CA TYR C 488 -22.37 12.74 -0.47
C TYR C 488 -22.27 14.08 -1.18
N GLY C 489 -21.24 14.31 -1.99
CA GLY C 489 -21.04 15.58 -2.66
C GLY C 489 -19.89 16.41 -2.15
N LEU C 490 -18.98 15.83 -1.35
CA LEU C 490 -17.84 16.55 -0.83
C LEU C 490 -16.74 16.75 -1.87
N LEU C 491 -16.70 15.90 -2.90
CA LEU C 491 -15.67 15.97 -3.95
C LEU C 491 -16.08 17.00 -5.01
N GLN C 492 -16.33 18.22 -4.55
CA GLN C 492 -16.75 19.31 -5.41
C GLN C 492 -16.07 20.60 -4.98
N LYS C 493 -15.78 21.45 -5.97
CA LYS C 493 -15.18 22.75 -5.65
C LYS C 493 -16.12 23.56 -4.78
N GLU C 494 -17.42 23.52 -5.09
CA GLU C 494 -18.41 24.25 -4.30
C GLU C 494 -18.37 23.83 -2.82
N ALA C 495 -18.03 22.57 -2.56
CA ALA C 495 -17.96 22.12 -1.18
C ALA C 495 -17.04 22.98 -0.34
N ALA C 496 -16.01 23.59 -0.95
CA ALA C 496 -15.11 24.45 -0.18
C ALA C 496 -15.86 25.56 0.53
N GLU C 497 -16.77 26.25 -0.18
CA GLU C 497 -17.51 27.32 0.46
C GLU C 497 -18.71 26.82 1.26
N LYS C 498 -19.01 25.53 1.18
CA LYS C 498 -20.18 25.02 1.92
C LYS C 498 -19.80 24.38 3.26
N TYR C 499 -18.60 23.80 3.36
CA TYR C 499 -18.25 23.03 4.55
C TYR C 499 -16.93 23.45 5.19
N ALA C 500 -16.00 23.95 4.41
CA ALA C 500 -14.66 24.20 4.92
C ALA C 500 -14.62 25.45 5.79
N GLY C 501 -13.62 25.48 6.69
CA GLY C 501 -13.36 26.65 7.49
C GLY C 501 -12.66 27.73 6.68
N PRO C 502 -12.36 28.86 7.32
CA PRO C 502 -11.82 30.01 6.55
C PRO C 502 -10.49 29.74 5.87
N GLY C 503 -9.52 29.16 6.59
CA GLY C 503 -8.22 28.91 5.99
C GLY C 503 -8.28 27.92 4.86
N LEU C 504 -9.01 26.81 5.06
CA LEU C 504 -9.14 25.81 4.00
C LEU C 504 -9.94 26.36 2.82
N ALA C 505 -10.97 27.17 3.07
CA ALA C 505 -11.72 27.77 1.97
C ALA C 505 -10.83 28.70 1.15
N THR C 506 -9.99 29.50 1.82
CA THR C 506 -9.04 30.34 1.09
C THR C 506 -8.07 29.50 0.28
N VAL C 507 -7.54 28.42 0.87
CA VAL C 507 -6.60 27.58 0.14
C VAL C 507 -7.28 26.95 -1.09
N CYS C 508 -8.50 26.46 -0.92
CA CYS C 508 -9.21 25.85 -2.03
C CYS C 508 -9.48 26.86 -3.13
N LYS C 509 -9.85 28.08 -2.77
CA LYS C 509 -10.06 29.10 -3.78
C LYS C 509 -8.77 29.44 -4.52
N LEU C 510 -7.66 29.56 -3.79
CA LEU C 510 -6.38 29.93 -4.41
C LEU C 510 -5.87 28.83 -5.33
N VAL C 511 -5.97 27.56 -4.91
CA VAL C 511 -5.45 26.45 -5.69
C VAL C 511 -6.48 25.86 -6.64
N ASP C 512 -7.76 26.21 -6.49
CA ASP C 512 -8.84 25.68 -7.32
C ASP C 512 -8.95 24.16 -7.19
N ILE C 513 -9.14 23.71 -5.96
CA ILE C 513 -9.30 22.29 -5.65
C ILE C 513 -10.48 22.13 -4.71
N PRO C 514 -11.09 20.94 -4.65
CA PRO C 514 -12.08 20.66 -3.60
C PRO C 514 -11.38 20.58 -2.26
N PRO C 515 -12.10 20.80 -1.15
CA PRO C 515 -11.49 20.61 0.17
C PRO C 515 -11.12 19.16 0.46
N VAL C 516 -11.68 18.20 -0.28
CA VAL C 516 -11.43 16.78 -0.09
C VAL C 516 -10.83 16.25 -1.38
N LEU C 517 -9.64 15.65 -1.29
CA LEU C 517 -8.90 15.22 -2.46
C LEU C 517 -8.93 13.68 -2.54
N HIS C 518 -9.54 13.16 -3.60
CA HIS C 518 -9.62 11.71 -3.81
C HIS C 518 -8.31 11.23 -4.40
N MET C 519 -7.51 10.51 -3.62
CA MET C 519 -6.19 10.08 -4.07
C MET C 519 -6.18 8.65 -4.61
N GLY C 520 -7.34 7.97 -4.70
CA GLY C 520 -7.43 6.72 -5.41
C GLY C 520 -7.89 5.57 -4.53
N SER C 521 -7.36 4.38 -4.82
CA SER C 521 -7.80 3.14 -4.19
C SER C 521 -7.02 2.92 -2.89
N CYS C 522 -7.19 1.74 -2.29
CA CYS C 522 -6.54 1.43 -1.02
C CYS C 522 -5.04 1.26 -1.16
N VAL C 523 -4.57 0.76 -2.30
CA VAL C 523 -3.12 0.74 -2.53
C VAL C 523 -2.60 2.16 -2.72
N ASP C 524 -3.43 3.06 -3.26
CA ASP C 524 -3.04 4.46 -3.46
C ASP C 524 -2.85 5.22 -2.16
N ILE C 525 -3.13 4.60 -1.01
CA ILE C 525 -2.70 5.18 0.26
C ILE C 525 -1.19 5.36 0.26
N SER C 526 -0.47 4.54 -0.51
CA SER C 526 0.95 4.76 -0.66
C SER C 526 1.22 6.19 -1.15
N ARG C 527 0.40 6.69 -2.08
CA ARG C 527 0.54 8.08 -2.51
C ARG C 527 0.53 9.02 -1.31
N ILE C 528 -0.41 8.82 -0.38
CA ILE C 528 -0.47 9.66 0.81
C ILE C 528 0.87 9.63 1.53
N LEU C 529 1.37 8.40 1.77
CA LEU C 529 2.71 8.28 2.36
C LEU C 529 3.71 9.11 1.58
N ASP C 530 3.74 8.93 0.26
CA ASP C 530 4.64 9.67 -0.60
C ASP C 530 4.52 11.17 -0.33
N LEU C 531 3.29 11.69 -0.38
CA LEU C 531 3.06 13.11 -0.16
C LEU C 531 3.63 13.53 1.18
N VAL C 532 3.26 12.82 2.25
CA VAL C 532 3.73 13.21 3.58
C VAL C 532 5.25 13.17 3.61
N GLY C 533 5.84 12.12 3.05
CA GLY C 533 7.28 12.01 3.04
C GLY C 533 7.92 13.22 2.40
N ARG C 534 7.39 13.62 1.24
CA ARG C 534 7.94 14.78 0.54
C ARG C 534 7.89 16.00 1.45
N VAL C 535 6.74 16.22 2.08
CA VAL C 535 6.62 17.38 2.97
C VAL C 535 7.69 17.31 4.05
N ALA C 536 7.83 16.12 4.66
CA ALA C 536 8.83 15.96 5.70
C ALA C 536 10.22 16.26 5.16
N ASN C 537 10.55 15.71 3.99
CA ASN C 537 11.87 15.92 3.42
C ASN C 537 12.07 17.38 3.04
N LEU C 538 11.00 18.11 2.77
CA LEU C 538 11.17 19.52 2.46
C LEU C 538 11.43 20.33 3.73
N LEU C 539 10.91 19.86 4.87
CA LEU C 539 11.04 20.57 6.12
C LEU C 539 12.19 20.05 6.97
N GLY C 540 12.88 19.01 6.52
CA GLY C 540 14.00 18.47 7.29
C GLY C 540 13.60 17.87 8.63
N VAL C 541 12.42 17.24 8.70
CA VAL C 541 11.94 16.61 9.92
C VAL C 541 11.43 15.21 9.57
N ASP C 542 11.21 14.41 10.61
CA ASP C 542 10.58 13.10 10.45
C ASP C 542 9.08 13.27 10.27
N MET C 543 8.44 12.23 9.74
CA MET C 543 7.00 12.30 9.49
C MET C 543 6.18 12.38 10.78
N SER C 544 6.76 11.97 11.91
CA SER C 544 6.08 12.05 13.21
C SER C 544 6.08 13.46 13.79
N ASP C 545 6.84 14.40 13.20
CA ASP C 545 6.83 15.78 13.65
C ASP C 545 5.76 16.63 12.98
N LEU C 546 5.08 16.10 11.95
CA LEU C 546 4.12 16.88 11.19
C LEU C 546 2.72 16.80 11.80
N PRO C 547 1.91 17.85 11.61
CA PRO C 547 0.49 17.78 12.05
C PRO C 547 -0.37 17.04 11.05
N VAL C 548 -0.18 15.73 10.97
CA VAL C 548 -0.90 14.86 10.04
C VAL C 548 -1.52 13.74 10.85
N ALA C 549 -2.55 13.12 10.29
CA ALA C 549 -3.23 12.01 10.95
C ALA C 549 -3.92 11.16 9.91
N GLY C 550 -4.25 9.94 10.29
CA GLY C 550 -5.06 9.07 9.46
C GLY C 550 -6.26 8.59 10.24
N VAL C 551 -7.38 8.41 9.54
CA VAL C 551 -8.63 7.99 10.14
C VAL C 551 -9.21 6.84 9.33
N ALA C 552 -9.71 5.82 10.03
CA ALA C 552 -10.43 4.70 9.43
C ALA C 552 -11.76 4.60 10.15
N PRO C 553 -12.72 5.47 9.83
CA PRO C 553 -13.96 5.55 10.63
C PRO C 553 -14.77 4.26 10.65
N GLU C 554 -14.79 3.47 9.56
CA GLU C 554 -15.71 2.34 9.42
C GLU C 554 -15.01 1.11 8.84
N TRP C 555 -13.77 0.85 9.24
CA TRP C 555 -12.99 -0.23 8.64
C TRP C 555 -13.52 -1.61 9.02
N MET C 556 -13.31 -2.59 8.14
CA MET C 556 -13.70 -3.97 8.40
C MET C 556 -12.63 -5.00 8.06
N SER C 557 -11.74 -4.71 7.11
CA SER C 557 -10.89 -5.70 6.49
C SER C 557 -9.55 -5.84 7.20
N GLU C 558 -8.91 -7.00 7.00
CA GLU C 558 -7.54 -7.18 7.46
C GLU C 558 -6.60 -6.21 6.77
N LYS C 559 -6.89 -5.87 5.51
CA LYS C 559 -6.11 -4.85 4.83
C LYS C 559 -6.12 -3.52 5.59
N ALA C 560 -7.28 -3.15 6.15
CA ALA C 560 -7.35 -1.93 6.95
C ALA C 560 -6.47 -2.01 8.18
N VAL C 561 -6.41 -3.18 8.82
CA VAL C 561 -5.53 -3.34 9.98
C VAL C 561 -4.07 -3.14 9.58
N ALA C 562 -3.66 -3.78 8.48
CA ALA C 562 -2.27 -3.61 8.02
C ALA C 562 -1.98 -2.16 7.66
N ILE C 563 -2.94 -1.47 7.04
CA ILE C 563 -2.77 -0.08 6.65
C ILE C 563 -2.56 0.80 7.88
N GLY C 564 -3.45 0.68 8.86
CA GLY C 564 -3.29 1.45 10.07
C GLY C 564 -1.97 1.17 10.76
N THR C 565 -1.56 -0.10 10.77
CA THR C 565 -0.30 -0.46 11.42
C THR C 565 0.88 0.20 10.72
N TYR C 566 0.93 0.17 9.39
CA TYR C 566 2.09 0.78 8.74
C TYR C 566 2.01 2.31 8.76
N VAL C 567 0.81 2.89 8.80
CA VAL C 567 0.69 4.34 8.92
C VAL C 567 1.20 4.79 10.29
N VAL C 568 0.84 4.09 11.35
CA VAL C 568 1.38 4.40 12.67
C VAL C 568 2.89 4.17 12.71
N THR C 569 3.35 3.06 12.13
CA THR C 569 4.78 2.74 12.14
C THR C 569 5.57 3.79 11.35
N SER C 570 4.98 4.38 10.32
CA SER C 570 5.63 5.46 9.58
C SER C 570 5.68 6.77 10.36
N GLY C 571 4.94 6.87 11.46
CA GLY C 571 4.99 8.07 12.28
C GLY C 571 3.74 8.95 12.16
N ILE C 572 2.58 8.36 11.84
CA ILE C 572 1.35 9.10 11.66
C ILE C 572 0.29 8.52 12.59
N ASP C 573 -0.22 9.35 13.52
CA ASP C 573 -1.26 8.92 14.43
C ASP C 573 -2.50 8.47 13.66
N THR C 574 -3.09 7.36 14.12
CA THR C 574 -4.23 6.78 13.42
C THR C 574 -5.40 6.60 14.38
N TRP C 575 -6.57 7.09 13.97
CA TRP C 575 -7.82 6.91 14.68
C TRP C 575 -8.61 5.78 14.03
N LEU C 576 -9.12 4.87 14.85
CA LEU C 576 -9.94 3.75 14.38
C LEU C 576 -11.36 3.95 14.86
N GLY C 577 -12.30 4.02 13.93
CA GLY C 577 -13.71 4.16 14.28
C GLY C 577 -14.41 2.87 14.66
N VAL C 578 -13.75 1.73 14.46
CA VAL C 578 -14.24 0.41 14.87
C VAL C 578 -13.17 -0.22 15.74
N ALA C 579 -13.56 -0.66 16.93
CA ALA C 579 -12.59 -1.24 17.86
C ALA C 579 -12.02 -2.54 17.28
N PRO C 580 -10.71 -2.70 17.21
CA PRO C 580 -10.13 -4.02 16.80
C PRO C 580 -10.19 -4.99 17.97
N PRO C 581 -10.21 -6.33 17.70
CA PRO C 581 -10.34 -7.30 18.80
C PRO C 581 -9.08 -7.41 19.66
N VAL C 582 -8.82 -6.38 20.47
CA VAL C 582 -7.66 -6.33 21.34
C VAL C 582 -8.01 -5.96 22.78
N THR C 583 -9.28 -5.65 23.08
CA THR C 583 -9.63 -5.19 24.42
C THR C 583 -9.38 -6.25 25.48
N GLY C 584 -9.33 -7.52 25.08
CA GLY C 584 -9.05 -8.58 26.03
C GLY C 584 -7.62 -8.61 26.53
N GLY C 585 -6.67 -8.05 25.76
CA GLY C 585 -5.28 -7.98 26.19
C GLY C 585 -4.86 -6.59 26.64
N PRO C 586 -4.79 -6.38 27.97
CA PRO C 586 -4.41 -5.03 28.46
C PRO C 586 -3.04 -4.58 27.99
N GLU C 587 -2.07 -5.50 27.93
CA GLU C 587 -0.74 -5.14 27.46
C GLU C 587 -0.77 -4.70 25.99
N VAL C 588 -1.56 -5.39 25.15
CA VAL C 588 -1.65 -5.03 23.73
C VAL C 588 -2.32 -3.67 23.56
N VAL C 589 -3.38 -3.41 24.33
CA VAL C 589 -4.02 -2.09 24.29
C VAL C 589 -3.02 -1.01 24.68
N ASP C 590 -2.26 -1.26 25.75
CA ASP C 590 -1.26 -0.29 26.20
C ASP C 590 -0.17 -0.06 25.16
N ILE C 591 0.27 -1.12 24.48
CA ILE C 591 1.28 -0.98 23.43
C ILE C 591 0.75 -0.15 22.27
N LEU C 592 -0.44 -0.49 21.78
CA LEU C 592 -0.98 0.16 20.57
C LEU C 592 -1.34 1.61 20.81
N THR C 593 -1.86 1.94 22.00
CA THR C 593 -2.40 3.27 22.23
C THR C 593 -1.47 4.14 23.08
N ASN C 594 -0.54 3.55 23.83
CA ASN C 594 0.37 4.34 24.66
C ASN C 594 1.84 4.14 24.31
N LYS C 595 2.34 2.91 24.32
CA LYS C 595 3.79 2.69 24.20
C LYS C 595 4.29 2.91 22.79
N MET C 596 3.42 2.76 21.79
CA MET C 596 3.84 2.93 20.40
C MET C 596 4.46 4.30 20.17
N GLU C 597 3.95 5.34 20.86
CA GLU C 597 4.50 6.66 20.67
C GLU C 597 5.98 6.73 21.05
N ASP C 598 6.42 5.95 22.04
CA ASP C 598 7.83 5.93 22.38
C ASP C 598 8.67 5.28 21.29
N TRP C 599 8.10 4.33 20.53
CA TRP C 599 8.87 3.62 19.52
C TRP C 599 8.96 4.42 18.23
N VAL C 600 7.82 4.81 17.67
CA VAL C 600 7.78 5.39 16.33
C VAL C 600 7.21 6.80 16.31
N GLY C 601 6.91 7.38 17.47
CA GLY C 601 6.41 8.74 17.55
C GLY C 601 4.95 8.91 17.23
N ALA C 602 4.21 7.82 16.96
CA ALA C 602 2.78 7.88 16.70
C ALA C 602 2.14 6.72 17.44
N LYS C 603 0.81 6.69 17.47
CA LYS C 603 0.07 5.65 18.18
C LYS C 603 -1.36 5.58 17.66
N PHE C 604 -2.05 4.51 18.02
CA PHE C 604 -3.44 4.32 17.67
C PHE C 604 -4.35 5.07 18.64
N PHE C 605 -5.46 5.57 18.12
CA PHE C 605 -6.55 6.15 18.91
C PHE C 605 -7.81 5.38 18.54
N ILE C 606 -8.50 4.84 19.54
CA ILE C 606 -9.75 4.12 19.31
C ILE C 606 -10.89 5.04 19.76
N GLU C 607 -11.73 5.45 18.81
CA GLU C 607 -12.81 6.40 19.10
C GLU C 607 -13.94 6.10 18.14
N THR C 608 -15.08 5.64 18.68
CA THR C 608 -16.26 5.29 17.89
C THR C 608 -17.21 6.46 17.69
N ASP C 609 -16.96 7.59 18.33
CA ASP C 609 -17.77 8.78 18.16
C ASP C 609 -17.04 9.71 17.18
N PRO C 610 -17.57 9.95 15.98
CA PRO C 610 -16.81 10.78 15.00
C PRO C 610 -16.54 12.20 15.47
N HIS C 611 -17.48 12.86 16.15
CA HIS C 611 -17.25 14.21 16.63
C HIS C 611 -16.11 14.25 17.64
N LYS C 612 -16.10 13.30 18.57
CA LYS C 612 -14.98 13.21 19.52
C LYS C 612 -13.67 12.91 18.80
N ALA C 613 -13.71 12.07 17.77
CA ALA C 613 -12.51 11.78 16.99
C ALA C 613 -11.97 13.05 16.33
N VAL C 614 -12.84 13.88 15.76
CA VAL C 614 -12.40 15.12 15.15
C VAL C 614 -11.76 16.03 16.19
N GLU C 615 -12.39 16.14 17.36
CA GLU C 615 -11.82 16.96 18.44
C GLU C 615 -10.43 16.46 18.84
N GLN C 616 -10.29 15.15 19.01
CA GLN C 616 -9.00 14.57 19.41
C GLN C 616 -7.95 14.79 18.32
N ILE C 617 -8.35 14.66 17.05
CA ILE C 617 -7.39 14.87 15.96
C ILE C 617 -6.91 16.31 15.97
N VAL C 618 -7.82 17.28 16.15
CA VAL C 618 -7.41 18.68 16.19
C VAL C 618 -6.49 18.95 17.37
N ASN C 619 -6.81 18.40 18.54
CA ASN C 619 -5.95 18.62 19.71
C ASN C 619 -4.56 18.02 19.51
N ARG C 620 -4.50 16.82 18.96
CA ARG C 620 -3.21 16.17 18.73
C ARG C 620 -2.38 16.94 17.69
N MET C 621 -3.03 17.41 16.62
CA MET C 621 -2.33 18.21 15.63
C MET C 621 -1.80 19.50 16.22
N ASN C 622 -2.58 20.16 17.08
CA ASN C 622 -2.10 21.38 17.73
C ASN C 622 -0.92 21.07 18.65
N GLU C 623 -0.98 19.93 19.35
CA GLU C 623 0.15 19.54 20.19
C GLU C 623 1.42 19.35 19.35
N LYS C 624 1.30 18.67 18.22
CA LYS C 624 2.48 18.46 17.39
C LYS C 624 2.96 19.77 16.76
N ARG C 625 2.04 20.68 16.43
CA ARG C 625 2.45 22.00 15.95
C ARG C 625 3.23 22.75 17.00
N LYS C 626 2.77 22.72 18.25
CA LYS C 626 3.48 23.39 19.33
C LYS C 626 4.84 22.75 19.57
N LYS C 627 4.93 21.43 19.41
CA LYS C 627 6.25 20.80 19.47
C LYS C 627 7.15 21.29 18.34
N LEU C 628 6.61 21.42 17.13
CA LEU C 628 7.40 21.83 15.98
C LEU C 628 7.67 23.33 15.94
N GLY C 629 6.99 24.12 16.75
CA GLY C 629 7.17 25.56 16.75
C GLY C 629 6.33 26.33 15.78
N ILE C 630 5.43 25.68 15.04
CA ILE C 630 4.59 26.37 14.07
C ILE C 630 3.20 26.67 14.64
N MET D 1 7.99 31.49 18.08
CA MET D 1 6.73 32.25 17.86
C MET D 1 6.30 32.12 16.41
N ASN D 2 5.15 31.49 16.20
CA ASN D 2 4.65 31.25 14.86
C ASN D 2 3.99 32.52 14.30
N LEU D 3 3.46 32.41 13.08
CA LEU D 3 2.88 33.57 12.41
C LEU D 3 1.70 34.13 13.19
N PHE D 4 0.79 33.27 13.63
CA PHE D 4 -0.39 33.72 14.36
C PHE D 4 0.01 34.42 15.65
N GLN D 5 0.96 33.86 16.39
CA GLN D 5 1.38 34.48 17.63
C GLN D 5 2.14 35.77 17.39
N THR D 6 2.90 35.86 16.30
CA THR D 6 3.57 37.10 15.96
C THR D 6 2.55 38.21 15.66
N VAL D 7 1.50 37.89 14.91
CA VAL D 7 0.47 38.88 14.58
C VAL D 7 -0.29 39.30 15.82
N PHE D 8 -0.68 38.34 16.66
CA PHE D 8 -1.39 38.68 17.89
C PHE D 8 -0.52 39.54 18.80
N THR D 9 0.76 39.21 18.92
CA THR D 9 1.66 40.01 19.74
C THR D 9 1.75 41.44 19.19
N GLY D 10 1.87 41.58 17.87
CA GLY D 10 1.95 42.91 17.29
C GLY D 10 0.69 43.73 17.52
N SER D 11 -0.48 43.10 17.39
CA SER D 11 -1.73 43.81 17.61
C SER D 11 -1.86 44.28 19.05
N LYS D 12 -1.44 43.45 20.01
CA LYS D 12 -1.47 43.86 21.41
C LYS D 12 -0.53 45.03 21.66
N GLN D 13 0.67 45.01 21.06
CA GLN D 13 1.57 46.16 21.17
C GLN D 13 0.96 47.40 20.52
N ALA D 14 0.28 47.24 19.39
CA ALA D 14 -0.41 48.37 18.78
C ALA D 14 -1.51 48.88 19.68
N LEU D 15 -2.25 47.97 20.32
CA LEU D 15 -3.27 48.39 21.28
C LEU D 15 -2.65 49.09 22.48
N ALA D 16 -1.51 48.59 22.97
CA ALA D 16 -0.84 49.21 24.11
C ALA D 16 -0.38 50.63 23.77
N ALA D 17 0.15 50.83 22.56
CA ALA D 17 0.57 52.17 22.17
C ALA D 17 -0.62 53.10 21.96
N ALA D 18 -1.73 52.57 21.43
CA ALA D 18 -2.92 53.38 21.25
C ALA D 18 -3.51 53.83 22.58
N GLU D 19 -3.54 52.94 23.57
CA GLU D 19 -4.07 53.31 24.88
C GLU D 19 -3.20 54.37 25.54
N GLY D 20 -1.89 54.27 25.40
CA GLY D 20 -1.00 55.24 26.02
C GLY D 20 -1.14 56.63 25.44
N ILE D 21 -1.25 56.73 24.11
CA ILE D 21 -1.30 58.04 23.48
C ILE D 21 -2.68 58.67 23.65
N VAL D 22 -3.74 57.85 23.75
CA VAL D 22 -5.07 58.38 24.02
C VAL D 22 -5.12 58.97 25.43
N LYS D 23 -4.44 58.32 26.37
CA LYS D 23 -4.40 58.84 27.73
C LYS D 23 -3.76 60.22 27.79
N GLN D 24 -2.72 60.44 26.99
CA GLN D 24 -2.08 61.75 26.93
C GLN D 24 -3.04 62.81 26.40
N ALA D 25 -3.82 62.46 25.36
CA ALA D 25 -4.76 63.40 24.78
C ALA D 25 -5.85 63.78 25.77
N VAL D 26 -6.33 62.81 26.55
CA VAL D 26 -7.35 63.10 27.56
C VAL D 26 -6.79 64.01 28.63
N ASP D 27 -5.56 63.75 29.08
CA ASP D 27 -4.98 64.53 30.17
C ASP D 27 -4.62 65.94 29.73
N GLU D 28 -4.25 66.13 28.46
CA GLU D 28 -3.82 67.44 27.99
C GLU D 28 -4.95 68.25 27.36
N LYS D 29 -5.86 67.58 26.65
CA LYS D 29 -6.90 68.29 25.91
C LYS D 29 -8.31 68.03 26.42
N GLY D 30 -8.53 66.98 27.19
CA GLY D 30 -9.85 66.66 27.66
C GLY D 30 -10.67 65.89 26.64
N ARG D 31 -11.72 65.23 27.14
CA ARG D 31 -12.55 64.41 26.28
C ARG D 31 -13.47 65.22 25.38
N ASP D 32 -13.59 66.51 25.59
CA ASP D 32 -14.42 67.37 24.74
C ASP D 32 -13.65 67.97 23.57
N TYR D 33 -12.32 67.82 23.56
CA TYR D 33 -11.51 68.39 22.49
C TYR D 33 -11.79 67.66 21.17
N LYS D 34 -11.79 68.41 20.08
CA LYS D 34 -12.16 67.87 18.78
C LYS D 34 -11.07 66.95 18.25
N VAL D 35 -11.50 65.87 17.60
CA VAL D 35 -10.62 64.92 16.93
C VAL D 35 -10.95 64.93 15.45
N ALA D 36 -9.95 65.21 14.61
CA ALA D 36 -10.18 65.25 13.18
C ALA D 36 -8.86 65.10 12.45
N PHE D 37 -8.96 64.69 11.20
CA PHE D 37 -7.90 64.63 10.20
C PHE D 37 -8.03 65.79 9.22
N PRO D 38 -6.93 66.35 8.73
CA PRO D 38 -7.03 67.55 7.89
C PRO D 38 -7.68 67.25 6.54
N ASP D 39 -8.81 67.92 6.29
CA ASP D 39 -9.49 67.89 5.00
C ASP D 39 -9.91 66.46 4.61
N THR D 40 -10.80 65.90 5.42
CA THR D 40 -11.43 64.61 5.12
C THR D 40 -12.91 64.70 5.44
N ALA D 41 -13.71 63.90 4.72
CA ALA D 41 -15.15 63.84 4.92
C ALA D 41 -15.61 62.55 5.56
N TYR D 42 -14.68 61.68 5.97
CA TYR D 42 -15.02 60.39 6.54
C TYR D 42 -14.44 60.20 7.93
N SER D 43 -14.21 61.31 8.63
CA SER D 43 -13.69 61.28 9.99
C SER D 43 -12.40 60.47 10.09
N LEU D 44 -12.42 59.36 10.83
CA LEU D 44 -11.33 58.41 10.80
C LEU D 44 -11.72 57.30 9.85
N PRO D 45 -11.12 57.22 8.65
CA PRO D 45 -11.67 56.32 7.63
C PRO D 45 -11.73 54.85 8.02
N VAL D 46 -10.74 54.33 8.73
CA VAL D 46 -10.73 52.91 9.07
C VAL D 46 -11.87 52.58 10.02
N ILE D 47 -12.07 53.40 11.05
CA ILE D 47 -13.15 53.16 11.99
C ILE D 47 -14.50 53.41 11.31
N PHE D 48 -14.58 54.44 10.47
CA PHE D 48 -15.83 54.70 9.75
C PHE D 48 -16.15 53.54 8.81
N ALA D 49 -15.13 52.99 8.13
CA ALA D 49 -15.37 51.85 7.25
C ALA D 49 -15.82 50.63 8.02
N ALA D 50 -15.20 50.36 9.18
CA ALA D 50 -15.48 49.14 9.91
C ALA D 50 -16.81 49.21 10.66
N THR D 51 -17.16 50.37 11.21
CA THR D 51 -18.33 50.50 12.07
C THR D 51 -19.37 51.49 11.57
N GLY D 52 -19.00 52.41 10.69
CA GLY D 52 -19.92 53.44 10.26
C GLY D 52 -20.00 54.63 11.19
N LYS D 53 -19.26 54.62 12.29
CA LYS D 53 -19.29 55.68 13.27
C LYS D 53 -18.25 56.74 12.94
N LYS D 54 -18.64 58.00 13.06
CA LYS D 54 -17.74 59.13 12.92
C LYS D 54 -17.28 59.56 14.31
N ILE D 55 -15.98 59.72 14.48
CA ILE D 55 -15.37 60.09 15.75
C ILE D 55 -14.99 61.56 15.64
N THR D 56 -15.52 62.38 16.55
CA THR D 56 -15.34 63.83 16.50
C THR D 56 -14.60 64.40 17.70
N ASN D 57 -14.74 63.81 18.88
CA ASN D 57 -14.11 64.31 20.09
C ASN D 57 -13.16 63.26 20.65
N VAL D 58 -12.35 63.69 21.64
CA VAL D 58 -11.38 62.81 22.27
C VAL D 58 -12.08 61.70 23.04
N GLY D 59 -13.21 62.02 23.68
CA GLY D 59 -13.93 61.00 24.42
C GLY D 59 -14.35 59.82 23.56
N GLU D 60 -14.77 60.09 22.33
CA GLU D 60 -15.11 59.01 21.41
C GLU D 60 -13.88 58.29 20.91
N LEU D 61 -12.75 58.99 20.81
CA LEU D 61 -11.50 58.32 20.43
C LEU D 61 -11.10 57.30 21.47
N GLU D 62 -11.27 57.62 22.76
CA GLU D 62 -11.01 56.66 23.81
C GLU D 62 -11.96 55.47 23.75
N GLY D 63 -13.20 55.70 23.34
CA GLY D 63 -14.15 54.61 23.17
C GLY D 63 -13.91 53.78 21.93
N ALA D 64 -13.07 54.24 21.01
CA ALA D 64 -12.70 53.45 19.84
C ALA D 64 -11.66 52.38 20.15
N LEU D 65 -11.05 52.44 21.33
CA LEU D 65 -10.13 51.38 21.72
C LEU D 65 -10.85 50.05 21.90
N ASP D 66 -12.14 50.10 22.20
CA ASP D 66 -12.93 48.87 22.31
C ASP D 66 -13.06 48.17 20.96
N ILE D 67 -13.03 48.92 19.86
CA ILE D 67 -13.03 48.30 18.53
C ILE D 67 -11.76 47.48 18.34
N VAL D 68 -10.62 48.02 18.76
CA VAL D 68 -9.36 47.30 18.65
C VAL D 68 -9.41 46.03 19.51
N ARG D 69 -9.93 46.15 20.73
CA ARG D 69 -9.98 45.00 21.63
C ARG D 69 -10.86 43.89 21.09
N SER D 70 -12.01 44.25 20.51
CA SER D 70 -12.93 43.24 20.00
C SER D 70 -12.40 42.56 18.74
N LEU D 71 -11.39 43.15 18.08
CA LEU D 71 -10.85 42.55 16.87
C LEU D 71 -9.68 41.62 17.15
N ILE D 72 -9.24 41.49 18.41
CA ILE D 72 -8.11 40.63 18.75
C ILE D 72 -8.68 39.42 19.49
N VAL D 73 -8.94 38.34 18.76
CA VAL D 73 -9.33 37.06 19.34
C VAL D 73 -8.20 36.09 19.06
N GLU D 74 -7.52 35.65 20.12
CA GLU D 74 -6.29 34.86 19.99
C GLU D 74 -6.64 33.38 19.81
N GLU D 75 -7.18 33.07 18.63
CA GLU D 75 -7.43 31.71 18.20
C GLU D 75 -6.77 31.52 16.85
N GLU D 76 -5.99 30.44 16.70
CA GLU D 76 -5.16 30.25 15.51
C GLU D 76 -6.00 29.74 14.35
N MET D 77 -6.81 30.64 13.81
CA MET D 77 -7.56 30.42 12.58
C MET D 77 -7.41 31.66 11.71
N LEU D 78 -7.52 31.46 10.39
CA LEU D 78 -7.17 32.51 9.45
C LEU D 78 -8.03 33.75 9.63
N ASP D 79 -9.32 33.57 9.90
CA ASP D 79 -10.21 34.71 10.06
C ASP D 79 -9.78 35.58 11.25
N LYS D 80 -9.38 34.96 12.36
CA LYS D 80 -8.92 35.73 13.51
C LYS D 80 -7.63 36.49 13.19
N LEU D 81 -6.74 35.89 12.42
CA LEU D 81 -5.50 36.56 12.03
C LEU D 81 -5.80 37.81 11.21
N LEU D 82 -6.73 37.71 10.26
CA LEU D 82 -7.10 38.87 9.46
C LEU D 82 -7.79 39.93 10.31
N ASN D 83 -8.66 39.51 11.24
CA ASN D 83 -9.27 40.47 12.15
C ASN D 83 -8.22 41.13 13.04
N SER D 84 -7.22 40.37 13.46
CA SER D 84 -6.15 40.94 14.27
C SER D 84 -5.32 41.93 13.46
N GLY D 85 -5.10 41.66 12.18
CA GLY D 85 -4.45 42.64 11.32
C GLY D 85 -5.27 43.92 11.22
N LEU D 86 -6.59 43.79 11.14
CA LEU D 86 -7.45 44.97 11.14
C LEU D 86 -7.42 45.70 12.48
N ALA D 87 -7.20 44.96 13.58
CA ALA D 87 -7.05 45.62 14.88
C ALA D 87 -5.83 46.53 14.90
N THR D 88 -4.72 46.08 14.31
CA THR D 88 -3.54 46.93 14.21
C THR D 88 -3.81 48.15 13.35
N ALA D 89 -4.56 47.98 12.26
CA ALA D 89 -4.88 49.12 11.39
C ALA D 89 -5.74 50.14 12.13
N VAL D 90 -6.74 49.67 12.89
CA VAL D 90 -7.56 50.59 13.68
C VAL D 90 -6.72 51.25 14.76
N ALA D 91 -5.86 50.48 15.44
CA ALA D 91 -5.01 51.06 16.47
C ALA D 91 -4.05 52.09 15.89
N ALA D 92 -3.48 51.80 14.71
CA ALA D 92 -2.58 52.76 14.07
C ALA D 92 -3.30 54.05 13.73
N GLU D 93 -4.54 53.95 13.26
CA GLU D 93 -5.32 55.15 12.95
C GLU D 93 -5.58 55.98 14.20
N ILE D 94 -5.89 55.31 15.32
CA ILE D 94 -6.12 56.02 16.57
C ILE D 94 -4.85 56.73 17.02
N ILE D 95 -3.70 56.08 16.86
CA ILE D 95 -2.43 56.72 17.20
C ILE D 95 -2.20 57.94 16.30
N GLU D 96 -2.44 57.79 15.01
CA GLU D 96 -2.25 58.92 14.10
C GLU D 96 -3.25 60.03 14.37
N ALA D 97 -4.50 59.68 14.69
CA ALA D 97 -5.48 60.70 15.04
C ALA D 97 -5.08 61.47 16.28
N ALA D 98 -4.55 60.78 17.29
CA ALA D 98 -4.11 61.45 18.51
C ALA D 98 -2.90 62.34 18.26
N LYS D 99 -2.10 62.05 17.23
CA LYS D 99 -0.98 62.91 16.90
C LYS D 99 -1.44 64.30 16.49
N TYR D 100 -2.49 64.38 15.69
CA TYR D 100 -3.01 65.67 15.27
C TYR D 100 -3.70 66.39 16.43
N VAL D 101 -4.21 65.64 17.41
CA VAL D 101 -4.78 66.27 18.60
C VAL D 101 -3.69 66.92 19.43
N LEU D 102 -2.59 66.19 19.68
CA LEU D 102 -1.54 66.70 20.54
C LEU D 102 -0.74 67.81 19.87
N SER D 103 -0.39 67.64 18.60
CA SER D 103 0.39 68.61 17.86
C SER D 103 -0.39 69.10 16.65
N ASP D 104 -0.33 70.40 16.43
CA ASP D 104 -1.03 70.98 15.28
C ASP D 104 -0.44 70.49 13.96
N ALA D 105 0.89 70.34 13.91
CA ALA D 105 1.59 69.85 12.72
C ALA D 105 2.48 68.69 13.13
N PRO D 106 1.91 67.49 13.33
CA PRO D 106 2.75 66.35 13.76
C PRO D 106 3.76 65.91 12.72
N TYR D 107 3.58 66.26 11.45
CA TYR D 107 4.48 65.83 10.39
C TYR D 107 5.13 67.05 9.75
N ALA D 108 6.45 66.98 9.59
CA ALA D 108 7.23 68.01 8.91
C ALA D 108 7.75 67.45 7.59
N GLU D 109 8.27 68.34 6.76
CA GLU D 109 8.81 67.93 5.48
C GLU D 109 10.00 67.00 5.69
N PRO D 110 10.19 65.99 4.81
CA PRO D 110 9.39 65.70 3.60
C PRO D 110 8.16 64.85 3.88
N CYS D 111 7.94 64.41 5.12
CA CYS D 111 6.79 63.57 5.42
C CYS D 111 5.49 64.35 5.26
N VAL D 112 4.49 63.71 4.66
CA VAL D 112 3.21 64.36 4.41
C VAL D 112 2.13 63.95 5.40
N GLY D 113 2.28 62.82 6.08
CA GLY D 113 1.27 62.39 7.03
C GLY D 113 -0.01 62.02 6.34
N PHE D 114 -1.12 62.55 6.84
CA PHE D 114 -2.43 62.22 6.30
C PHE D 114 -2.59 62.77 4.89
N ILE D 115 -3.30 62.01 4.05
CA ILE D 115 -3.59 62.39 2.67
C ILE D 115 -5.04 62.82 2.59
N SER D 116 -5.28 64.05 2.14
CA SER D 116 -6.62 64.61 2.12
C SER D 116 -7.47 63.98 1.02
N ASP D 117 -8.77 64.16 1.14
CA ASP D 117 -9.69 63.67 0.12
C ASP D 117 -9.46 64.24 -1.27
N PRO D 118 -9.24 65.54 -1.46
CA PRO D 118 -9.01 66.04 -2.83
C PRO D 118 -7.82 65.39 -3.51
N ILE D 119 -6.78 65.03 -2.75
CA ILE D 119 -5.64 64.34 -3.35
C ILE D 119 -6.06 62.97 -3.87
N ILE D 120 -6.88 62.25 -3.10
CA ILE D 120 -7.35 60.93 -3.53
C ILE D 120 -8.15 61.03 -4.81
N ARG D 121 -9.06 62.01 -4.88
CA ARG D 121 -9.85 62.20 -6.10
C ARG D 121 -8.97 62.66 -7.26
N SER D 122 -7.90 63.39 -6.98
CA SER D 122 -6.99 63.81 -8.04
C SER D 122 -6.30 62.62 -8.70
N LEU D 123 -5.88 61.64 -7.90
CA LEU D 123 -5.26 60.44 -8.44
C LEU D 123 -6.28 59.35 -8.74
N GLY D 124 -7.57 59.64 -8.61
CA GLY D 124 -8.56 58.64 -8.96
C GLY D 124 -8.58 58.31 -10.44
N VAL D 125 -8.50 59.32 -11.29
CA VAL D 125 -8.47 59.13 -12.75
C VAL D 125 -7.26 58.32 -13.16
N PRO D 126 -6.02 58.80 -12.86
CA PRO D 126 -4.80 58.06 -13.20
C PRO D 126 -4.94 56.58 -12.87
N LEU D 127 -5.55 56.25 -11.73
CA LEU D 127 -5.80 54.86 -11.39
C LEU D 127 -6.70 54.19 -12.43
N VAL D 128 -7.88 54.77 -12.76
CA VAL D 128 -8.83 54.14 -13.69
C VAL D 128 -8.25 54.04 -15.10
N THR D 129 -7.53 55.06 -15.58
CA THR D 129 -7.03 55.11 -16.94
C THR D 129 -5.80 54.22 -17.05
N GLY D 130 -5.38 53.66 -15.91
CA GLY D 130 -4.23 52.80 -15.85
C GLY D 130 -2.95 53.56 -15.77
N ASP D 131 -3.04 54.90 -15.80
CA ASP D 131 -1.88 55.76 -15.70
C ASP D 131 -1.04 55.32 -14.52
N ILE D 132 -1.69 54.84 -13.44
CA ILE D 132 -0.99 54.35 -12.26
C ILE D 132 -1.23 52.84 -12.18
N PRO D 133 -0.24 52.02 -12.57
CA PRO D 133 -0.45 50.57 -12.55
C PRO D 133 -0.72 49.99 -11.16
N GLY D 134 -0.21 50.61 -10.11
CA GLY D 134 -0.42 50.08 -8.78
C GLY D 134 0.18 50.99 -7.73
N VAL D 135 0.03 50.59 -6.48
CA VAL D 135 0.53 51.33 -5.34
C VAL D 135 1.57 50.48 -4.62
N ALA D 136 2.80 50.96 -4.56
CA ALA D 136 3.90 50.26 -3.91
C ALA D 136 4.10 50.86 -2.52
N VAL D 137 3.74 50.11 -1.49
CA VAL D 137 3.89 50.53 -0.11
C VAL D 137 5.22 49.97 0.39
N ILE D 138 6.23 50.82 0.47
CA ILE D 138 7.58 50.44 0.85
C ILE D 138 7.82 50.92 2.27
N LEU D 139 8.11 50.00 3.18
CA LEU D 139 8.39 50.37 4.55
C LEU D 139 9.58 49.58 5.06
N GLY D 140 10.28 50.16 6.02
CA GLY D 140 11.44 49.53 6.61
C GLY D 140 12.73 50.20 6.21
N GLU D 141 13.79 49.41 6.02
CA GLU D 141 15.08 49.92 5.59
C GLU D 141 15.77 48.87 4.74
N CYS D 142 16.34 49.33 3.62
CA CYS D 142 17.12 48.46 2.75
C CYS D 142 18.56 48.36 3.24
N PRO D 143 19.30 47.35 2.78
CA PRO D 143 20.70 47.22 3.23
C PRO D 143 21.56 48.43 2.93
N ASP D 144 21.28 49.17 1.85
CA ASP D 144 22.02 50.38 1.54
C ASP D 144 21.10 51.35 0.82
N SER D 145 21.52 52.62 0.78
CA SER D 145 20.69 53.67 0.18
C SER D 145 20.50 53.43 -1.31
N GLU D 146 21.53 52.97 -2.00
CA GLU D 146 21.42 52.75 -3.45
C GLU D 146 20.44 51.64 -3.78
N THR D 147 20.37 50.60 -2.95
CA THR D 147 19.38 49.55 -3.17
C THR D 147 17.97 50.10 -3.08
N ALA D 148 17.70 50.93 -2.06
CA ALA D 148 16.38 51.53 -1.93
C ALA D 148 16.10 52.48 -3.09
N ALA D 149 17.08 53.28 -3.48
CA ALA D 149 16.88 54.21 -4.59
C ALA D 149 16.59 53.47 -5.88
N LYS D 150 17.30 52.37 -6.13
CA LYS D 150 17.09 51.59 -7.35
C LYS D 150 15.67 51.03 -7.40
N ILE D 151 15.21 50.44 -6.29
CA ILE D 151 13.88 49.84 -6.29
C ILE D 151 12.81 50.93 -6.41
N ILE D 152 12.96 52.01 -5.66
CA ILE D 152 11.96 53.09 -5.68
C ILE D 152 11.90 53.71 -7.07
N LYS D 153 13.05 53.99 -7.66
CA LYS D 153 13.06 54.59 -8.99
C LYS D 153 12.59 53.61 -10.07
N ASP D 154 12.80 52.31 -9.84
CA ASP D 154 12.24 51.32 -10.75
C ASP D 154 10.71 51.34 -10.72
N TYR D 155 10.11 51.41 -9.52
CA TYR D 155 8.67 51.58 -9.42
C TYR D 155 8.23 52.91 -10.03
N GLN D 156 8.99 53.97 -9.76
CA GLN D 156 8.62 55.29 -10.27
C GLN D 156 8.68 55.33 -11.79
N SER D 157 9.71 54.73 -12.38
CA SER D 157 9.85 54.72 -13.83
C SER D 157 8.77 53.91 -14.52
N LYS D 158 8.11 53.02 -13.78
CA LYS D 158 7.02 52.23 -14.33
C LYS D 158 5.65 52.87 -14.10
N GLY D 159 5.61 54.07 -13.54
CA GLY D 159 4.36 54.78 -13.35
C GLY D 159 3.60 54.46 -12.09
N LEU D 160 4.14 53.60 -11.23
CA LEU D 160 3.45 53.27 -9.99
C LEU D 160 3.58 54.39 -8.97
N LEU D 161 2.57 54.52 -8.13
CA LEU D 161 2.60 55.42 -6.98
C LEU D 161 3.23 54.68 -5.81
N THR D 162 4.40 55.12 -5.36
CA THR D 162 5.10 54.49 -4.25
C THR D 162 4.98 55.36 -3.01
N CYS D 163 4.63 54.74 -1.89
CA CYS D 163 4.55 55.39 -0.59
C CYS D 163 5.64 54.83 0.32
N LEU D 164 6.26 55.70 1.12
CA LEU D 164 7.43 55.34 1.90
C LEU D 164 7.13 55.50 3.39
N VAL D 165 7.50 54.49 4.18
CA VAL D 165 7.38 54.52 5.63
C VAL D 165 8.72 54.08 6.20
N GLY D 166 9.23 54.85 7.16
CA GLY D 166 10.44 54.46 7.86
C GLY D 166 11.71 54.99 7.24
N LYS D 167 12.82 54.29 7.49
CA LYS D 167 14.14 54.78 7.12
C LYS D 167 14.38 54.76 5.63
N VAL D 168 13.52 54.11 4.85
CA VAL D 168 13.63 54.20 3.40
C VAL D 168 13.40 55.63 2.93
N ILE D 169 12.71 56.45 3.72
CA ILE D 169 12.58 57.87 3.38
C ILE D 169 13.94 58.54 3.37
N ASP D 170 14.76 58.28 4.39
CA ASP D 170 16.10 58.86 4.43
C ASP D 170 17.02 58.21 3.41
N GLN D 171 16.90 56.90 3.22
CA GLN D 171 17.73 56.21 2.24
C GLN D 171 17.45 56.72 0.84
N ALA D 172 16.18 56.96 0.52
CA ALA D 172 15.83 57.50 -0.80
C ALA D 172 16.35 58.91 -0.98
N ILE D 173 16.37 59.72 0.09
CA ILE D 173 16.94 61.06 0.01
C ILE D 173 18.44 60.98 -0.26
N GLU D 174 19.13 60.07 0.43
CA GLU D 174 20.55 59.86 0.16
C GLU D 174 20.77 59.36 -1.26
N GLY D 175 19.83 58.57 -1.79
CA GLY D 175 19.87 58.10 -3.15
C GLY D 175 19.38 59.08 -4.19
N LYS D 176 18.97 60.27 -3.76
CA LYS D 176 18.55 61.35 -4.67
C LYS D 176 17.32 60.94 -5.48
N VAL D 177 16.30 60.46 -4.78
CA VAL D 177 15.01 60.16 -5.40
C VAL D 177 14.14 61.39 -5.30
N LYS D 178 13.56 61.80 -6.43
CA LYS D 178 12.72 62.99 -6.48
C LYS D 178 11.35 62.65 -5.93
N MET D 179 11.01 63.23 -4.77
CA MET D 179 9.77 62.93 -4.07
C MET D 179 8.72 64.00 -4.32
N GLY D 180 7.47 63.60 -4.24
CA GLY D 180 6.36 64.50 -4.40
C GLY D 180 5.10 63.78 -4.81
N LEU D 181 3.97 64.44 -4.59
CA LEU D 181 2.70 63.88 -5.03
C LEU D 181 2.66 63.76 -6.55
N ASP D 182 3.13 64.79 -7.25
CA ASP D 182 3.18 64.76 -8.71
C ASP D 182 4.32 63.88 -9.23
N LEU D 183 5.35 63.63 -8.44
CA LEU D 183 6.41 62.69 -8.80
C LEU D 183 6.08 61.26 -8.38
N ARG D 184 4.93 61.04 -7.74
CA ARG D 184 4.46 59.71 -7.35
C ARG D 184 5.43 59.00 -6.41
N VAL D 185 6.06 59.77 -5.53
CA VAL D 185 6.92 59.25 -4.47
C VAL D 185 6.53 59.99 -3.20
N ILE D 186 5.70 59.38 -2.37
CA ILE D 186 5.09 60.04 -1.22
C ILE D 186 5.69 59.46 0.06
N PRO D 187 6.48 60.22 0.81
CA PRO D 187 6.89 59.77 2.16
C PRO D 187 5.83 60.08 3.19
N LEU D 188 5.32 59.05 3.85
CA LEU D 188 4.23 59.20 4.81
C LEU D 188 4.73 59.56 6.21
N GLY D 189 5.76 58.88 6.69
CA GLY D 189 6.28 59.15 8.02
C GLY D 189 7.29 58.10 8.44
N TYR D 190 8.08 58.41 9.47
CA TYR D 190 9.12 57.50 9.93
C TYR D 190 8.61 56.43 10.87
N ASP D 191 7.40 56.57 11.40
CA ASP D 191 6.84 55.58 12.30
C ASP D 191 6.00 54.57 11.53
N VAL D 192 5.93 53.35 12.07
CA VAL D 192 5.21 52.28 11.38
C VAL D 192 3.73 52.63 11.25
N THR D 193 3.17 53.31 12.25
CA THR D 193 1.76 53.67 12.20
C THR D 193 1.43 54.60 11.03
N SER D 194 2.43 55.27 10.44
CA SER D 194 2.17 56.13 9.29
C SER D 194 1.74 55.36 8.06
N VAL D 195 1.90 54.03 8.04
CA VAL D 195 1.43 53.23 6.92
C VAL D 195 -0.09 53.25 6.83
N ILE D 196 -0.80 53.64 7.90
CA ILE D 196 -2.25 53.75 7.85
C ILE D 196 -2.69 54.84 6.89
N HIS D 197 -1.81 55.80 6.58
CA HIS D 197 -2.20 56.92 5.74
C HIS D 197 -2.35 56.49 4.28
N VAL D 198 -1.68 55.43 3.85
CA VAL D 198 -1.96 54.86 2.54
C VAL D 198 -3.06 53.81 2.62
N VAL D 199 -3.26 53.19 3.78
CA VAL D 199 -4.39 52.29 3.96
C VAL D 199 -5.70 53.06 3.82
N THR D 200 -5.79 54.24 4.42
CA THR D 200 -6.99 55.05 4.30
C THR D 200 -7.23 55.51 2.88
N ILE D 201 -6.18 55.60 2.06
CA ILE D 201 -6.38 55.90 0.64
C ILE D 201 -7.20 54.78 -0.02
N ALA D 202 -6.81 53.54 0.24
CA ALA D 202 -7.58 52.41 -0.30
C ALA D 202 -8.97 52.33 0.32
N ILE D 203 -9.07 52.62 1.62
CA ILE D 203 -10.37 52.56 2.28
C ILE D 203 -11.31 53.62 1.71
N ARG D 204 -10.81 54.86 1.58
CA ARG D 204 -11.65 55.93 1.05
C ARG D 204 -11.92 55.76 -0.44
N ALA D 205 -11.07 55.04 -1.16
CA ALA D 205 -11.38 54.72 -2.55
C ALA D 205 -12.65 53.90 -2.63
N ALA D 206 -12.82 52.94 -1.72
CA ALA D 206 -14.07 52.19 -1.65
C ALA D 206 -15.23 53.10 -1.26
N LEU D 207 -15.02 54.03 -0.33
CA LEU D 207 -16.07 54.93 0.09
C LEU D 207 -16.41 55.94 -1.00
N ILE D 208 -15.39 56.47 -1.68
CA ILE D 208 -15.61 57.52 -2.66
C ILE D 208 -16.04 56.93 -4.00
N PHE D 209 -15.19 56.10 -4.59
CA PHE D 209 -15.48 55.60 -5.94
C PHE D 209 -16.43 54.42 -5.91
N GLY D 210 -16.27 53.52 -4.94
CA GLY D 210 -17.15 52.36 -4.87
C GLY D 210 -18.54 52.67 -4.39
N GLY D 211 -18.72 53.81 -3.72
CA GLY D 211 -20.04 54.16 -3.18
C GLY D 211 -20.53 53.19 -2.13
N ILE D 212 -19.62 52.66 -1.32
CA ILE D 212 -19.97 51.73 -0.26
C ILE D 212 -20.16 52.51 1.03
N LYS D 213 -21.30 52.30 1.68
CA LYS D 213 -21.58 53.04 2.90
C LYS D 213 -20.68 52.53 4.04
N GLY D 214 -20.47 53.41 5.01
CA GLY D 214 -19.67 53.04 6.17
C GLY D 214 -20.35 51.94 6.97
N GLY D 215 -19.53 51.06 7.54
CA GLY D 215 -20.01 49.90 8.27
C GLY D 215 -20.14 48.64 7.43
N GLN D 216 -20.11 48.77 6.11
CA GLN D 216 -20.12 47.60 5.22
C GLN D 216 -18.69 47.12 5.02
N LEU D 217 -18.12 46.58 6.10
CA LEU D 217 -16.69 46.26 6.12
C LEU D 217 -16.34 45.20 5.08
N ASN D 218 -17.15 44.15 4.96
CA ASN D 218 -16.84 43.08 4.02
C ASN D 218 -16.87 43.59 2.58
N ASP D 219 -17.84 44.45 2.26
CA ASP D 219 -17.88 45.04 0.92
C ASP D 219 -16.67 45.92 0.68
N ILE D 220 -16.22 46.64 1.70
CA ILE D 220 -15.03 47.48 1.56
C ILE D 220 -13.78 46.62 1.41
N LEU D 221 -13.65 45.56 2.21
CA LEU D 221 -12.51 44.66 2.07
C LEU D 221 -12.52 43.97 0.72
N LYS D 222 -13.69 43.55 0.25
CA LYS D 222 -13.79 42.97 -1.09
C LYS D 222 -13.40 43.98 -2.15
N TYR D 223 -13.78 45.24 -1.98
CA TYR D 223 -13.46 46.28 -2.95
C TYR D 223 -11.96 46.50 -3.06
N THR D 224 -11.28 46.66 -1.91
CA THR D 224 -9.85 46.93 -1.95
C THR D 224 -9.07 45.76 -2.52
N ALA D 225 -9.55 44.53 -2.29
CA ALA D 225 -8.86 43.35 -2.81
C ALA D 225 -8.97 43.26 -4.33
N GLU D 226 -10.11 43.64 -4.89
CA GLU D 226 -10.32 43.54 -6.32
C GLU D 226 -9.93 44.82 -7.07
N ARG D 227 -10.19 45.99 -6.51
CA ARG D 227 -10.05 47.23 -7.24
C ARG D 227 -8.74 47.96 -7.00
N VAL D 228 -8.21 47.95 -5.78
CA VAL D 228 -7.03 48.73 -5.44
C VAL D 228 -5.80 47.84 -5.65
N PRO D 229 -4.92 48.16 -6.60
CA PRO D 229 -3.72 47.34 -6.86
C PRO D 229 -2.52 47.73 -5.99
N ALA D 230 -2.67 47.57 -4.67
CA ALA D 230 -1.63 47.92 -3.72
C ALA D 230 -0.89 46.67 -3.25
N PHE D 231 0.37 46.85 -2.89
CA PHE D 231 1.18 45.76 -2.35
C PHE D 231 2.23 46.37 -1.42
N VAL D 232 2.79 45.55 -0.55
CA VAL D 232 3.70 45.99 0.50
C VAL D 232 5.07 45.36 0.27
N ASN D 233 6.11 46.19 0.28
CA ASN D 233 7.50 45.73 0.28
C ASN D 233 8.11 46.11 1.62
N ALA D 234 8.27 45.11 2.49
CA ALA D 234 8.81 45.30 3.83
C ALA D 234 10.28 44.91 3.82
N PHE D 235 11.15 45.90 3.97
CA PHE D 235 12.59 45.69 3.96
C PHE D 235 13.14 45.83 5.37
N GLY D 236 14.23 45.12 5.64
CA GLY D 236 14.87 45.16 6.93
C GLY D 236 14.18 44.29 7.96
N PRO D 237 14.77 44.18 9.15
CA PRO D 237 14.18 43.33 10.18
C PRO D 237 12.77 43.79 10.54
N LEU D 238 11.88 42.82 10.76
CA LEU D 238 10.47 43.08 10.97
C LEU D 238 10.11 42.74 12.41
N SER D 239 9.59 43.74 13.14
CA SER D 239 9.12 43.49 14.48
C SER D 239 7.73 42.86 14.43
N GLU D 240 7.23 42.48 15.60
CA GLU D 240 5.90 41.91 15.68
C GLU D 240 4.84 42.90 15.23
N LEU D 241 5.03 44.18 15.57
CA LEU D 241 4.09 45.21 15.13
C LEU D 241 4.06 45.33 13.62
N VAL D 242 5.23 45.27 12.98
CA VAL D 242 5.27 45.35 11.52
C VAL D 242 4.54 44.17 10.91
N VAL D 243 4.74 42.97 11.46
CA VAL D 243 4.07 41.78 10.94
C VAL D 243 2.56 41.89 11.12
N SER D 244 2.12 42.39 12.28
CA SER D 244 0.69 42.56 12.52
C SER D 244 0.09 43.61 11.58
N ALA D 245 0.84 44.68 11.30
CA ALA D 245 0.39 45.65 10.32
C ALA D 245 0.30 45.02 8.93
N GLY D 246 1.25 44.14 8.61
CA GLY D 246 1.18 43.42 7.34
C GLY D 246 -0.04 42.53 7.25
N ALA D 247 -0.43 41.92 8.37
CA ALA D 247 -1.67 41.16 8.39
C ALA D 247 -2.86 42.05 8.08
N GLY D 248 -2.79 43.34 8.45
CA GLY D 248 -3.83 44.27 8.03
C GLY D 248 -3.83 44.50 6.55
N ALA D 249 -2.64 44.62 5.94
CA ALA D 249 -2.56 44.74 4.48
C ALA D 249 -3.10 43.50 3.81
N ILE D 250 -2.78 42.32 4.34
CA ILE D 250 -3.32 41.08 3.80
C ILE D 250 -4.83 41.05 3.98
N ALA D 251 -5.33 41.57 5.10
CA ALA D 251 -6.78 41.62 5.31
C ALA D 251 -7.47 42.46 4.25
N LEU D 252 -6.80 43.48 3.71
CA LEU D 252 -7.34 44.28 2.63
C LEU D 252 -7.06 43.69 1.25
N GLY D 253 -6.48 42.49 1.19
CA GLY D 253 -6.17 41.87 -0.07
C GLY D 253 -4.86 42.33 -0.69
N PHE D 254 -4.01 43.01 0.07
CA PHE D 254 -2.74 43.49 -0.45
C PHE D 254 -1.65 42.51 -0.08
N PRO D 255 -0.98 41.86 -1.05
CA PRO D 255 0.10 40.93 -0.70
C PRO D 255 1.30 41.66 -0.10
N VAL D 256 1.98 40.98 0.82
CA VAL D 256 3.13 41.55 1.52
C VAL D 256 4.38 40.80 1.05
N LEU D 257 5.34 41.56 0.52
CA LEU D 257 6.62 41.05 0.06
C LEU D 257 7.71 41.55 1.01
N THR D 258 8.69 40.71 1.30
CA THR D 258 9.75 41.08 2.23
C THR D 258 11.04 40.38 1.83
N ASP D 259 12.16 40.93 2.29
CA ASP D 259 13.47 40.29 2.13
C ASP D 259 13.85 39.46 3.34
N GLN D 260 12.98 39.37 4.34
CA GLN D 260 13.23 38.61 5.55
C GLN D 260 12.62 37.22 5.46
N VAL D 261 13.16 36.31 6.26
CA VAL D 261 12.62 34.96 6.38
C VAL D 261 11.36 35.03 7.21
N VAL D 262 10.24 34.62 6.63
CA VAL D 262 8.94 34.66 7.31
C VAL D 262 8.18 33.38 6.99
N PRO D 263 7.14 33.07 7.78
CA PRO D 263 6.26 31.95 7.43
C PRO D 263 5.40 32.27 6.22
N GLU D 264 5.96 32.01 5.04
CA GLU D 264 5.31 32.40 3.79
C GLU D 264 3.93 31.79 3.64
N VAL D 265 3.02 32.60 3.11
CA VAL D 265 1.67 32.20 2.71
C VAL D 265 1.54 32.46 1.22
N PRO D 266 1.24 31.44 0.39
CA PRO D 266 1.21 31.66 -1.06
C PRO D 266 0.26 32.79 -1.45
N THR D 267 0.72 33.64 -2.36
CA THR D 267 0.00 34.77 -2.93
C THR D 267 -0.25 35.91 -1.93
N LEU D 268 0.12 35.74 -0.66
CA LEU D 268 -0.17 36.74 0.36
C LEU D 268 1.09 37.23 1.07
N LEU D 269 1.93 36.32 1.57
CA LEU D 269 3.15 36.71 2.28
C LEU D 269 4.30 35.96 1.63
N LEU D 270 5.21 36.70 1.00
CA LEU D 270 6.27 36.11 0.19
C LEU D 270 7.62 36.71 0.56
N THR D 271 8.64 35.87 0.53
CA THR D 271 10.01 36.28 0.79
C THR D 271 10.78 36.33 -0.53
N GLN D 272 11.42 37.47 -0.79
CA GLN D 272 12.26 37.64 -1.96
C GLN D 272 13.51 38.37 -1.50
N LYS D 273 14.62 37.64 -1.35
CA LYS D 273 15.87 38.25 -0.94
C LYS D 273 16.53 39.03 -2.08
N ASP D 274 16.37 38.58 -3.32
CA ASP D 274 17.02 39.21 -4.46
C ASP D 274 16.38 40.55 -4.73
N TYR D 275 17.08 41.63 -4.37
CA TYR D 275 16.57 42.97 -4.59
C TYR D 275 16.47 43.33 -6.07
N ASP D 276 17.21 42.64 -6.93
CA ASP D 276 17.11 42.88 -8.36
C ASP D 276 15.84 42.32 -8.97
N LYS D 277 15.11 41.46 -8.25
CA LYS D 277 13.86 40.89 -8.73
C LYS D 277 12.67 41.26 -7.87
N MET D 278 12.84 42.12 -6.88
CA MET D 278 11.73 42.46 -5.99
C MET D 278 10.60 43.18 -6.73
N VAL D 279 10.93 44.10 -7.63
CA VAL D 279 9.91 44.80 -8.39
C VAL D 279 9.10 43.83 -9.25
N LYS D 280 9.80 42.94 -9.97
CA LYS D 280 9.10 41.98 -10.82
C LYS D 280 8.29 41.00 -10.00
N THR D 281 8.81 40.59 -8.84
CA THR D 281 8.07 39.71 -7.96
C THR D 281 6.78 40.37 -7.49
N SER D 282 6.83 41.66 -7.14
CA SER D 282 5.66 42.34 -6.64
C SER D 282 4.62 42.55 -7.73
N LEU D 283 5.05 42.89 -8.94
CA LEU D 283 4.11 43.09 -10.03
C LEU D 283 3.38 41.80 -10.36
N GLU D 284 4.09 40.67 -10.36
CA GLU D 284 3.42 39.39 -10.54
C GLU D 284 2.49 39.07 -9.38
N ALA D 285 2.92 39.35 -8.14
CA ALA D 285 2.11 39.00 -6.98
C ALA D 285 0.83 39.82 -6.92
N ARG D 286 0.87 41.06 -7.42
CA ARG D 286 -0.31 41.92 -7.44
C ARG D 286 -0.99 41.93 -8.81
N ASN D 287 -0.56 41.08 -9.74
CA ASN D 287 -1.14 40.99 -11.09
C ASN D 287 -1.12 42.33 -11.82
N ILE D 288 -0.01 43.05 -11.70
CA ILE D 288 0.15 44.36 -12.30
C ILE D 288 0.89 44.21 -13.62
N LYS D 289 0.37 44.83 -14.66
CA LYS D 289 0.96 44.79 -15.99
C LYS D 289 1.32 46.23 -16.40
N ILE D 290 2.56 46.38 -16.87
CA ILE D 290 3.08 47.65 -17.37
C ILE D 290 3.56 47.43 -18.80
N LYS D 291 3.13 48.28 -19.72
CA LYS D 291 3.59 48.24 -21.09
C LYS D 291 5.00 48.83 -21.19
N ILE D 292 5.91 48.11 -21.86
CA ILE D 292 7.30 48.55 -21.97
C ILE D 292 7.40 49.63 -23.02
N THR D 293 8.02 50.75 -22.67
CA THR D 293 8.21 51.88 -23.56
C THR D 293 9.67 51.92 -24.01
N GLU D 294 9.89 51.96 -25.31
CA GLU D 294 11.22 52.03 -25.90
C GLU D 294 11.38 53.39 -26.57
N ILE D 295 12.41 54.13 -26.19
CA ILE D 295 12.62 55.48 -26.72
C ILE D 295 14.10 55.75 -26.90
N PRO D 296 14.56 56.15 -28.13
CA PRO D 296 15.99 56.40 -28.36
C PRO D 296 16.46 57.77 -27.89
N ILE D 297 16.32 58.02 -26.59
CA ILE D 297 16.82 59.26 -25.98
C ILE D 297 17.70 58.90 -24.79
N PRO D 298 18.79 59.64 -24.55
CA PRO D 298 19.64 59.34 -23.38
C PRO D 298 19.16 60.01 -22.12
N VAL D 299 17.84 59.97 -21.88
CA VAL D 299 17.24 60.49 -20.66
C VAL D 299 16.12 59.55 -20.25
N SER D 300 15.82 59.55 -18.94
CA SER D 300 14.73 58.72 -18.44
C SER D 300 13.39 59.31 -18.85
N PHE D 301 12.52 58.47 -19.41
CA PHE D 301 11.20 58.87 -19.90
C PHE D 301 10.15 58.08 -19.12
N ALA D 302 9.54 58.72 -18.12
CA ALA D 302 8.51 58.09 -17.31
C ALA D 302 7.37 59.08 -17.10
N ALA D 303 6.18 58.54 -16.85
CA ALA D 303 5.01 59.38 -16.62
C ALA D 303 5.11 60.14 -15.30
N ALA D 304 5.85 59.59 -14.34
CA ALA D 304 5.98 60.22 -13.03
C ALA D 304 6.79 61.51 -13.07
N PHE D 305 7.48 61.81 -14.17
CA PHE D 305 8.26 63.02 -14.30
C PHE D 305 7.46 64.17 -14.91
N GLU D 306 6.14 64.00 -15.01
CA GLU D 306 5.26 65.05 -15.49
C GLU D 306 5.28 66.21 -14.50
N GLY D 307 5.54 65.92 -13.22
CA GLY D 307 5.54 66.92 -12.17
C GLY D 307 6.90 67.43 -11.77
N GLU D 308 7.90 67.18 -12.61
CA GLU D 308 9.27 67.61 -12.33
C GLU D 308 9.31 69.13 -12.29
N ARG D 309 10.20 69.68 -11.46
CA ARG D 309 10.44 71.11 -11.30
C ARG D 309 11.90 71.40 -11.58
N ILE D 310 12.16 72.39 -12.43
CA ILE D 310 13.51 72.80 -12.79
C ILE D 310 13.71 74.24 -12.31
N ARG D 311 14.71 74.44 -11.45
CA ARG D 311 15.02 75.78 -10.97
C ARG D 311 15.69 76.59 -12.06
N LYS D 312 15.53 77.91 -11.97
CA LYS D 312 16.12 78.81 -12.96
C LYS D 312 17.64 78.77 -12.94
N ASN D 313 18.24 78.36 -11.81
CA ASN D 313 19.69 78.31 -11.73
C ASN D 313 20.26 77.26 -12.66
N ASP D 314 19.61 76.10 -12.78
CA ASP D 314 20.09 74.98 -13.56
C ASP D 314 19.24 74.74 -14.81
N MET D 315 18.80 75.79 -15.47
CA MET D 315 18.02 75.69 -16.71
C MET D 315 18.90 76.07 -17.89
N LEU D 316 18.92 75.20 -18.91
CA LEU D 316 19.78 75.44 -20.07
C LEU D 316 19.20 76.51 -21.00
N ALA D 317 17.99 76.29 -21.51
CA ALA D 317 17.36 77.24 -22.40
C ALA D 317 15.86 77.05 -22.32
N GLU D 318 15.12 78.16 -22.47
CA GLU D 318 13.68 78.14 -22.42
C GLU D 318 13.13 78.68 -23.74
N PHE D 319 12.02 78.09 -24.19
CA PHE D 319 11.34 78.51 -25.40
C PHE D 319 9.92 78.94 -25.03
N GLY D 320 9.27 79.64 -25.95
CA GLY D 320 7.92 80.03 -25.66
C GLY D 320 7.88 81.11 -24.59
N GLY D 321 6.72 81.17 -23.91
CA GLY D 321 6.51 82.20 -22.93
C GLY D 321 6.44 83.56 -23.60
N ASN D 322 6.77 84.60 -22.83
CA ASN D 322 6.86 85.96 -23.35
C ASN D 322 8.24 86.28 -23.90
N LYS D 323 9.16 85.31 -23.86
CA LYS D 323 10.51 85.55 -24.34
C LYS D 323 10.59 85.52 -25.86
N THR D 324 10.28 84.37 -26.45
CA THR D 324 10.22 84.20 -27.91
C THR D 324 9.05 83.28 -28.22
N LYS D 325 8.13 83.75 -29.06
CA LYS D 325 6.90 83.01 -29.30
C LYS D 325 7.19 81.66 -29.93
N ALA D 326 6.51 80.63 -29.44
CA ALA D 326 6.67 79.26 -29.91
C ALA D 326 5.29 78.66 -30.12
N TRP D 327 5.24 77.66 -30.99
CA TRP D 327 3.98 77.05 -31.40
C TRP D 327 4.18 75.56 -31.60
N GLU D 328 3.06 74.82 -31.62
CA GLU D 328 3.06 73.40 -31.89
C GLU D 328 1.84 73.08 -32.73
N LEU D 329 1.99 72.19 -33.70
CA LEU D 329 0.89 71.86 -34.60
C LEU D 329 1.02 70.41 -35.02
N VAL D 330 -0.09 69.69 -34.99
CA VAL D 330 -0.20 68.34 -35.54
C VAL D 330 -1.19 68.42 -36.70
N MET D 331 -0.73 68.19 -37.91
CA MET D 331 -1.57 68.29 -39.10
C MET D 331 -1.51 67.00 -39.89
N CYS D 332 -2.64 66.62 -40.50
CA CYS D 332 -2.71 65.44 -41.35
C CYS D 332 -2.53 65.86 -42.80
N ALA D 333 -1.83 65.03 -43.57
CA ALA D 333 -1.50 65.30 -44.96
C ALA D 333 -1.58 64.01 -45.76
N ASP D 334 -1.30 64.11 -47.06
CA ASP D 334 -1.34 62.94 -47.93
C ASP D 334 -0.19 61.99 -47.60
N GLN D 335 -0.30 60.78 -48.14
CA GLN D 335 0.71 59.76 -47.86
C GLN D 335 2.07 60.15 -48.39
N GLY D 336 2.13 60.71 -49.61
CA GLY D 336 3.40 61.11 -50.17
C GLY D 336 3.97 62.38 -49.58
N GLU D 337 3.13 63.20 -48.96
CA GLU D 337 3.60 64.48 -48.41
C GLU D 337 4.41 64.29 -47.14
N VAL D 338 4.16 63.23 -46.39
CA VAL D 338 4.89 62.93 -45.17
C VAL D 338 5.54 61.57 -45.32
N GLU D 339 6.85 61.49 -45.05
CA GLU D 339 7.58 60.24 -45.10
C GLU D 339 8.01 59.85 -43.69
N ASP D 340 7.91 58.56 -43.38
CA ASP D 340 8.07 58.10 -42.01
C ASP D 340 9.49 58.30 -41.51
N HIS D 341 9.59 58.66 -40.23
CA HIS D 341 10.87 58.78 -39.53
C HIS D 341 11.79 59.78 -40.24
N LYS D 342 11.35 61.04 -40.25
CA LYS D 342 12.14 62.15 -40.77
C LYS D 342 12.10 63.25 -39.73
N ILE D 343 13.11 63.31 -38.86
CA ILE D 343 13.18 64.32 -37.82
C ILE D 343 14.24 65.32 -38.25
N GLU D 344 13.81 66.40 -38.88
CA GLU D 344 14.70 67.47 -39.31
C GLU D 344 14.59 68.65 -38.36
N VAL D 345 15.72 69.32 -38.12
CA VAL D 345 15.78 70.48 -37.25
C VAL D 345 16.25 71.66 -38.06
N ILE D 346 15.49 72.75 -38.04
CA ILE D 346 15.78 73.94 -38.82
C ILE D 346 16.17 75.04 -37.83
N GLY D 347 17.36 75.61 -38.04
CA GLY D 347 17.88 76.63 -37.16
C GLY D 347 18.94 76.10 -36.21
N PRO D 348 19.37 76.94 -35.26
CA PRO D 348 20.42 76.49 -34.32
C PRO D 348 19.92 75.35 -33.44
N ASP D 349 20.85 74.50 -33.05
CA ASP D 349 20.57 73.40 -32.13
C ASP D 349 20.70 73.89 -30.69
N ILE D 350 20.33 73.03 -29.73
CA ILE D 350 20.34 73.43 -28.34
C ILE D 350 21.74 73.48 -27.75
N ASP D 351 22.73 72.89 -28.41
CA ASP D 351 24.10 72.89 -27.93
C ASP D 351 24.89 74.12 -28.36
N THR D 352 24.33 74.94 -29.26
CA THR D 352 25.05 76.13 -29.72
C THR D 352 24.98 77.27 -28.72
N ILE D 353 24.13 77.17 -27.70
CA ILE D 353 24.03 78.21 -26.69
C ILE D 353 25.33 78.24 -25.89
N ASP D 354 25.80 79.45 -25.55
CA ASP D 354 27.06 79.64 -24.83
C ASP D 354 26.88 80.71 -23.75
N LYS D 355 25.79 80.62 -22.99
CA LYS D 355 25.44 81.67 -22.04
C LYS D 355 24.52 81.10 -20.96
N ALA D 356 23.86 81.98 -20.21
CA ALA D 356 22.85 81.66 -19.20
C ALA D 356 21.60 81.12 -19.88
N PRO D 357 20.56 80.73 -19.13
CA PRO D 357 19.31 80.31 -19.78
C PRO D 357 18.90 81.20 -20.93
N GLY D 358 18.89 80.64 -22.15
CA GLY D 358 18.75 81.42 -23.35
C GLY D 358 17.32 81.45 -23.89
N ARG D 359 17.07 82.44 -24.74
CA ARG D 359 15.79 82.64 -25.40
C ARG D 359 15.94 82.27 -26.87
N MET D 360 15.05 81.40 -27.35
CA MET D 360 15.11 81.01 -28.75
C MET D 360 13.71 80.62 -29.20
N PRO D 361 13.25 81.10 -30.36
CA PRO D 361 11.92 80.67 -30.84
C PRO D 361 11.90 79.18 -31.13
N LEU D 362 10.73 78.58 -30.95
CA LEU D 362 10.58 77.15 -31.12
C LEU D 362 9.36 76.88 -32.00
N GLY D 363 9.42 75.76 -32.72
CA GLY D 363 8.29 75.33 -33.54
C GLY D 363 8.31 73.83 -33.75
N MET D 364 7.19 73.16 -33.47
CA MET D 364 7.07 71.71 -33.64
C MET D 364 5.97 71.47 -34.66
N LEU D 365 6.35 71.13 -35.88
CA LEU D 365 5.41 70.78 -36.93
C LEU D 365 5.39 69.26 -37.07
N ILE D 366 4.24 68.65 -36.81
CA ILE D 366 4.06 67.20 -36.84
C ILE D 366 3.10 66.86 -37.97
N LYS D 367 3.53 65.97 -38.87
CA LYS D 367 2.75 65.61 -40.04
C LYS D 367 2.47 64.11 -40.00
N VAL D 368 1.23 63.73 -39.73
CA VAL D 368 0.85 62.33 -39.65
C VAL D 368 -0.02 61.98 -40.85
N SER D 369 0.04 60.71 -41.27
CA SER D 369 -0.69 60.25 -42.42
C SER D 369 -1.35 58.93 -42.09
N GLY D 370 -2.44 58.62 -42.80
CA GLY D 370 -3.17 57.39 -42.63
C GLY D 370 -4.46 57.41 -43.41
N THR D 371 -5.05 56.24 -43.66
CA THR D 371 -6.31 56.17 -44.38
C THR D 371 -7.47 56.67 -43.53
N ASN D 372 -7.43 56.42 -42.22
CA ASN D 372 -8.51 56.79 -41.31
C ASN D 372 -8.20 58.07 -40.54
N MET D 373 -7.22 58.87 -40.99
CA MET D 373 -6.83 60.08 -40.30
C MET D 373 -7.56 61.26 -40.93
N GLN D 374 -8.35 61.99 -40.12
CA GLN D 374 -9.13 63.13 -40.55
C GLN D 374 -8.73 64.37 -39.77
N LYS D 375 -9.31 65.51 -40.13
CA LYS D 375 -8.98 66.77 -39.49
C LYS D 375 -9.42 66.81 -38.03
N ASP D 376 -10.38 65.98 -37.63
CA ASP D 376 -10.91 66.05 -36.29
C ASP D 376 -10.04 65.34 -35.26
N PHE D 377 -9.10 64.50 -35.69
CA PHE D 377 -8.23 63.81 -34.76
C PHE D 377 -7.03 64.64 -34.34
N GLU D 378 -6.74 65.72 -35.06
CA GLU D 378 -5.60 66.55 -34.71
C GLU D 378 -5.67 67.13 -33.30
N PRO D 379 -6.82 67.63 -32.82
CA PRO D 379 -6.84 68.13 -31.42
C PRO D 379 -6.44 67.09 -30.40
N VAL D 380 -6.83 65.82 -30.57
CA VAL D 380 -6.48 64.79 -29.60
C VAL D 380 -4.96 64.57 -29.58
N LEU D 381 -4.36 64.46 -30.76
CA LEU D 381 -2.91 64.27 -30.83
C LEU D 381 -2.17 65.46 -30.24
N GLU D 382 -2.60 66.67 -30.57
CA GLU D 382 -1.93 67.85 -30.04
C GLU D 382 -2.12 67.98 -28.53
N ARG D 383 -3.26 67.52 -28.02
CA ARG D 383 -3.49 67.56 -26.58
C ARG D 383 -2.61 66.57 -25.85
N ARG D 384 -2.42 65.37 -26.40
CA ARG D 384 -1.51 64.41 -25.79
C ARG D 384 -0.04 64.74 -26.02
N LEU D 385 0.25 65.63 -26.95
CA LEU D 385 1.63 66.06 -27.18
C LEU D 385 2.20 66.72 -25.92
N HIS D 386 1.38 67.46 -25.19
CA HIS D 386 1.83 68.10 -23.94
C HIS D 386 2.29 67.05 -22.94
N TYR D 387 1.49 66.01 -22.74
CA TYR D 387 1.88 64.94 -21.82
C TYR D 387 3.09 64.18 -22.32
N PHE D 388 3.20 63.97 -23.64
CA PHE D 388 4.38 63.30 -24.18
C PHE D 388 5.64 64.09 -23.89
N LEU D 389 5.59 65.41 -24.06
CA LEU D 389 6.78 66.23 -23.85
C LEU D 389 7.11 66.39 -22.38
N ASN D 390 6.11 66.31 -21.50
CA ASN D 390 6.38 66.52 -20.08
C ASN D 390 6.91 65.28 -19.36
N TYR D 391 6.92 64.12 -20.02
CA TYR D 391 7.42 62.90 -19.39
C TYR D 391 8.94 62.77 -19.42
N ILE D 392 9.61 63.60 -20.20
CA ILE D 392 11.07 63.55 -20.29
C ILE D 392 11.67 64.27 -19.11
N GLU D 393 12.69 63.67 -18.50
CA GLU D 393 13.40 64.34 -17.42
C GLU D 393 14.15 65.55 -17.94
N GLY D 394 14.02 66.68 -17.24
CA GLY D 394 14.68 67.89 -17.67
C GLY D 394 13.96 68.67 -18.74
N VAL D 395 12.72 68.33 -19.06
CA VAL D 395 11.93 69.04 -20.06
C VAL D 395 10.56 69.33 -19.48
N MET D 396 10.17 70.60 -19.44
CA MET D 396 8.86 71.02 -18.98
C MET D 396 8.15 71.74 -20.12
N HIS D 397 6.94 71.30 -20.43
CA HIS D 397 6.13 71.88 -21.50
C HIS D 397 4.84 72.39 -20.90
N VAL D 398 4.54 73.67 -21.11
CA VAL D 398 3.37 74.33 -20.55
C VAL D 398 2.65 75.06 -21.67
N GLY D 399 1.32 74.97 -21.68
CA GLY D 399 0.52 75.70 -22.66
C GLY D 399 0.07 74.83 -23.83
N GLN D 400 -0.47 75.51 -24.84
CA GLN D 400 -0.97 74.84 -26.03
C GLN D 400 -0.97 75.83 -27.18
N ARG D 401 -1.01 75.29 -28.41
CA ARG D 401 -1.08 76.07 -29.65
C ARG D 401 0.08 77.05 -29.66
N ASN D 402 -0.13 78.32 -30.01
CA ASN D 402 0.94 79.30 -30.06
C ASN D 402 1.23 79.94 -28.71
N LEU D 403 0.40 79.70 -27.70
CA LEU D 403 0.66 80.17 -26.34
C LEU D 403 1.28 79.06 -25.50
N THR D 404 2.46 78.62 -25.92
CA THR D 404 3.14 77.49 -25.30
C THR D 404 4.42 77.96 -24.61
N TRP D 405 5.03 77.05 -23.85
CA TRP D 405 6.20 77.38 -23.04
C TRP D 405 6.99 76.09 -22.82
N VAL D 406 8.24 76.06 -23.28
CA VAL D 406 9.09 74.88 -23.18
C VAL D 406 10.40 75.28 -22.49
N ARG D 407 10.84 74.46 -21.53
CA ARG D 407 12.09 74.71 -20.81
C ARG D 407 12.91 73.43 -20.79
N ILE D 408 14.22 73.55 -21.02
CA ILE D 408 15.14 72.42 -20.98
C ILE D 408 16.14 72.67 -19.87
N GLY D 409 16.26 71.71 -18.94
CA GLY D 409 17.19 71.84 -17.86
C GLY D 409 18.60 71.40 -18.23
N LYS D 410 19.57 71.89 -17.47
CA LYS D 410 20.97 71.54 -17.72
C LYS D 410 21.22 70.07 -17.42
N GLU D 411 20.45 69.47 -16.51
CA GLU D 411 20.63 68.07 -16.20
C GLU D 411 20.39 67.19 -17.42
N ALA D 412 19.33 67.49 -18.17
CA ALA D 412 19.06 66.73 -19.40
C ALA D 412 20.10 67.01 -20.47
N PHE D 413 20.55 68.25 -20.57
CA PHE D 413 21.54 68.60 -21.58
C PHE D 413 22.86 67.88 -21.35
N GLU D 414 23.29 67.78 -20.08
CA GLU D 414 24.54 67.11 -19.77
C GLU D 414 24.49 65.61 -20.09
N LYS D 415 23.30 65.04 -20.23
CA LYS D 415 23.14 63.64 -20.58
C LYS D 415 23.05 63.42 -22.08
N GLY D 416 23.21 64.46 -22.89
CA GLY D 416 23.17 64.34 -24.33
C GLY D 416 21.85 64.67 -24.98
N PHE D 417 20.93 65.34 -24.27
CA PHE D 417 19.65 65.69 -24.86
C PHE D 417 19.80 66.84 -25.84
N ARG D 418 19.23 66.68 -27.04
CA ARG D 418 19.26 67.70 -28.09
C ARG D 418 17.83 67.94 -28.59
N LEU D 419 17.71 68.80 -29.59
CA LEU D 419 16.39 69.14 -30.11
C LEU D 419 15.80 68.04 -30.97
N LYS D 420 16.63 67.20 -31.57
CA LYS D 420 16.10 66.08 -32.34
C LYS D 420 15.45 65.03 -31.46
N HIS D 421 15.80 64.99 -30.18
CA HIS D 421 15.17 64.04 -29.26
C HIS D 421 13.71 64.41 -29.00
N PHE D 422 13.35 65.69 -29.13
CA PHE D 422 11.94 66.06 -29.16
C PHE D 422 11.22 65.30 -30.27
N GLY D 423 11.79 65.32 -31.47
CA GLY D 423 11.19 64.59 -32.56
C GLY D 423 11.17 63.09 -32.32
N GLU D 424 12.24 62.56 -31.71
CA GLU D 424 12.26 61.13 -31.39
C GLU D 424 11.10 60.77 -30.47
N VAL D 425 10.92 61.53 -29.39
CA VAL D 425 9.86 61.24 -28.44
C VAL D 425 8.50 61.37 -29.10
N ILE D 426 8.29 62.45 -29.86
CA ILE D 426 6.99 62.66 -30.50
C ILE D 426 6.69 61.55 -31.47
N TYR D 427 7.66 61.17 -32.30
CA TYR D 427 7.45 60.10 -33.26
C TYR D 427 7.11 58.79 -32.56
N ALA D 428 7.89 58.42 -31.53
CA ALA D 428 7.66 57.14 -30.85
C ALA D 428 6.29 57.12 -30.19
N LYS D 429 5.92 58.22 -29.52
CA LYS D 429 4.64 58.23 -28.80
C LYS D 429 3.45 58.35 -29.74
N MET D 430 3.62 59.01 -30.90
CA MET D 430 2.53 59.07 -31.86
C MET D 430 2.30 57.71 -32.51
N LEU D 431 3.38 57.01 -32.87
CA LEU D 431 3.22 55.67 -33.44
C LEU D 431 2.83 54.65 -32.39
N ASP D 432 3.02 54.96 -31.11
CA ASP D 432 2.66 54.03 -30.04
C ASP D 432 1.27 54.32 -29.48
N GLU D 433 1.01 55.57 -29.07
CA GLU D 433 -0.27 55.90 -28.49
C GLU D 433 -1.40 55.87 -29.51
N PHE D 434 -1.11 56.25 -30.77
CA PHE D 434 -2.11 56.36 -31.83
C PHE D 434 -1.69 55.54 -33.05
N GLY D 435 -1.25 54.31 -32.81
CA GLY D 435 -0.82 53.46 -33.91
C GLY D 435 -1.93 52.99 -34.82
N SER D 436 -3.18 53.10 -34.37
CA SER D 436 -4.31 52.64 -35.18
C SER D 436 -4.48 53.50 -36.43
N VAL D 437 -4.28 54.81 -36.31
CA VAL D 437 -4.53 55.74 -37.38
C VAL D 437 -3.24 56.37 -37.94
N VAL D 438 -2.24 56.60 -37.10
CA VAL D 438 -0.99 57.27 -37.51
C VAL D 438 -0.04 56.22 -38.08
N ASP D 439 -0.10 56.04 -39.41
CA ASP D 439 0.80 55.10 -40.06
C ASP D 439 2.22 55.66 -40.17
N LYS D 440 2.35 56.94 -40.49
CA LYS D 440 3.64 57.61 -40.59
C LYS D 440 3.57 58.94 -39.83
N CYS D 441 4.73 59.43 -39.43
CA CYS D 441 4.80 60.63 -38.60
C CYS D 441 6.13 61.33 -38.89
N GLU D 442 6.08 62.45 -39.59
CA GLU D 442 7.24 63.28 -39.86
C GLU D 442 7.19 64.49 -38.92
N VAL D 443 8.20 64.63 -38.06
CA VAL D 443 8.25 65.69 -37.07
C VAL D 443 9.45 66.58 -37.36
N THR D 444 9.22 67.89 -37.43
CA THR D 444 10.28 68.86 -37.68
C THR D 444 10.29 69.87 -36.54
N ILE D 445 11.46 70.08 -35.94
CA ILE D 445 11.66 71.05 -34.87
C ILE D 445 12.31 72.29 -35.47
N ILE D 446 11.69 73.45 -35.27
CA ILE D 446 12.11 74.69 -35.93
C ILE D 446 12.62 75.65 -34.87
N THR D 447 13.86 76.09 -35.02
CA THR D 447 14.44 77.12 -34.17
C THR D 447 14.90 78.34 -34.95
N ASP D 448 14.84 78.30 -36.27
CA ASP D 448 15.10 79.49 -37.06
C ASP D 448 13.96 80.49 -36.86
N PRO D 449 14.25 81.75 -36.47
CA PRO D 449 13.14 82.69 -36.23
C PRO D 449 12.29 82.96 -37.46
N GLY D 450 12.90 83.10 -38.63
CA GLY D 450 12.13 83.37 -39.85
C GLY D 450 11.24 82.22 -40.26
N LYS D 451 11.77 80.99 -40.20
CA LYS D 451 10.97 79.82 -40.53
C LYS D 451 9.82 79.65 -39.55
N ALA D 452 10.07 79.87 -38.27
CA ALA D 452 8.99 79.78 -37.28
C ALA D 452 7.92 80.83 -37.56
N GLU D 453 8.34 82.05 -37.91
CA GLU D 453 7.35 83.10 -38.21
C GLU D 453 6.52 82.74 -39.44
N GLU D 454 7.17 82.26 -40.50
CA GLU D 454 6.42 82.03 -41.74
C GLU D 454 5.55 80.78 -41.70
N LEU D 455 5.96 79.74 -40.97
CA LEU D 455 5.17 78.52 -40.92
C LEU D 455 4.04 78.60 -39.90
N GLU D 456 4.18 79.44 -38.87
CA GLU D 456 3.12 79.57 -37.88
C GLU D 456 1.86 80.15 -38.48
N GLY D 457 1.99 81.18 -39.30
CA GLY D 457 0.83 81.77 -39.96
C GLY D 457 0.38 81.06 -41.20
N LYS D 458 1.17 80.11 -41.71
CA LYS D 458 0.82 79.40 -42.92
C LYS D 458 0.13 78.07 -42.67
N TYR D 459 0.49 77.37 -41.59
CA TYR D 459 -0.08 76.06 -41.30
C TYR D 459 -0.83 76.01 -39.98
N ALA D 460 -0.42 76.77 -38.97
CA ALA D 460 -0.95 76.63 -37.62
C ALA D 460 -2.15 77.53 -37.36
N VAL D 461 -2.02 78.83 -37.63
CA VAL D 461 -3.11 79.75 -37.31
C VAL D 461 -4.41 79.39 -38.03
N PRO D 462 -4.42 79.11 -39.34
CA PRO D 462 -5.69 78.70 -39.95
C PRO D 462 -6.30 77.46 -39.31
N ARG D 463 -5.47 76.50 -38.90
CA ARG D 463 -6.02 75.32 -38.25
C ARG D 463 -6.53 75.64 -36.85
N TYR D 464 -5.89 76.56 -36.14
CA TYR D 464 -6.46 76.99 -34.86
C TYR D 464 -7.82 77.64 -35.06
N LYS D 465 -7.95 78.49 -36.09
CA LYS D 465 -9.23 79.11 -36.37
C LYS D 465 -10.30 78.08 -36.73
N GLU D 466 -9.94 77.10 -37.56
CA GLU D 466 -10.93 76.10 -37.96
C GLU D 466 -11.31 75.22 -36.78
N ARG D 467 -10.37 74.90 -35.89
CA ARG D 467 -10.72 74.12 -34.71
C ARG D 467 -11.63 74.90 -33.78
N ASP D 468 -11.38 76.19 -33.58
CA ASP D 468 -12.28 77.01 -32.77
C ASP D 468 -13.66 77.09 -33.41
N ALA D 469 -13.72 77.24 -34.72
CA ALA D 469 -15.02 77.29 -35.40
C ALA D 469 -15.77 75.97 -35.24
N ARG D 470 -15.07 74.85 -35.40
CA ARG D 470 -15.73 73.55 -35.24
C ARG D 470 -16.22 73.36 -33.80
N LEU D 471 -15.42 73.78 -32.82
CA LEU D 471 -15.84 73.68 -31.43
C LEU D 471 -17.08 74.53 -31.16
N GLU D 472 -17.10 75.75 -31.71
CA GLU D 472 -18.26 76.62 -31.52
C GLU D 472 -19.48 76.12 -32.28
N SER D 473 -19.29 75.34 -33.34
CA SER D 473 -20.39 74.86 -34.17
C SER D 473 -21.05 73.59 -33.63
N LEU D 474 -20.57 73.04 -32.52
CA LEU D 474 -21.09 71.79 -31.97
C LEU D 474 -22.07 72.08 -30.84
N VAL D 475 -23.32 71.65 -31.04
CA VAL D 475 -24.35 71.69 -30.00
C VAL D 475 -25.07 70.35 -30.03
N ASP D 476 -25.83 70.08 -28.96
CA ASP D 476 -26.50 68.79 -28.84
C ASP D 476 -27.57 68.60 -29.91
N GLU D 477 -28.14 69.69 -30.41
CA GLU D 477 -29.12 69.57 -31.48
C GLU D 477 -28.47 69.28 -32.83
N LYS D 478 -27.28 69.84 -33.07
CA LYS D 478 -26.61 69.61 -34.34
C LYS D 478 -26.25 68.15 -34.54
N VAL D 479 -25.72 67.51 -33.49
CA VAL D 479 -25.26 66.13 -33.60
C VAL D 479 -26.44 65.18 -33.60
N ASP D 480 -26.20 63.93 -34.00
CA ASP D 480 -27.24 62.91 -34.01
C ASP D 480 -26.79 61.62 -33.31
N THR D 481 -25.69 61.68 -32.54
CA THR D 481 -25.18 60.51 -31.84
C THR D 481 -24.32 60.97 -30.67
N PHE D 482 -24.70 60.61 -29.45
CA PHE D 482 -23.91 60.90 -28.26
C PHE D 482 -22.87 59.79 -28.07
N TYR D 483 -22.13 59.85 -26.97
CA TYR D 483 -21.17 58.81 -26.64
C TYR D 483 -21.23 58.55 -25.15
N SER D 484 -20.92 57.32 -24.75
CA SER D 484 -20.94 56.92 -23.36
C SER D 484 -19.56 56.40 -22.98
N CYS D 485 -19.01 56.92 -21.89
CA CYS D 485 -17.72 56.49 -21.40
C CYS D 485 -17.94 55.69 -20.11
N ASN D 486 -17.50 54.42 -20.12
CA ASN D 486 -17.55 53.57 -18.95
C ASN D 486 -16.15 53.25 -18.42
N LEU D 487 -15.20 54.16 -18.68
CA LEU D 487 -13.83 53.94 -18.22
C LEU D 487 -13.77 53.91 -16.70
N CYS D 488 -14.51 54.78 -16.04
CA CYS D 488 -14.48 54.86 -14.58
C CYS D 488 -15.22 53.72 -13.90
N GLN D 489 -15.69 52.71 -14.64
CA GLN D 489 -16.34 51.56 -14.02
C GLN D 489 -15.37 50.63 -13.32
N SER D 490 -14.07 50.78 -13.57
CA SER D 490 -13.10 49.95 -12.84
C SER D 490 -13.11 50.24 -11.35
N PHE D 491 -13.60 51.42 -10.93
CA PHE D 491 -13.73 51.76 -9.53
C PHE D 491 -15.15 52.12 -9.09
N ALA D 492 -16.02 52.54 -10.02
CA ALA D 492 -17.42 52.84 -9.77
C ALA D 492 -18.28 52.00 -10.70
N PRO D 493 -18.66 50.78 -10.29
CA PRO D 493 -19.37 49.88 -11.22
C PRO D 493 -20.68 50.41 -11.73
N ALA D 494 -21.35 51.28 -10.98
CA ALA D 494 -22.68 51.74 -11.35
C ALA D 494 -22.67 53.09 -12.06
N HIS D 495 -21.50 53.61 -12.41
CA HIS D 495 -21.39 54.93 -13.01
C HIS D 495 -21.14 54.82 -14.51
N VAL D 496 -21.97 55.51 -15.29
CA VAL D 496 -21.82 55.62 -16.75
C VAL D 496 -21.94 57.09 -17.13
N CYS D 497 -20.97 57.60 -17.88
CA CYS D 497 -21.02 58.96 -18.39
C CYS D 497 -21.68 58.99 -19.76
N ILE D 498 -22.29 60.12 -20.08
CA ILE D 498 -22.87 60.36 -21.40
C ILE D 498 -22.32 61.70 -21.86
N VAL D 499 -21.27 61.67 -22.67
CA VAL D 499 -20.65 62.92 -23.14
C VAL D 499 -21.46 63.44 -24.31
N THR D 500 -21.90 64.69 -24.20
CA THR D 500 -22.64 65.37 -25.26
C THR D 500 -21.81 66.56 -25.72
N PRO D 501 -22.15 67.19 -26.85
CA PRO D 501 -21.39 68.39 -27.24
C PRO D 501 -21.39 69.48 -26.19
N GLU D 502 -22.51 69.67 -25.48
CA GLU D 502 -22.64 70.70 -24.45
C GLU D 502 -22.43 70.18 -23.04
N ARG D 503 -22.09 68.90 -22.88
CA ARG D 503 -21.75 68.36 -21.57
C ARG D 503 -20.66 67.31 -21.75
N LEU D 504 -19.44 67.66 -21.37
CA LEU D 504 -18.31 66.74 -21.47
C LEU D 504 -18.26 65.83 -20.25
N GLY D 505 -17.28 64.92 -20.22
CA GLY D 505 -17.13 64.04 -19.08
C GLY D 505 -16.82 64.81 -17.82
N LEU D 506 -17.38 64.34 -16.70
CA LEU D 506 -17.20 65.06 -15.44
C LEU D 506 -15.75 65.09 -15.00
N CYS D 507 -14.94 64.14 -15.45
CA CYS D 507 -13.50 64.19 -15.17
C CYS D 507 -12.82 65.36 -15.89
N GLY D 508 -13.41 65.84 -16.99
CA GLY D 508 -12.84 66.94 -17.74
C GLY D 508 -11.85 66.54 -18.81
N ALA D 509 -11.46 65.26 -18.88
CA ALA D 509 -10.49 64.81 -19.85
C ALA D 509 -11.12 64.12 -21.05
N VAL D 510 -12.43 63.86 -21.02
CA VAL D 510 -13.13 63.23 -22.13
C VAL D 510 -14.18 64.22 -22.63
N SER D 511 -14.12 64.55 -23.91
CA SER D 511 -15.06 65.42 -24.58
C SER D 511 -15.77 64.62 -25.67
N TRP D 512 -16.73 65.27 -26.33
CA TRP D 512 -17.46 64.62 -27.41
C TRP D 512 -16.51 64.22 -28.54
N LEU D 513 -15.63 65.13 -28.93
CA LEU D 513 -14.62 64.81 -29.95
C LEU D 513 -13.63 63.79 -29.44
N ASP D 514 -13.22 63.88 -28.18
CA ASP D 514 -12.33 62.88 -27.60
C ASP D 514 -12.99 61.52 -27.57
N ALA D 515 -14.27 61.47 -27.21
CA ALA D 515 -15.00 60.20 -27.20
C ALA D 515 -15.12 59.64 -28.62
N LYS D 516 -15.35 60.50 -29.59
CA LYS D 516 -15.49 60.09 -30.99
C LYS D 516 -14.17 59.58 -31.55
N ALA D 517 -13.05 60.18 -31.12
CA ALA D 517 -11.72 59.71 -31.50
C ALA D 517 -11.36 58.41 -30.79
N THR D 518 -11.72 58.26 -29.52
CA THR D 518 -11.45 57.02 -28.80
C THR D 518 -12.26 55.87 -29.40
N LEU D 519 -13.50 56.13 -29.78
CA LEU D 519 -14.31 55.09 -30.42
C LEU D 519 -13.69 54.68 -31.75
N GLU D 520 -13.22 55.65 -32.54
CA GLU D 520 -12.59 55.29 -33.82
C GLU D 520 -11.29 54.53 -33.62
N LEU D 521 -10.45 54.96 -32.67
CA LEU D 521 -9.17 54.30 -32.43
C LEU D 521 -9.36 52.94 -31.79
N ASN D 522 -10.20 52.86 -30.76
CA ASN D 522 -10.40 51.63 -30.00
C ASN D 522 -11.89 51.30 -30.01
N PRO D 523 -12.36 50.52 -31.00
CA PRO D 523 -13.80 50.18 -31.03
C PRO D 523 -14.27 49.38 -29.84
N THR D 524 -13.36 48.72 -29.11
CA THR D 524 -13.71 48.00 -27.89
C THR D 524 -13.37 48.80 -26.63
N GLY D 525 -13.14 50.10 -26.77
CA GLY D 525 -12.78 50.94 -25.65
C GLY D 525 -13.98 51.40 -24.86
N PRO D 526 -13.72 52.22 -23.84
CA PRO D 526 -14.82 52.71 -22.98
C PRO D 526 -15.85 53.56 -23.70
N CYS D 527 -15.46 54.31 -24.73
CA CYS D 527 -16.37 55.21 -25.43
C CYS D 527 -17.10 54.46 -26.53
N GLN D 528 -18.44 54.48 -26.48
CA GLN D 528 -19.28 53.82 -27.46
C GLN D 528 -20.41 54.76 -27.87
N ALA D 529 -20.89 54.59 -29.10
CA ALA D 529 -21.91 55.47 -29.64
C ALA D 529 -23.25 55.26 -28.93
N VAL D 530 -23.95 56.35 -28.67
CA VAL D 530 -25.29 56.31 -28.09
C VAL D 530 -26.21 57.17 -28.95
N PRO D 531 -26.97 56.60 -29.87
CA PRO D 531 -27.87 57.43 -30.69
C PRO D 531 -28.88 58.18 -29.83
N LYS D 532 -29.18 59.41 -30.24
CA LYS D 532 -30.15 60.24 -29.52
C LYS D 532 -31.51 60.12 -30.21
N GLU D 533 -32.08 58.91 -30.08
CA GLU D 533 -33.41 58.59 -30.57
C GLU D 533 -34.32 58.30 -29.40
N GLY D 534 -35.62 58.27 -29.67
CA GLY D 534 -36.59 58.04 -28.62
C GLY D 534 -36.65 59.16 -27.60
N VAL D 535 -36.76 60.40 -28.07
CA VAL D 535 -36.76 61.56 -27.19
C VAL D 535 -38.00 61.54 -26.31
N VAL D 536 -37.81 61.76 -25.01
CA VAL D 536 -38.91 61.87 -24.06
C VAL D 536 -39.16 63.32 -23.66
N ASP D 537 -38.10 64.05 -23.33
CA ASP D 537 -38.22 65.45 -22.97
C ASP D 537 -36.91 66.16 -23.28
N GLU D 538 -36.97 67.13 -24.20
CA GLU D 538 -35.76 67.88 -24.55
C GLU D 538 -35.38 68.90 -23.49
N ASN D 539 -36.36 69.44 -22.77
CA ASN D 539 -36.07 70.42 -21.72
C ASN D 539 -35.29 69.79 -20.59
N LEU D 540 -35.76 68.65 -20.07
CA LEU D 540 -35.07 67.95 -19.00
C LEU D 540 -33.92 67.09 -19.50
N GLY D 541 -33.83 66.85 -20.80
CA GLY D 541 -32.75 66.06 -21.36
C GLY D 541 -32.94 64.57 -21.17
N ILE D 542 -34.00 64.01 -21.77
CA ILE D 542 -34.33 62.61 -21.64
C ILE D 542 -34.44 61.99 -23.03
N TRP D 543 -33.79 60.85 -23.23
CA TRP D 543 -33.92 60.07 -24.45
C TRP D 543 -34.09 58.60 -24.07
N GLU D 544 -34.91 57.89 -24.84
CA GLU D 544 -35.18 56.49 -24.53
C GLU D 544 -33.95 55.62 -24.76
N LYS D 545 -33.24 55.85 -25.86
CA LYS D 545 -32.03 55.08 -26.12
C LYS D 545 -30.94 55.36 -25.10
N VAL D 546 -30.86 56.59 -24.57
CA VAL D 546 -29.89 56.89 -23.52
C VAL D 546 -30.20 56.08 -22.26
N ASN D 547 -31.48 56.00 -21.89
CA ASN D 547 -31.87 55.19 -20.73
C ASN D 547 -31.53 53.72 -20.97
N GLU D 548 -31.83 53.22 -22.17
CA GLU D 548 -31.50 51.84 -22.48
C GLU D 548 -30.00 51.59 -22.37
N THR D 549 -29.19 52.50 -22.90
CA THR D 549 -27.74 52.34 -22.83
C THR D 549 -27.23 52.39 -21.40
N VAL D 550 -27.75 53.31 -20.58
CA VAL D 550 -27.31 53.40 -19.20
C VAL D 550 -27.71 52.14 -18.43
N SER D 551 -28.91 51.61 -18.68
CA SER D 551 -29.30 50.37 -18.02
C SER D 551 -28.40 49.22 -18.44
N LYS D 552 -28.08 49.11 -19.73
CA LYS D 552 -27.23 48.01 -20.19
C LYS D 552 -25.82 48.11 -19.62
N ILE D 553 -25.21 49.29 -19.70
CA ILE D 553 -23.82 49.44 -19.29
C ILE D 553 -23.68 49.30 -17.78
N SER D 554 -24.62 49.87 -17.02
CA SER D 554 -24.56 49.82 -15.56
C SER D 554 -25.22 48.55 -15.00
N GLN D 555 -25.68 47.64 -15.86
CA GLN D 555 -26.31 46.39 -15.44
C GLN D 555 -27.55 46.66 -14.59
N GLY D 556 -28.33 47.65 -14.98
CA GLY D 556 -29.59 47.94 -14.32
C GLY D 556 -29.49 48.75 -13.05
N ALA D 557 -28.28 49.17 -12.66
CA ALA D 557 -28.15 49.99 -11.45
C ALA D 557 -28.86 51.33 -11.62
N VAL D 558 -28.72 51.95 -12.80
CA VAL D 558 -29.39 53.20 -13.12
C VAL D 558 -30.34 52.93 -14.28
N THR D 559 -31.63 53.18 -14.07
CA THR D 559 -32.65 52.91 -15.07
C THR D 559 -33.03 54.17 -15.87
N SER D 560 -33.16 55.31 -15.21
CA SER D 560 -33.52 56.56 -15.86
C SER D 560 -32.46 57.62 -15.56
N VAL D 561 -32.11 58.41 -16.57
CA VAL D 561 -31.11 59.46 -16.46
C VAL D 561 -31.60 60.68 -17.22
N THR D 562 -31.39 61.87 -16.64
CA THR D 562 -31.67 63.14 -17.29
C THR D 562 -30.36 63.90 -17.44
N LEU D 563 -30.11 64.44 -18.64
CA LEU D 563 -28.83 65.06 -18.91
C LEU D 563 -28.79 66.55 -18.59
N TYR D 564 -29.94 67.23 -18.61
CA TYR D 564 -30.02 68.67 -18.41
C TYR D 564 -30.80 69.01 -17.15
N SER D 565 -30.58 68.27 -16.07
CA SER D 565 -31.28 68.53 -14.83
C SER D 565 -30.40 68.13 -13.66
N ILE D 566 -30.65 68.76 -12.52
CA ILE D 566 -29.93 68.46 -11.29
C ILE D 566 -30.83 67.86 -10.23
N LEU D 567 -32.15 67.97 -10.37
CA LEU D 567 -33.10 67.54 -9.35
C LEU D 567 -33.95 66.34 -9.75
N GLN D 568 -34.03 66.00 -11.05
CA GLN D 568 -34.81 64.87 -11.52
C GLN D 568 -33.87 63.89 -12.21
N ASP D 569 -33.58 62.78 -11.55
CA ASP D 569 -32.77 61.70 -12.11
C ASP D 569 -31.48 62.21 -12.77
N PRO D 570 -30.59 62.84 -12.01
CA PRO D 570 -29.37 63.37 -12.62
C PRO D 570 -28.39 62.26 -12.94
N MET D 571 -27.52 62.55 -13.91
CA MET D 571 -26.47 61.62 -14.28
C MET D 571 -25.50 61.44 -13.12
N THR D 572 -25.13 60.19 -12.87
CA THR D 572 -24.29 59.88 -11.72
C THR D 572 -22.86 60.38 -11.94
N SER D 573 -22.15 60.57 -10.83
CA SER D 573 -20.73 60.87 -10.81
C SER D 573 -20.04 59.84 -9.95
N CYS D 574 -18.72 59.71 -10.09
CA CYS D 574 -17.99 58.67 -9.37
C CYS D 574 -17.12 59.32 -8.31
N GLY D 575 -16.02 59.97 -8.67
CA GLY D 575 -15.25 60.70 -7.68
C GLY D 575 -14.35 61.78 -8.26
N CYS D 576 -14.43 61.99 -9.57
CA CYS D 576 -13.40 62.69 -10.32
C CYS D 576 -13.85 64.03 -10.89
N PHE D 577 -15.05 64.48 -10.52
CA PHE D 577 -15.56 65.74 -11.06
C PHE D 577 -14.68 66.89 -10.63
N GLU D 578 -14.36 67.77 -11.59
CA GLU D 578 -13.55 68.95 -11.30
C GLU D 578 -14.27 69.90 -10.36
N CYS D 579 -15.57 70.11 -10.58
CA CYS D 579 -16.38 70.97 -9.75
C CYS D 579 -17.63 70.22 -9.34
N ILE D 580 -18.23 70.65 -8.24
CA ILE D 580 -19.49 70.10 -7.77
C ILE D 580 -20.45 71.24 -7.50
N THR D 581 -21.70 71.09 -7.91
CA THR D 581 -22.74 72.10 -7.76
C THR D 581 -23.82 71.57 -6.85
N GLY D 582 -24.19 72.34 -5.83
CA GLY D 582 -25.24 71.96 -4.92
C GLY D 582 -26.26 73.07 -4.76
N ILE D 583 -27.52 72.67 -4.59
CA ILE D 583 -28.61 73.64 -4.51
C ILE D 583 -28.54 74.39 -3.18
N MET D 584 -28.91 75.67 -3.21
CA MET D 584 -28.96 76.53 -2.04
C MET D 584 -30.39 77.04 -1.91
N PRO D 585 -31.27 76.32 -1.20
CA PRO D 585 -32.69 76.70 -1.17
C PRO D 585 -32.98 78.05 -0.57
N GLU D 586 -32.09 78.59 0.27
CA GLU D 586 -32.32 79.92 0.84
C GLU D 586 -32.08 81.02 -0.19
N ALA D 587 -31.11 80.83 -1.09
CA ALA D 587 -30.83 81.81 -2.12
C ALA D 587 -31.57 81.54 -3.43
N ASN D 588 -32.39 80.50 -3.47
CA ASN D 588 -33.10 80.12 -4.69
C ASN D 588 -32.13 79.92 -5.86
N GLY D 589 -31.00 79.29 -5.59
CA GLY D 589 -30.01 79.04 -6.61
C GLY D 589 -29.14 77.88 -6.21
N VAL D 590 -27.95 77.81 -6.83
CA VAL D 590 -27.00 76.75 -6.57
C VAL D 590 -25.64 77.38 -6.30
N VAL D 591 -24.86 76.72 -5.45
CA VAL D 591 -23.49 77.12 -5.20
C VAL D 591 -22.58 76.15 -5.96
N MET D 592 -21.33 76.53 -6.12
CA MET D 592 -20.38 75.73 -6.88
C MET D 592 -19.00 75.85 -6.23
N VAL D 593 -18.22 74.77 -6.32
CA VAL D 593 -16.87 74.77 -5.77
C VAL D 593 -16.04 73.78 -6.56
N ASN D 594 -14.79 74.14 -6.86
CA ASN D 594 -13.86 73.26 -7.54
C ASN D 594 -13.03 72.48 -6.54
N ARG D 595 -12.33 71.45 -7.02
CA ARG D 595 -11.53 70.60 -6.15
C ARG D 595 -10.38 71.39 -5.52
N GLU D 596 -9.76 72.29 -6.29
CA GLU D 596 -8.63 73.06 -5.78
C GLU D 596 -9.04 73.99 -4.64
N PHE D 597 -10.31 74.38 -4.59
CA PHE D 597 -10.76 75.26 -3.51
C PHE D 597 -10.82 74.49 -2.19
N GLY D 598 -10.23 75.06 -1.15
CA GLY D 598 -10.15 74.40 0.14
C GLY D 598 -10.71 75.19 1.30
N ALA D 599 -11.65 76.09 1.02
CA ALA D 599 -12.31 76.89 2.05
C ALA D 599 -13.78 76.49 2.14
N THR D 600 -14.53 77.21 2.97
CA THR D 600 -15.93 76.89 3.21
C THR D 600 -16.81 77.43 2.09
N THR D 601 -18.06 77.01 2.09
CA THR D 601 -19.07 77.35 1.10
C THR D 601 -20.33 77.82 1.81
N PRO D 602 -21.21 78.53 1.11
CA PRO D 602 -22.46 78.96 1.77
C PRO D 602 -23.28 77.81 2.32
N LEU D 603 -23.15 76.61 1.73
CA LEU D 603 -23.82 75.45 2.27
C LEU D 603 -23.24 74.99 3.60
N GLY D 604 -22.09 75.52 4.01
CA GLY D 604 -21.46 75.09 5.23
C GLY D 604 -20.56 73.89 5.12
N MET D 605 -20.24 73.46 3.89
CA MET D 605 -19.41 72.29 3.66
C MET D 605 -18.28 72.65 2.71
N THR D 606 -17.12 72.03 2.93
CA THR D 606 -15.99 72.20 2.04
C THR D 606 -16.21 71.37 0.77
N PHE D 607 -15.23 71.38 -0.12
CA PHE D 607 -15.36 70.59 -1.34
C PHE D 607 -15.42 69.10 -1.04
N GLY D 608 -14.60 68.63 -0.11
CA GLY D 608 -14.60 67.20 0.20
C GLY D 608 -15.92 66.74 0.79
N GLU D 609 -16.46 67.51 1.73
CA GLU D 609 -17.74 67.15 2.34
C GLU D 609 -18.87 67.20 1.32
N LEU D 610 -18.88 68.21 0.46
CA LEU D 610 -19.88 68.27 -0.60
C LEU D 610 -19.75 67.11 -1.57
N ALA D 611 -18.52 66.79 -1.98
CA ALA D 611 -18.30 65.72 -2.94
C ALA D 611 -18.59 64.35 -2.35
N SER D 612 -18.52 64.20 -1.03
CA SER D 612 -18.90 62.93 -0.41
C SER D 612 -20.41 62.71 -0.39
N MET D 613 -21.18 63.51 -1.13
CA MET D 613 -22.63 63.41 -1.15
C MET D 613 -23.19 63.00 -2.50
N THR D 614 -22.36 62.91 -3.55
CA THR D 614 -22.88 62.63 -4.88
C THR D 614 -22.02 61.68 -5.70
N GLY D 615 -21.20 60.85 -5.06
CA GLY D 615 -20.29 59.98 -5.77
C GLY D 615 -20.64 58.50 -5.64
N GLY D 616 -19.82 57.69 -6.30
CA GLY D 616 -19.96 56.25 -6.22
C GLY D 616 -20.96 55.63 -7.18
N GLY D 617 -21.54 56.41 -8.09
CA GLY D 617 -22.52 55.88 -9.01
C GLY D 617 -23.94 55.84 -8.49
N VAL D 618 -24.27 56.65 -7.47
CA VAL D 618 -25.60 56.71 -6.91
C VAL D 618 -26.26 57.99 -7.39
N GLN D 619 -27.51 57.88 -7.84
CA GLN D 619 -28.27 59.05 -8.29
C GLN D 619 -28.66 59.89 -7.09
N THR D 620 -28.04 61.06 -6.94
CA THR D 620 -28.29 61.95 -5.81
C THR D 620 -28.81 63.29 -6.32
N PRO D 621 -30.13 63.53 -6.30
CA PRO D 621 -30.63 64.84 -6.73
C PRO D 621 -30.14 65.96 -5.83
N GLY D 622 -29.93 67.13 -6.45
CA GLY D 622 -29.49 68.30 -5.74
C GLY D 622 -27.98 68.50 -5.70
N PHE D 623 -27.20 67.46 -5.96
CA PHE D 623 -25.75 67.57 -6.04
C PHE D 623 -25.30 66.97 -7.36
N MET D 624 -24.52 67.75 -8.12
CA MET D 624 -24.05 67.32 -9.43
C MET D 624 -22.56 67.56 -9.53
N GLY D 625 -21.83 66.57 -10.03
CA GLY D 625 -20.41 66.71 -10.30
C GLY D 625 -20.20 66.89 -11.80
N HIS D 626 -19.34 67.84 -12.16
CA HIS D 626 -19.16 68.21 -13.56
C HIS D 626 -17.79 68.85 -13.73
N GLY D 627 -17.36 68.97 -14.97
CA GLY D 627 -16.13 69.66 -15.28
C GLY D 627 -16.30 71.17 -15.35
N ARG D 628 -15.17 71.87 -15.44
CA ARG D 628 -15.20 73.32 -15.51
C ARG D 628 -15.80 73.82 -16.82
N GLN D 629 -15.65 73.05 -17.89
CA GLN D 629 -16.17 73.44 -19.19
C GLN D 629 -17.69 73.30 -19.27
N PHE D 630 -18.31 72.61 -18.31
CA PHE D 630 -19.77 72.50 -18.28
C PHE D 630 -20.42 73.68 -17.57
N ILE D 631 -19.66 74.51 -16.88
CA ILE D 631 -20.24 75.63 -16.14
C ILE D 631 -20.91 76.62 -17.09
N ALA D 632 -20.19 77.02 -18.13
CA ALA D 632 -20.70 78.00 -19.09
C ALA D 632 -21.30 77.30 -20.31
N SER D 633 -22.30 76.46 -20.05
CA SER D 633 -22.97 75.70 -21.08
C SER D 633 -24.44 76.09 -21.12
N LYS D 634 -25.01 76.12 -22.33
CA LYS D 634 -26.43 76.39 -22.47
C LYS D 634 -27.29 75.25 -21.94
N LYS D 635 -26.71 74.06 -21.81
CA LYS D 635 -27.39 72.90 -21.26
C LYS D 635 -27.04 72.68 -19.80
N PHE D 636 -26.36 73.63 -19.16
CA PHE D 636 -26.05 73.52 -17.74
C PHE D 636 -27.31 73.85 -16.95
N MET D 637 -27.92 72.83 -16.35
CA MET D 637 -29.15 72.98 -15.57
C MET D 637 -30.24 73.65 -16.41
N LYS D 638 -30.40 73.15 -17.63
CA LYS D 638 -31.40 73.73 -18.53
C LYS D 638 -32.81 73.56 -17.97
N GLY D 639 -33.08 72.41 -17.36
CA GLY D 639 -34.40 72.18 -16.78
C GLY D 639 -34.70 73.09 -15.60
N GLU D 640 -33.68 73.45 -14.82
CA GLU D 640 -33.88 74.25 -13.62
C GLU D 640 -33.78 75.74 -13.87
N GLY D 641 -33.59 76.17 -15.11
CA GLY D 641 -33.52 77.58 -15.43
C GLY D 641 -32.19 78.05 -15.99
N GLY D 642 -31.16 77.20 -16.07
CA GLY D 642 -29.92 77.60 -16.71
C GLY D 642 -28.87 78.15 -15.78
N LEU D 643 -28.12 79.15 -16.25
CA LEU D 643 -27.03 79.73 -15.49
C LEU D 643 -27.51 80.66 -14.38
N GLY D 644 -28.76 81.09 -14.43
CA GLY D 644 -29.25 82.04 -13.44
C GLY D 644 -29.25 81.50 -12.04
N ARG D 645 -29.12 80.17 -11.88
CA ARG D 645 -29.11 79.56 -10.57
C ARG D 645 -27.76 79.69 -9.87
N ILE D 646 -26.71 80.09 -10.57
CA ILE D 646 -25.38 80.20 -9.97
C ILE D 646 -25.36 81.44 -9.10
N VAL D 647 -25.25 81.25 -7.78
CA VAL D 647 -25.28 82.35 -6.83
C VAL D 647 -23.98 82.52 -6.08
N TRP D 648 -23.08 81.54 -6.08
CA TRP D 648 -21.82 81.66 -5.37
C TRP D 648 -20.80 80.75 -6.04
N MET D 649 -19.67 81.32 -6.44
CA MET D 649 -18.59 80.58 -7.06
C MET D 649 -17.26 81.04 -6.47
N PRO D 650 -16.26 80.16 -6.41
CA PRO D 650 -14.93 80.63 -5.97
C PRO D 650 -14.36 81.65 -6.95
N LYS D 651 -13.55 82.56 -6.42
CA LYS D 651 -13.02 83.65 -7.23
C LYS D 651 -12.10 83.14 -8.32
N GLU D 652 -11.29 82.12 -8.02
CA GLU D 652 -10.40 81.55 -9.03
C GLU D 652 -11.21 80.89 -10.16
N LEU D 653 -12.23 80.12 -9.80
CA LEU D 653 -13.08 79.50 -10.81
C LEU D 653 -13.86 80.56 -11.58
N LYS D 654 -14.32 81.61 -10.90
CA LYS D 654 -15.04 82.68 -11.57
C LYS D 654 -14.14 83.36 -12.60
N ASP D 655 -12.89 83.66 -12.24
CA ASP D 655 -11.95 84.23 -13.19
C ASP D 655 -11.66 83.27 -14.33
N PHE D 656 -11.61 81.98 -14.04
CA PHE D 656 -11.36 81.00 -15.09
C PHE D 656 -12.47 80.97 -16.12
N VAL D 657 -13.73 81.06 -15.69
CA VAL D 657 -14.87 80.86 -16.59
C VAL D 657 -15.64 82.15 -16.86
N ALA D 658 -15.07 83.31 -16.51
CA ALA D 658 -15.80 84.57 -16.59
C ALA D 658 -16.26 84.89 -18.01
N GLU D 659 -15.34 84.84 -18.98
CA GLU D 659 -15.69 85.24 -20.34
C GLU D 659 -16.77 84.33 -20.93
N LYS D 660 -16.57 83.02 -20.81
CA LYS D 660 -17.55 82.07 -21.34
C LYS D 660 -18.89 82.21 -20.64
N LEU D 661 -18.86 82.38 -19.32
CA LEU D 661 -20.11 82.51 -18.57
C LEU D 661 -20.86 83.77 -18.96
N ASN D 662 -20.16 84.89 -19.15
CA ASN D 662 -20.82 86.11 -19.59
C ASN D 662 -21.41 85.93 -20.99
N LYS D 663 -20.66 85.30 -21.90
CA LYS D 663 -21.17 85.11 -23.25
C LYS D 663 -22.42 84.23 -23.24
N THR D 664 -22.43 83.18 -22.41
CA THR D 664 -23.59 82.29 -22.37
C THR D 664 -24.77 82.94 -21.64
N ALA D 665 -24.50 83.70 -20.57
CA ALA D 665 -25.55 84.38 -19.84
C ALA D 665 -26.12 85.56 -20.63
N LYS D 666 -25.42 86.02 -21.65
CA LYS D 666 -25.99 87.02 -22.54
C LYS D 666 -27.28 86.53 -23.20
N GLU D 667 -27.48 85.22 -23.27
CA GLU D 667 -28.73 84.68 -23.83
C GLU D 667 -29.92 84.97 -22.92
N LEU D 668 -29.72 84.98 -21.61
CA LEU D 668 -30.75 85.41 -20.67
C LEU D 668 -30.93 86.92 -20.66
N TYR D 669 -30.30 87.62 -21.59
CA TYR D 669 -30.34 89.07 -21.72
C TYR D 669 -29.78 89.78 -20.50
N ASN D 670 -29.03 89.08 -19.64
CA ASN D 670 -28.33 89.70 -18.53
C ASN D 670 -26.99 90.23 -19.07
N ILE D 671 -27.06 91.34 -19.78
CA ILE D 671 -25.85 91.99 -20.31
C ILE D 671 -25.34 92.89 -19.18
N ASP D 672 -24.67 92.27 -18.21
CA ASP D 672 -24.17 92.98 -17.04
C ASP D 672 -22.83 92.43 -16.58
N ASN D 673 -22.15 91.68 -17.44
CA ASN D 673 -20.99 90.88 -17.03
C ASN D 673 -21.40 89.95 -15.88
N PHE D 674 -22.31 89.04 -16.21
CA PHE D 674 -22.99 88.21 -15.22
C PHE D 674 -22.07 87.65 -14.15
N ALA D 675 -20.80 87.45 -14.47
CA ALA D 675 -19.83 87.00 -13.47
C ALA D 675 -19.70 87.96 -12.30
N ASP D 676 -20.08 89.23 -12.46
CA ASP D 676 -19.98 90.17 -11.36
C ASP D 676 -21.07 89.96 -10.32
N MET D 677 -22.26 89.53 -10.74
CA MET D 677 -23.36 89.31 -9.81
C MET D 677 -23.07 88.15 -8.86
N ILE D 678 -22.39 87.11 -9.35
CA ILE D 678 -22.15 85.92 -8.55
C ILE D 678 -21.19 86.24 -7.42
N CYS D 679 -21.53 85.81 -6.22
CA CYS D 679 -20.68 86.04 -5.06
C CYS D 679 -19.43 85.18 -5.15
N ASP D 680 -18.47 85.45 -4.26
CA ASP D 680 -17.25 84.66 -4.15
C ASP D 680 -16.74 84.80 -2.73
N GLU D 681 -15.79 83.93 -2.37
CA GLU D 681 -15.29 83.90 -1.00
C GLU D 681 -14.57 85.18 -0.61
N THR D 682 -14.17 86.00 -1.58
CA THR D 682 -13.55 87.29 -1.29
C THR D 682 -14.58 88.39 -1.05
N ILE D 683 -15.86 88.15 -1.34
CA ILE D 683 -16.91 89.13 -1.11
C ILE D 683 -17.72 88.70 0.12
N ALA D 684 -18.27 87.49 0.10
CA ALA D 684 -19.07 87.00 1.21
C ALA D 684 -19.10 85.48 1.13
N THR D 685 -19.20 84.84 2.30
CA THR D 685 -19.21 83.38 2.35
C THR D 685 -20.37 82.80 3.14
N GLU D 686 -20.92 83.55 4.09
CA GLU D 686 -22.05 83.07 4.86
C GLU D 686 -23.35 83.31 4.10
N SER D 687 -24.36 82.51 4.44
CA SER D 687 -25.62 82.57 3.69
C SER D 687 -26.25 83.95 3.80
N GLU D 688 -26.24 84.55 4.99
CA GLU D 688 -26.85 85.87 5.16
C GLU D 688 -26.20 86.90 4.23
N GLU D 689 -24.87 86.98 4.26
CA GLU D 689 -24.17 87.98 3.47
C GLU D 689 -24.32 87.75 1.97
N VAL D 690 -24.25 86.49 1.53
CA VAL D 690 -24.38 86.23 0.10
C VAL D 690 -25.80 86.53 -0.38
N VAL D 691 -26.81 86.21 0.44
CA VAL D 691 -28.18 86.54 0.05
C VAL D 691 -28.38 88.05 -0.01
N LYS D 692 -27.79 88.78 0.93
CA LYS D 692 -27.85 90.24 0.87
C LYS D 692 -27.19 90.77 -0.39
N PHE D 693 -26.05 90.20 -0.75
CA PHE D 693 -25.36 90.62 -1.97
C PHE D 693 -26.20 90.32 -3.21
N LEU D 694 -26.86 89.16 -3.23
CA LEU D 694 -27.74 88.85 -4.36
C LEU D 694 -28.89 89.83 -4.46
N GLU D 695 -29.49 90.17 -3.31
CA GLU D 695 -30.60 91.14 -3.32
C GLU D 695 -30.14 92.50 -3.82
N GLU D 696 -28.96 92.95 -3.38
CA GLU D 696 -28.46 94.24 -3.83
C GLU D 696 -28.12 94.21 -5.32
N LYS D 697 -27.53 93.11 -5.79
CA LYS D 697 -27.05 93.03 -7.16
C LYS D 697 -28.13 92.67 -8.17
N GLY D 698 -29.35 92.37 -7.72
CA GLY D 698 -30.42 92.00 -8.63
C GLY D 698 -30.16 90.69 -9.36
N HIS D 699 -29.74 89.67 -8.62
CA HIS D 699 -29.39 88.40 -9.24
C HIS D 699 -30.62 87.77 -9.90
N PRO D 700 -30.48 87.16 -11.08
CA PRO D 700 -31.65 86.53 -11.73
C PRO D 700 -32.25 85.41 -10.91
N ALA D 701 -31.49 84.78 -10.02
CA ALA D 701 -31.99 83.63 -9.27
C ALA D 701 -33.19 84.02 -8.40
N LEU D 702 -33.13 85.17 -7.75
CA LEU D 702 -34.21 85.58 -6.86
C LEU D 702 -35.50 85.85 -7.60
N LYS D 703 -35.41 86.26 -8.87
CA LYS D 703 -36.60 86.56 -9.66
C LYS D 703 -37.16 85.35 -10.40
N MET D 704 -36.45 84.22 -10.40
CA MET D 704 -36.91 83.03 -11.08
C MET D 704 -37.92 82.26 -10.21
N ASP D 705 -38.49 81.22 -10.80
CA ASP D 705 -39.36 80.32 -10.06
C ASP D 705 -38.56 79.53 -9.04
N PRO D 706 -39.21 79.05 -7.97
CA PRO D 706 -38.45 78.30 -6.96
C PRO D 706 -37.78 77.08 -7.57
N ILE D 707 -36.55 76.81 -7.10
CA ILE D 707 -35.74 75.75 -7.67
C ILE D 707 -36.07 74.40 -7.05
N MET D 708 -36.52 74.38 -5.79
CA MET D 708 -36.88 73.14 -5.12
C MET D 708 -38.33 72.76 -5.39
#